data_8YL6
#
_entry.id   8YL6
#
_cell.length_a   1.00
_cell.length_b   1.00
_cell.length_c   1.00
_cell.angle_alpha   90.00
_cell.angle_beta   90.00
_cell.angle_gamma   90.00
#
_symmetry.space_group_name_H-M   'P 1'
#
loop_
_entity.id
_entity.type
_entity.pdbx_description
1 polymer 'Protein EDS1'
2 polymer 'Senescence-associated carboxylesterase 101'
3 polymer 'Probable disease resistance protein At5g66900'
4 non-polymer '[[(2~{R},3~{R},4~{R},5~{R})-5-(6-aminopurin-9-yl)-4-[(2~{S},3~{R},4~{S},5~{R})-5-[[[[(2~{R},3~{S},4~{R},5~{R})-5-(6-aminopurin-9-yl)-3,4-bis(oxidanyl)oxolan-2-yl]methoxy-oxidanyl-phosphoryl]oxy-oxidanyl-phosphoryl]oxymethyl]-3,4-bis(oxidanyl)oxolan-2-yl]oxy-3-oxidanyl-oxolan-2-yl]methoxy-oxidanyl-phosphoryl] phosphono hydrogen phosphate'
#
loop_
_entity_poly.entity_id
_entity_poly.type
_entity_poly.pdbx_seq_one_letter_code
_entity_poly.pdbx_strand_id
1 'polypeptide(L)'
;MAFEALTGINGDLITRSWSASKQAYLTERYHKEEAGAVVIFAFQPSFSEKDFFDPDNKSSFGEIKLNRVQFPCMRKIGKG
DVATVNEAFLKNLEAIIDPRTSFQASVEMAVRSRKQIVFTGHSSGGATAILATVWYLEKYFIRNPNVYLEPRCVTFGAPL
VGDSIFSHALGREKWSRFFVNFVSRFDIVPRIMLARKASVEETLPHVLAQLDPRKSSVQESEQRITEFYTRVMRDTSTVA
NQAVCELTGSAEAFLETLSSFLELSPYRPAGTFVFSTEKRLVAVNNSDAILQMLFYTSQASDEQEWSLIPFRSIRDHHSY
EELVQSMGKKLFNHLDGENSIESTLNDLGVSTRGRQYVQAALEEEKKRVENQKKIIQVIEQERFLKKLAWIEDEYKPKCQ
AHKNGYYDSFKVSNEENDFKANVKRAELAGVFDEVLGLMKKCQLPDEFEGDIDWIKLATRYRRLVEPLDIANYHRHLKNE
DTGPYMKRGRPTRYIYAQRGYEHYILKPNGMIAEDVFWNKVNGLNLGLQLEEIQETLKNSGSECGSCFWAEVEELKGKPY
EEVEVRVKTLEGMLGEWITDGEVDDKEIFLEGSTFRKWWITLPKNHKSHSPLRDYMMDEITDT
;
A
2 'polypeptide(L)'
;MESSSSLKGSALGKLVVTSGLLHSSWSKILEIHNPPYSNHDPGLQVSKKKKDSGLEFQIHREEKFTLVVFSAPPICRSSS
SDSTLLHVKDKENPFPFLCSENNPSFSLHTPAFNLFTSASTSLTYLKSELLQTLKSEKPVIITGAALGGSVASLYTLWLL
ETIEPTLKRPLCITFGSPLIGDASLQQILENSVRNSCFLHVVSAQTRIKMDFFKPFGTFLICFDSGCVCIEDHVAVTELL
NGVHDSGLVDYSQVLNRLDQSMLSLADSRLIPEDVIKGIEKRAEMKNLRFDMMFKKLNDMKISMAYIEWYKKKCKEVKIG
YYDRFKTQLAFPSKEFDINIKNHHKSELNRFWKSVVEEVERRPQSDASILKRRFLFSGNNYRRMIEPLDIAEYYLEGRKE
YRTTGRSHHYVMLEKWFGMESILIEKERCKKRDLSDLLTFDSCFWAEVEDSLIVINQLNTTVGMRDDVREVLTRKLVEFE
GYVWEIITKREVSPEIFLEESSFMKWWKEYKKIKGFNSSYLTEFMNTRKYESYGKSQ
;
B
3 'polypeptide(L)'
;MNDWASLGIGSIGEAVFSKLLKVVIDEAKKFKAFKPLSKDLVSTMEILFPLTQKIDSMQKELDFGVKELKELRDTIERAD
VAVRKFPRVKWYEKSKYTRKIERINKDMLKFCQIDLQLLQHRNQLTLLGLTGNEVNSVDGLSKRMDLLSVPAPVFRDLCS
VPKLDKVIVGLDWPLGELKKRLLDDSVVTLVVSAPPGCGKTTLVSRLCDDPDIKGKFKHIFFNVVSNTPNFRVIVQNLLQ
HNGYNALTFENDSQAEVGLRKLLEELKENGPILLVLDDVWRGADSFLQKFQIKLPNYKILVTSRFDFPSFDSNYRLKPLE
DDDARALLIHWASRPCNTSPDEYEDLLQKILKRCNGFPIVIEVVGVSLKGRSLNTWKGQVESWSEGEKILGKPYPTVLEC
LQPSFDALDPNLKECFLDMGSFLEDQKIRASVIIDMWVELYGKGSSILYMYLEDLASQNLLKLVPLGTNEHEDGFYNDFL
VTQHDILRELAICQSEFKENLERKRLNLEILENTFPDWCLNTINASLLSISTDDLFSSKWLEMDCPNVEALVLNLSSSDY
ALPSFISGMKKLKVLTITNHGFYPARLSNFSCLSSLPNLKRIRLEKVSITLLDIPQLQLSSLKKLSLVMCSFGEVFYDTE
DIVVSNALSKLQEIDIDYCYDLDELPYWISEIVSLKTLSITNCNKLSQLPEAIGNLSRLEVLRLCSSMNLSELPEATEGL
SNLRFLDISHCLGLRKLPQEIGKLQNLKKISMRKCSGCELPESVTNLENLEVKCDEETGLLWERLKPKMRNLRVQEEEIE
HNLNLLQMF
;
C
#
# COMPACT_ATOMS: atom_id res chain seq x y z
N GLU A 4 -7.03 -1.85 -47.12
CA GLU A 4 -6.87 -0.40 -47.05
C GLU A 4 -7.62 0.19 -45.85
N ALA A 5 -8.14 -0.70 -45.01
CA ALA A 5 -8.89 -0.30 -43.83
C ALA A 5 -8.02 -0.23 -42.57
N LEU A 6 -7.31 -1.32 -42.27
CA LEU A 6 -6.44 -1.36 -41.11
C LEU A 6 -5.09 -0.72 -41.35
N THR A 7 -4.77 -0.37 -42.60
CA THR A 7 -3.51 0.29 -42.95
C THR A 7 -3.73 1.70 -43.49
N GLY A 8 -4.64 1.86 -44.45
CA GLY A 8 -4.92 3.15 -45.02
C GLY A 8 -4.17 3.49 -46.29
N ILE A 9 -3.63 2.49 -46.99
CA ILE A 9 -2.85 2.70 -48.20
C ILE A 9 -3.51 1.94 -49.34
N ASN A 10 -3.56 2.58 -50.51
CA ASN A 10 -4.13 1.98 -51.71
C ASN A 10 -3.02 1.30 -52.52
N GLY A 11 -3.41 0.70 -53.65
CA GLY A 11 -2.45 -0.02 -54.47
C GLY A 11 -1.57 0.87 -55.32
N ASP A 12 -2.09 2.04 -55.71
CA ASP A 12 -1.29 2.95 -56.55
C ASP A 12 -0.07 3.47 -55.79
N LEU A 13 -0.26 3.84 -54.52
CA LEU A 13 0.88 4.33 -53.73
C LEU A 13 1.92 3.24 -53.55
N ILE A 14 1.49 2.00 -53.30
CA ILE A 14 2.44 0.91 -53.14
C ILE A 14 3.19 0.66 -54.44
N THR A 15 2.47 0.69 -55.57
CA THR A 15 3.11 0.45 -56.85
C THR A 15 4.15 1.53 -57.16
N ARG A 16 3.79 2.80 -56.94
CA ARG A 16 4.73 3.88 -57.20
C ARG A 16 5.92 3.84 -56.25
N SER A 17 5.69 3.50 -54.98
CA SER A 17 6.79 3.41 -54.03
C SER A 17 7.74 2.27 -54.40
N TRP A 18 7.19 1.12 -54.81
CA TRP A 18 8.05 0.01 -55.22
C TRP A 18 8.83 0.36 -56.48
N SER A 19 8.20 1.03 -57.43
CA SER A 19 8.92 1.44 -58.64
C SER A 19 10.04 2.41 -58.30
N ALA A 20 9.77 3.38 -57.42
CA ALA A 20 10.81 4.33 -57.03
C ALA A 20 11.95 3.65 -56.29
N SER A 21 11.62 2.69 -55.41
CA SER A 21 12.66 1.98 -54.68
C SER A 21 13.51 1.13 -55.61
N LYS A 22 12.88 0.53 -56.62
CA LYS A 22 13.65 -0.26 -57.59
C LYS A 22 14.53 0.64 -58.46
N GLN A 23 14.03 1.83 -58.81
CA GLN A 23 14.82 2.74 -59.63
C GLN A 23 15.95 3.39 -58.84
N ALA A 24 15.79 3.51 -57.52
CA ALA A 24 16.80 4.16 -56.70
C ALA A 24 18.01 3.26 -56.40
N TYR A 25 18.11 2.10 -57.04
CA TYR A 25 19.26 1.23 -56.80
C TYR A 25 20.55 1.77 -57.39
N LEU A 26 20.48 2.82 -58.22
CA LEU A 26 21.66 3.39 -58.85
C LEU A 26 22.07 4.69 -58.17
N THR A 27 23.34 5.06 -58.35
CA THR A 27 23.96 6.29 -57.89
C THR A 27 24.11 6.36 -56.37
N GLU A 28 23.60 5.37 -55.62
CA GLU A 28 23.72 5.34 -54.16
C GLU A 28 23.19 6.62 -53.52
N ARG A 29 22.13 7.18 -54.12
CA ARG A 29 21.53 8.41 -53.64
C ARG A 29 20.02 8.27 -53.65
N TYR A 30 19.35 9.18 -52.95
CA TYR A 30 17.90 9.17 -52.89
C TYR A 30 17.29 9.63 -54.20
N HIS A 31 16.20 8.99 -54.60
CA HIS A 31 15.49 9.30 -55.83
C HIS A 31 14.17 9.97 -55.49
N LYS A 32 13.97 11.17 -56.02
CA LYS A 32 12.74 11.94 -55.80
C LYS A 32 11.82 11.76 -57.00
N GLU A 33 10.59 11.33 -56.75
CA GLU A 33 9.61 11.11 -57.80
C GLU A 33 8.32 11.83 -57.43
N GLU A 34 7.93 12.80 -58.25
CA GLU A 34 6.71 13.57 -58.03
C GLU A 34 5.64 13.13 -59.02
N ALA A 35 4.45 12.86 -58.52
CA ALA A 35 3.31 12.46 -59.34
C ALA A 35 2.08 13.14 -58.78
N GLY A 36 1.57 14.13 -59.52
CA GLY A 36 0.41 14.86 -59.05
C GLY A 36 0.64 15.50 -57.70
N ALA A 37 0.02 14.93 -56.66
CA ALA A 37 0.17 15.44 -55.31
C ALA A 37 1.24 14.71 -54.51
N VAL A 38 1.58 13.48 -54.86
CA VAL A 38 2.48 12.68 -54.04
C VAL A 38 3.92 12.97 -54.44
N VAL A 39 4.79 13.12 -53.43
CA VAL A 39 6.23 13.31 -53.64
C VAL A 39 6.92 12.19 -52.86
N ILE A 40 7.42 11.19 -53.57
CA ILE A 40 8.03 10.03 -52.95
C ILE A 40 9.55 10.21 -52.97
N PHE A 41 10.19 9.77 -51.88
CA PHE A 41 11.64 9.79 -51.77
C PHE A 41 12.11 8.36 -51.49
N ALA A 42 12.80 7.76 -52.43
CA ALA A 42 13.29 6.39 -52.32
C ALA A 42 14.76 6.42 -51.96
N PHE A 43 15.09 6.00 -50.73
CA PHE A 43 16.47 5.98 -50.30
C PHE A 43 17.23 4.83 -50.94
N GLN A 44 18.53 5.01 -51.10
CA GLN A 44 19.36 4.03 -51.79
C GLN A 44 19.86 2.99 -50.80
N PRO A 45 19.77 1.70 -51.13
CA PRO A 45 20.24 0.67 -50.20
C PRO A 45 21.76 0.62 -50.14
N SER A 46 22.26 0.08 -49.02
CA SER A 46 23.69 -0.11 -48.82
C SER A 46 23.92 -1.53 -48.36
N PHE A 47 24.75 -2.27 -49.10
CA PHE A 47 25.03 -3.68 -48.81
C PHE A 47 26.52 -3.83 -48.50
N SER A 48 26.87 -3.69 -47.22
CA SER A 48 28.24 -3.86 -46.77
C SER A 48 28.22 -4.21 -45.29
N GLU A 49 29.34 -4.76 -44.82
CA GLU A 49 29.43 -5.13 -43.41
C GLU A 49 29.37 -3.92 -42.50
N LYS A 50 29.87 -2.77 -42.96
CA LYS A 50 29.84 -1.55 -42.16
C LYS A 50 28.48 -0.86 -42.20
N ASP A 51 27.58 -1.27 -43.10
CA ASP A 51 26.28 -0.62 -43.17
C ASP A 51 25.36 -1.06 -42.04
N PHE A 52 25.58 -2.26 -41.49
CA PHE A 52 24.74 -2.78 -40.42
C PHE A 52 25.31 -2.49 -39.04
N PHE A 53 26.62 -2.67 -38.86
CA PHE A 53 27.29 -2.42 -37.59
C PHE A 53 28.36 -1.35 -37.79
N ASP A 54 28.32 -0.32 -36.96
CA ASP A 54 29.27 0.77 -37.09
C ASP A 54 30.65 0.31 -36.62
N PRO A 55 31.71 0.64 -37.35
CA PRO A 55 33.06 0.23 -36.91
C PRO A 55 33.51 0.92 -35.64
N ASP A 56 33.11 2.18 -35.43
CA ASP A 56 33.54 2.90 -34.24
C ASP A 56 32.86 2.37 -32.98
N ASN A 57 31.63 1.88 -33.09
CA ASN A 57 30.93 1.36 -31.93
C ASN A 57 31.56 0.05 -31.48
N LYS A 58 31.88 -0.03 -30.19
CA LYS A 58 32.54 -1.20 -29.61
C LYS A 58 31.60 -2.10 -28.84
N SER A 59 30.31 -1.76 -28.78
CA SER A 59 29.35 -2.60 -28.06
C SER A 59 29.06 -3.87 -28.84
N SER A 60 28.45 -4.84 -28.15
CA SER A 60 28.10 -6.10 -28.80
C SER A 60 26.99 -5.90 -29.82
N PHE A 61 26.14 -4.90 -29.64
CA PHE A 61 25.07 -4.57 -30.57
C PHE A 61 25.19 -3.11 -30.97
N GLY A 62 24.81 -2.79 -32.20
CA GLY A 62 24.77 -1.42 -32.63
C GLY A 62 23.79 -0.61 -31.80
N GLU A 63 24.32 0.26 -30.94
CA GLU A 63 23.49 0.98 -30.00
C GLU A 63 24.05 2.39 -29.80
N ILE A 64 23.17 3.37 -29.78
CA ILE A 64 23.53 4.75 -29.49
C ILE A 64 22.29 5.47 -28.99
N LYS A 65 22.44 6.21 -27.90
CA LYS A 65 21.32 6.95 -27.33
C LYS A 65 21.06 8.21 -28.14
N LEU A 66 19.80 8.43 -28.51
CA LEU A 66 19.44 9.58 -29.33
C LEU A 66 19.77 10.87 -28.58
N ASN A 67 20.27 11.86 -29.33
CA ASN A 67 20.61 13.14 -28.75
C ASN A 67 19.33 13.89 -28.40
N ARG A 68 19.27 14.42 -27.17
CA ARG A 68 18.05 15.07 -26.70
C ARG A 68 17.78 16.37 -27.44
N VAL A 69 18.81 17.00 -28.00
CA VAL A 69 18.62 18.24 -28.73
C VAL A 69 17.94 17.97 -30.07
N GLN A 70 18.34 16.88 -30.75
CA GLN A 70 17.79 16.58 -32.07
C GLN A 70 16.39 15.98 -31.97
N PHE A 71 16.21 14.97 -31.13
CA PHE A 71 14.95 14.25 -30.99
C PHE A 71 14.37 14.49 -29.60
N PRO A 72 13.55 15.53 -29.41
CA PRO A 72 13.02 15.79 -28.06
C PRO A 72 11.89 14.85 -27.66
N CYS A 73 11.05 14.44 -28.61
CA CYS A 73 9.88 13.64 -28.28
C CYS A 73 10.18 12.17 -28.07
N MET A 74 11.38 11.70 -28.41
CA MET A 74 11.73 10.29 -28.28
C MET A 74 12.36 10.05 -26.91
N ARG A 75 11.51 10.13 -25.89
CA ARG A 75 11.93 9.92 -24.51
C ARG A 75 10.70 9.68 -23.65
N LYS A 76 10.93 9.05 -22.50
CA LYS A 76 9.88 8.85 -21.51
C LYS A 76 9.83 10.07 -20.59
N ILE A 77 8.69 10.76 -20.58
CA ILE A 77 8.58 11.97 -19.78
C ILE A 77 8.56 11.66 -18.29
N GLY A 78 8.28 10.42 -17.90
CA GLY A 78 8.29 10.04 -16.50
C GLY A 78 9.66 9.63 -16.00
N LYS A 79 10.27 8.64 -16.65
CA LYS A 79 11.57 8.15 -16.22
C LYS A 79 12.71 9.04 -16.72
N GLY A 80 12.69 9.38 -18.00
CA GLY A 80 13.73 10.18 -18.60
C GLY A 80 14.71 9.41 -19.47
N ASP A 81 14.48 8.12 -19.69
CA ASP A 81 15.38 7.31 -20.51
C ASP A 81 15.12 7.59 -21.98
N VAL A 82 16.16 7.96 -22.71
CA VAL A 82 16.03 8.23 -24.14
C VAL A 82 16.04 6.91 -24.92
N ALA A 83 15.63 6.99 -26.18
CA ALA A 83 15.54 5.82 -27.02
C ALA A 83 16.92 5.39 -27.51
N THR A 84 16.99 4.17 -28.04
CA THR A 84 18.22 3.59 -28.55
C THR A 84 18.00 3.11 -29.98
N VAL A 85 18.83 3.59 -30.90
CA VAL A 85 18.73 3.24 -32.31
C VAL A 85 20.07 2.72 -32.79
N ASN A 86 20.11 2.29 -34.04
CA ASN A 86 21.35 1.84 -34.65
C ASN A 86 22.24 3.02 -35.00
N GLU A 87 23.55 2.81 -34.98
CA GLU A 87 24.49 3.90 -35.20
C GLU A 87 24.72 4.16 -36.68
N ALA A 88 24.85 3.10 -37.49
CA ALA A 88 25.11 3.28 -38.91
C ALA A 88 23.93 3.92 -39.61
N PHE A 89 22.71 3.52 -39.26
CA PHE A 89 21.52 4.11 -39.88
C PHE A 89 21.41 5.59 -39.54
N LEU A 90 21.69 5.95 -38.28
CA LEU A 90 21.66 7.36 -37.88
C LEU A 90 22.75 8.15 -38.61
N LYS A 91 23.94 7.56 -38.76
CA LYS A 91 25.00 8.23 -39.50
C LYS A 91 24.60 8.49 -40.94
N ASN A 92 24.03 7.48 -41.60
CA ASN A 92 23.52 7.67 -42.95
C ASN A 92 22.42 8.72 -42.98
N LEU A 93 21.62 8.79 -41.92
CA LEU A 93 20.54 9.77 -41.87
C LEU A 93 21.08 11.20 -41.85
N GLU A 94 22.04 11.48 -40.95
CA GLU A 94 22.59 12.84 -40.95
C GLU A 94 23.49 13.10 -42.14
N ALA A 95 23.99 12.04 -42.79
CA ALA A 95 24.78 12.25 -44.01
C ALA A 95 23.89 12.67 -45.16
N ILE A 96 22.72 12.02 -45.31
CA ILE A 96 21.82 12.40 -46.39
C ILE A 96 21.05 13.66 -46.02
N ILE A 97 20.97 14.00 -44.74
CA ILE A 97 20.28 15.22 -44.32
C ILE A 97 21.18 16.45 -44.36
N ASP A 98 22.46 16.28 -44.66
CA ASP A 98 23.36 17.43 -44.74
C ASP A 98 22.97 18.32 -45.93
N PRO A 99 23.29 19.61 -45.87
CA PRO A 99 22.95 20.50 -46.99
C PRO A 99 23.64 20.12 -48.29
N ARG A 100 24.65 19.26 -48.26
CA ARG A 100 25.32 18.85 -49.49
C ARG A 100 24.40 17.97 -50.34
N THR A 101 23.60 17.12 -49.70
CA THR A 101 22.67 16.25 -50.42
C THR A 101 21.39 16.95 -50.83
N SER A 102 21.11 18.13 -50.28
CA SER A 102 19.93 18.93 -50.63
C SER A 102 18.63 18.19 -50.36
N PHE A 103 18.63 17.28 -49.38
CA PHE A 103 17.41 16.57 -49.03
C PHE A 103 16.46 17.46 -48.26
N GLN A 104 16.97 18.35 -47.41
CA GLN A 104 16.11 19.25 -46.64
C GLN A 104 15.39 20.23 -47.56
N ALA A 105 16.07 20.73 -48.59
CA ALA A 105 15.44 21.63 -49.53
C ALA A 105 14.31 20.93 -50.30
N SER A 106 14.55 19.69 -50.71
CA SER A 106 13.50 18.93 -51.41
C SER A 106 12.33 18.64 -50.49
N VAL A 107 12.60 18.32 -49.22
CA VAL A 107 11.52 18.06 -48.27
C VAL A 107 10.70 19.33 -48.04
N GLU A 108 11.37 20.48 -47.93
CA GLU A 108 10.65 21.74 -47.75
C GLU A 108 9.83 22.09 -48.98
N MET A 109 10.38 21.85 -50.18
CA MET A 109 9.63 22.11 -51.40
C MET A 109 8.42 21.21 -51.52
N ALA A 110 8.54 19.96 -51.08
CA ALA A 110 7.41 19.04 -51.12
C ALA A 110 6.36 19.43 -50.07
N VAL A 111 6.79 19.87 -48.89
CA VAL A 111 5.84 20.28 -47.86
C VAL A 111 5.22 21.63 -48.15
N ARG A 112 5.81 22.43 -49.04
CA ARG A 112 5.26 23.75 -49.35
C ARG A 112 3.91 23.64 -50.04
N SER A 113 3.84 22.87 -51.13
CA SER A 113 2.61 22.75 -51.91
C SER A 113 2.04 21.33 -51.89
N ARG A 114 2.87 20.33 -52.12
CA ARG A 114 2.37 18.96 -52.16
C ARG A 114 1.99 18.49 -50.75
N LYS A 115 1.26 17.38 -50.72
CA LYS A 115 0.80 16.79 -49.47
C LYS A 115 0.91 15.27 -49.55
N GLN A 116 0.74 14.62 -48.40
CA GLN A 116 0.82 13.17 -48.27
C GLN A 116 2.19 12.66 -48.75
N ILE A 117 3.23 13.14 -48.10
CA ILE A 117 4.60 12.72 -48.42
C ILE A 117 4.83 11.32 -47.86
N VAL A 118 5.23 10.39 -48.73
CA VAL A 118 5.48 9.01 -48.34
C VAL A 118 6.97 8.72 -48.53
N PHE A 119 7.51 7.90 -47.63
CA PHE A 119 8.92 7.51 -47.65
C PHE A 119 9.01 6.03 -47.92
N THR A 120 9.73 5.65 -48.96
CA THR A 120 9.92 4.25 -49.33
C THR A 120 11.41 3.92 -49.38
N GLY A 121 11.70 2.63 -49.36
CA GLY A 121 13.08 2.17 -49.42
C GLY A 121 13.13 0.66 -49.37
N HIS A 122 14.30 0.14 -49.72
CA HIS A 122 14.55 -1.30 -49.69
C HIS A 122 15.05 -1.69 -48.29
N SER A 123 15.63 -2.89 -48.16
CA SER A 123 16.05 -3.45 -46.88
C SER A 123 16.78 -2.45 -45.99
N SER A 124 17.91 -1.94 -46.44
CA SER A 124 18.60 -0.91 -45.68
C SER A 124 18.04 0.49 -45.93
N GLY A 125 17.26 0.66 -47.01
CA GLY A 125 16.63 1.94 -47.26
C GLY A 125 15.46 2.22 -46.35
N GLY A 126 14.71 1.18 -45.96
CA GLY A 126 13.61 1.37 -45.04
C GLY A 126 14.06 1.80 -43.65
N ALA A 127 15.24 1.33 -43.22
CA ALA A 127 15.78 1.74 -41.94
C ALA A 127 16.01 3.24 -41.90
N THR A 128 16.49 3.82 -43.01
CA THR A 128 16.66 5.26 -43.08
C THR A 128 15.33 5.97 -43.30
N ALA A 129 14.40 5.34 -44.01
CA ALA A 129 13.11 5.96 -44.28
C ALA A 129 12.31 6.13 -42.99
N ILE A 130 12.39 5.15 -42.08
CA ILE A 130 11.68 5.26 -40.81
C ILE A 130 12.21 6.45 -40.02
N LEU A 131 13.52 6.58 -39.93
CA LEU A 131 14.11 7.71 -39.19
C LEU A 131 13.83 9.03 -39.88
N ALA A 132 13.77 9.05 -41.21
CA ALA A 132 13.43 10.28 -41.92
C ALA A 132 11.97 10.68 -41.67
N THR A 133 11.07 9.70 -41.62
CA THR A 133 9.68 9.99 -41.26
C THR A 133 9.58 10.51 -39.84
N VAL A 134 10.36 9.94 -38.92
CA VAL A 134 10.37 10.43 -37.55
C VAL A 134 10.87 11.88 -37.50
N TRP A 135 11.93 12.17 -38.26
CA TRP A 135 12.47 13.53 -38.30
C TRP A 135 11.47 14.52 -38.86
N TYR A 136 10.77 14.13 -39.94
CA TYR A 136 9.75 15.00 -40.52
C TYR A 136 8.57 15.19 -39.57
N LEU A 137 8.22 14.17 -38.82
CA LEU A 137 7.15 14.30 -37.83
C LEU A 137 7.55 15.26 -36.72
N GLU A 138 8.78 15.16 -36.25
CA GLU A 138 9.23 15.99 -35.14
C GLU A 138 9.59 17.41 -35.56
N LYS A 139 9.84 17.65 -36.85
CA LYS A 139 10.18 18.99 -37.29
C LYS A 139 8.95 19.80 -37.72
N TYR A 140 8.14 19.25 -38.62
CA TYR A 140 7.01 19.99 -39.20
C TYR A 140 5.66 19.55 -38.68
N PHE A 141 5.45 18.25 -38.45
CA PHE A 141 4.12 17.79 -38.06
C PHE A 141 3.77 18.20 -36.63
N ILE A 142 4.76 18.23 -35.74
CA ILE A 142 4.48 18.58 -34.36
C ILE A 142 4.09 20.04 -34.19
N ARG A 143 4.40 20.89 -35.18
CA ARG A 143 4.02 22.28 -35.09
C ARG A 143 2.53 22.47 -35.32
N ASN A 144 2.00 21.87 -36.39
CA ASN A 144 0.58 21.97 -36.70
C ASN A 144 0.11 20.70 -37.41
N PRO A 145 -0.68 19.85 -36.75
CA PRO A 145 -1.15 18.63 -37.42
C PRO A 145 -2.08 18.91 -38.59
N ASN A 146 -2.80 20.03 -38.59
CA ASN A 146 -3.71 20.33 -39.68
C ASN A 146 -2.99 20.92 -40.87
N VAL A 147 -1.98 21.76 -40.63
CA VAL A 147 -1.25 22.39 -41.73
C VAL A 147 -0.38 21.37 -42.45
N TYR A 148 0.41 20.60 -41.69
CA TYR A 148 1.28 19.57 -42.26
C TYR A 148 0.50 18.28 -42.42
N LEU A 149 0.40 17.80 -43.65
CA LEU A 149 -0.32 16.56 -43.91
C LEU A 149 0.37 15.39 -43.23
N GLU A 150 -0.41 14.36 -42.92
CA GLU A 150 0.10 13.17 -42.25
C GLU A 150 1.08 12.44 -43.16
N PRO A 151 2.36 12.36 -42.79
CA PRO A 151 3.35 11.69 -43.65
C PRO A 151 3.30 10.18 -43.47
N ARG A 152 3.15 9.46 -44.58
CA ARG A 152 3.15 8.01 -44.54
C ARG A 152 4.54 7.47 -44.79
N CYS A 153 4.72 6.18 -44.49
CA CYS A 153 5.99 5.50 -44.71
C CYS A 153 5.70 4.05 -45.06
N VAL A 154 6.26 3.57 -46.18
CA VAL A 154 6.07 2.20 -46.64
C VAL A 154 7.45 1.62 -46.90
N THR A 155 7.82 0.60 -46.13
CA THR A 155 9.10 -0.07 -46.27
C THR A 155 8.88 -1.55 -46.58
N PHE A 156 9.88 -2.16 -47.22
CA PHE A 156 9.82 -3.56 -47.63
C PHE A 156 11.00 -4.30 -47.03
N GLY A 157 10.74 -5.13 -46.02
CA GLY A 157 11.78 -5.97 -45.44
C GLY A 157 12.84 -5.24 -44.64
N ALA A 158 12.52 -4.06 -44.11
CA ALA A 158 13.50 -3.32 -43.34
C ALA A 158 13.71 -3.97 -41.97
N PRO A 159 14.94 -4.01 -41.47
CA PRO A 159 15.20 -4.62 -40.16
C PRO A 159 14.73 -3.70 -39.04
N LEU A 160 14.85 -4.19 -37.82
CA LEU A 160 14.43 -3.43 -36.65
C LEU A 160 15.36 -2.24 -36.43
N VAL A 161 14.77 -1.08 -36.14
CA VAL A 161 15.54 0.14 -35.99
C VAL A 161 15.40 0.76 -34.60
N GLY A 162 14.29 0.55 -33.89
CA GLY A 162 14.11 1.16 -32.58
C GLY A 162 13.90 0.09 -31.52
N ASP A 163 14.03 0.52 -30.27
CA ASP A 163 13.86 -0.35 -29.12
C ASP A 163 12.50 -0.09 -28.46
N SER A 164 12.29 -0.68 -27.29
CA SER A 164 11.02 -0.55 -26.59
C SER A 164 10.71 0.91 -26.29
N ILE A 165 11.73 1.71 -25.98
CA ILE A 165 11.51 3.14 -25.74
C ILE A 165 11.04 3.82 -27.01
N PHE A 166 11.59 3.43 -28.15
CA PHE A 166 11.18 4.01 -29.42
C PHE A 166 9.72 3.70 -29.73
N SER A 167 9.33 2.43 -29.53
CA SER A 167 7.95 2.04 -29.77
C SER A 167 7.00 2.73 -28.79
N HIS A 168 7.40 2.87 -27.53
CA HIS A 168 6.56 3.55 -26.56
C HIS A 168 6.39 5.03 -26.92
N ALA A 169 7.47 5.68 -27.36
CA ALA A 169 7.37 7.08 -27.77
C ALA A 169 6.52 7.24 -29.02
N LEU A 170 6.59 6.28 -29.94
CA LEU A 170 5.74 6.33 -31.13
C LEU A 170 4.27 6.12 -30.77
N GLY A 171 3.99 5.24 -29.80
CA GLY A 171 2.62 4.98 -29.42
C GLY A 171 2.01 6.10 -28.59
N ARG A 172 2.83 6.78 -27.77
CA ARG A 172 2.30 7.85 -26.94
C ARG A 172 1.80 9.02 -27.78
N GLU A 173 2.58 9.43 -28.79
CA GLU A 173 2.18 10.52 -29.66
C GLU A 173 1.23 10.07 -30.77
N LYS A 174 0.81 8.81 -30.78
CA LYS A 174 -0.11 8.28 -31.78
C LYS A 174 0.45 8.42 -33.19
N TRP A 175 1.74 8.14 -33.34
CA TRP A 175 2.42 8.21 -34.63
C TRP A 175 2.63 6.85 -35.26
N SER A 176 2.22 5.77 -34.58
CA SER A 176 2.43 4.43 -35.12
C SER A 176 1.55 4.12 -36.32
N ARG A 177 0.52 4.92 -36.56
CA ARG A 177 -0.38 4.71 -37.68
C ARG A 177 0.17 5.23 -39.00
N PHE A 178 1.41 5.70 -39.03
CA PHE A 178 2.02 6.27 -40.23
C PHE A 178 3.11 5.39 -40.81
N PHE A 179 3.38 4.23 -40.21
CA PHE A 179 4.46 3.35 -40.65
C PHE A 179 3.88 2.01 -41.07
N VAL A 180 4.34 1.49 -42.21
CA VAL A 180 3.93 0.18 -42.71
C VAL A 180 5.17 -0.53 -43.22
N ASN A 181 5.37 -1.77 -42.77
CA ASN A 181 6.52 -2.56 -43.17
C ASN A 181 6.04 -3.92 -43.67
N PHE A 182 6.40 -4.25 -44.91
CA PHE A 182 6.02 -5.52 -45.53
C PHE A 182 7.11 -6.55 -45.30
N VAL A 183 6.74 -7.66 -44.66
CA VAL A 183 7.66 -8.75 -44.36
C VAL A 183 7.07 -10.05 -44.89
N SER A 184 7.93 -10.87 -45.47
CA SER A 184 7.55 -12.17 -46.01
C SER A 184 7.77 -13.26 -44.97
N ARG A 185 7.30 -14.48 -45.30
CA ARG A 185 7.42 -15.59 -44.37
C ARG A 185 8.87 -15.99 -44.15
N PHE A 186 9.72 -15.85 -45.18
CA PHE A 186 11.14 -16.21 -45.10
C PHE A 186 11.96 -15.02 -45.58
N ASP A 187 12.39 -14.20 -44.63
CA ASP A 187 13.22 -13.03 -44.93
C ASP A 187 14.20 -12.83 -43.79
N ILE A 188 15.50 -12.88 -44.11
CA ILE A 188 16.51 -12.80 -43.06
C ILE A 188 16.77 -11.36 -42.63
N VAL A 189 16.56 -10.39 -43.53
CA VAL A 189 16.90 -9.00 -43.22
C VAL A 189 16.08 -8.46 -42.04
N PRO A 190 14.75 -8.62 -42.00
CA PRO A 190 14.01 -8.09 -40.83
C PRO A 190 14.41 -8.73 -39.51
N ARG A 191 15.03 -9.92 -39.54
CA ARG A 191 15.43 -10.61 -38.34
C ARG A 191 16.94 -10.67 -38.17
N ILE A 192 17.70 -9.89 -38.94
CA ILE A 192 19.16 -9.95 -38.85
C ILE A 192 19.70 -9.04 -37.75
N MET A 193 18.94 -8.04 -37.31
CA MET A 193 19.43 -7.14 -36.28
C MET A 193 19.34 -7.71 -34.88
N LEU A 194 18.46 -8.70 -34.66
CA LEU A 194 18.38 -9.33 -33.35
C LEU A 194 19.58 -10.21 -33.05
N ALA A 195 20.33 -10.62 -34.07
CA ALA A 195 21.52 -11.44 -33.85
C ALA A 195 22.66 -10.58 -33.32
N ARG A 196 23.60 -11.24 -32.65
CA ARG A 196 24.75 -10.55 -32.10
C ARG A 196 25.80 -10.28 -33.18
N LYS A 197 26.55 -9.20 -33.00
CA LYS A 197 27.58 -8.85 -33.97
C LYS A 197 28.72 -9.86 -33.96
N ALA A 198 29.07 -10.38 -32.78
CA ALA A 198 30.15 -11.36 -32.70
C ALA A 198 29.71 -12.73 -33.19
N SER A 199 28.40 -13.02 -33.16
CA SER A 199 27.92 -14.33 -33.59
C SER A 199 28.00 -14.47 -35.10
N VAL A 200 27.77 -13.38 -35.84
CA VAL A 200 27.74 -13.41 -37.29
C VAL A 200 28.84 -12.54 -37.90
N GLU A 201 29.90 -12.26 -37.12
CA GLU A 201 30.94 -11.35 -37.60
C GLU A 201 31.62 -11.87 -38.86
N GLU A 202 31.73 -13.19 -38.99
CA GLU A 202 32.43 -13.76 -40.15
C GLU A 202 31.49 -13.94 -41.34
N THR A 203 30.21 -14.23 -41.08
CA THR A 203 29.28 -14.58 -42.15
C THR A 203 28.59 -13.38 -42.78
N LEU A 204 28.72 -12.19 -42.20
CA LEU A 204 28.00 -11.02 -42.73
C LEU A 204 28.41 -10.65 -44.15
N PRO A 205 29.69 -10.43 -44.48
CA PRO A 205 30.01 -9.89 -45.81
C PRO A 205 29.57 -10.78 -46.96
N HIS A 206 29.71 -12.10 -46.82
CA HIS A 206 29.37 -13.01 -47.91
C HIS A 206 27.88 -12.97 -48.22
N VAL A 207 27.04 -13.15 -47.20
CA VAL A 207 25.60 -13.16 -47.44
C VAL A 207 25.09 -11.76 -47.80
N LEU A 208 25.79 -10.72 -47.33
CA LEU A 208 25.37 -9.36 -47.69
C LEU A 208 25.69 -9.05 -49.14
N ALA A 209 26.83 -9.53 -49.64
CA ALA A 209 27.13 -9.39 -51.06
C ALA A 209 26.23 -10.27 -51.91
N GLN A 210 25.83 -11.43 -51.40
CA GLN A 210 24.92 -12.30 -52.15
C GLN A 210 23.52 -11.68 -52.25
N LEU A 211 23.03 -11.11 -51.15
CA LEU A 211 21.71 -10.49 -51.17
C LEU A 211 21.71 -9.17 -51.95
N ASP A 212 22.87 -8.59 -52.20
CA ASP A 212 22.94 -7.36 -52.98
C ASP A 212 22.57 -7.64 -54.42
N PRO A 213 21.68 -6.84 -55.03
CA PRO A 213 21.34 -7.06 -56.43
C PRO A 213 22.53 -6.83 -57.35
N ARG A 214 22.44 -7.42 -58.55
CA ARG A 214 23.49 -7.30 -59.56
C ARG A 214 24.84 -7.78 -59.04
N GLN A 223 26.94 -23.32 -47.55
CA GLN A 223 27.48 -23.86 -46.31
C GLN A 223 27.42 -22.84 -45.19
N ARG A 224 27.95 -21.64 -45.46
CA ARG A 224 27.94 -20.58 -44.46
C ARG A 224 26.55 -20.01 -44.25
N ILE A 225 25.69 -20.08 -45.26
CA ILE A 225 24.34 -19.52 -45.14
C ILE A 225 23.52 -20.31 -44.12
N THR A 226 23.67 -21.63 -44.11
CA THR A 226 22.92 -22.46 -43.17
C THR A 226 23.33 -22.15 -41.73
N GLU A 227 24.63 -22.08 -41.46
CA GLU A 227 25.09 -21.75 -40.12
C GLU A 227 24.69 -20.33 -39.72
N PHE A 228 24.71 -19.40 -40.69
CA PHE A 228 24.30 -18.03 -40.42
C PHE A 228 22.83 -17.97 -40.00
N TYR A 229 21.97 -18.65 -40.76
CA TYR A 229 20.55 -18.66 -40.43
C TYR A 229 20.29 -19.37 -39.10
N THR A 230 21.04 -20.43 -38.82
CA THR A 230 20.88 -21.13 -37.55
C THR A 230 21.28 -20.24 -36.38
N ARG A 231 22.40 -19.52 -36.52
CA ARG A 231 22.81 -18.62 -35.46
C ARG A 231 21.81 -17.49 -35.27
N VAL A 232 21.26 -16.96 -36.36
CA VAL A 232 20.28 -15.89 -36.26
C VAL A 232 19.02 -16.37 -35.54
N MET A 233 18.52 -17.55 -35.92
CA MET A 233 17.29 -18.05 -35.29
C MET A 233 17.54 -18.41 -33.83
N ARG A 234 18.73 -18.94 -33.51
CA ARG A 234 19.06 -19.22 -32.12
C ARG A 234 19.18 -17.95 -31.29
N ASP A 235 19.69 -16.87 -31.87
CA ASP A 235 19.78 -15.62 -31.14
C ASP A 235 18.42 -14.95 -31.00
N THR A 236 17.51 -15.19 -31.94
CA THR A 236 16.17 -14.61 -31.84
C THR A 236 15.28 -15.40 -30.89
N SER A 237 15.54 -16.71 -30.73
CA SER A 237 14.71 -17.52 -29.84
C SER A 237 14.84 -17.08 -28.39
N THR A 238 16.04 -16.71 -27.97
CA THR A 238 16.24 -16.24 -26.60
C THR A 238 15.45 -14.97 -26.33
N VAL A 239 15.50 -14.02 -27.27
CA VAL A 239 14.75 -12.78 -27.11
C VAL A 239 13.24 -13.06 -27.13
N ALA A 240 12.80 -13.96 -28.01
CA ALA A 240 11.38 -14.29 -28.08
C ALA A 240 10.88 -14.91 -26.79
N ASN A 241 11.69 -15.77 -26.18
CA ASN A 241 11.28 -16.38 -24.92
C ASN A 241 11.30 -15.36 -23.78
N GLN A 242 12.37 -14.56 -23.69
CA GLN A 242 12.48 -13.58 -22.61
C GLN A 242 11.39 -12.52 -22.69
N ALA A 243 10.95 -12.18 -23.91
CA ALA A 243 9.89 -11.19 -24.05
C ALA A 243 8.60 -11.66 -23.38
N VAL A 244 8.16 -12.88 -23.70
CA VAL A 244 6.92 -13.38 -23.10
C VAL A 244 7.13 -13.69 -21.61
N CYS A 245 8.35 -14.05 -21.21
CA CYS A 245 8.59 -14.30 -19.79
C CYS A 245 8.50 -13.02 -18.98
N GLU A 246 8.97 -11.90 -19.54
CA GLU A 246 8.86 -10.62 -18.85
C GLU A 246 7.45 -10.04 -18.94
N LEU A 247 6.74 -10.30 -20.04
CA LEU A 247 5.37 -9.80 -20.16
C LEU A 247 4.44 -10.52 -19.20
N THR A 248 4.58 -11.85 -19.08
CA THR A 248 3.75 -12.59 -18.15
C THR A 248 4.22 -12.37 -16.71
N GLY A 249 5.53 -12.29 -16.50
CA GLY A 249 6.08 -12.13 -15.17
C GLY A 249 6.48 -13.41 -14.48
N SER A 250 6.53 -14.53 -15.20
CA SER A 250 6.87 -15.81 -14.58
C SER A 250 8.33 -15.84 -14.19
N ALA A 251 8.60 -16.18 -12.93
CA ALA A 251 9.96 -16.34 -12.40
C ALA A 251 10.80 -15.09 -12.64
N GLU A 252 10.36 -13.98 -12.03
CA GLU A 252 11.11 -12.74 -12.13
C GLU A 252 12.50 -12.88 -11.52
N ALA A 253 12.61 -13.63 -10.43
CA ALA A 253 13.91 -13.85 -9.81
C ALA A 253 14.81 -14.71 -10.70
N PHE A 254 14.26 -15.76 -11.30
CA PHE A 254 15.03 -16.57 -12.24
C PHE A 254 15.46 -15.75 -13.44
N LEU A 255 14.58 -14.88 -13.93
CA LEU A 255 14.94 -14.00 -15.04
C LEU A 255 16.03 -13.03 -14.64
N GLU A 256 16.02 -12.53 -13.41
CA GLU A 256 17.07 -11.62 -12.96
C GLU A 256 18.39 -12.36 -12.81
N THR A 257 18.35 -13.62 -12.39
CA THR A 257 19.58 -14.40 -12.28
C THR A 257 20.16 -14.75 -13.64
N LEU A 258 19.30 -15.06 -14.60
CA LEU A 258 19.76 -15.45 -15.94
C LEU A 258 19.90 -14.27 -16.90
N SER A 259 19.59 -13.05 -16.46
CA SER A 259 19.63 -11.91 -17.36
C SER A 259 21.05 -11.41 -17.60
N SER A 260 21.86 -11.33 -16.55
CA SER A 260 23.22 -10.79 -16.68
C SER A 260 24.19 -11.78 -17.29
N PHE A 261 23.84 -13.07 -17.35
CA PHE A 261 24.77 -14.06 -17.88
C PHE A 261 24.98 -13.89 -19.38
N LEU A 262 23.92 -13.61 -20.13
CA LEU A 262 24.01 -13.45 -21.57
C LEU A 262 23.48 -12.08 -21.96
N GLU A 263 23.86 -11.64 -23.16
CA GLU A 263 23.48 -10.33 -23.68
C GLU A 263 22.45 -10.51 -24.79
N LEU A 264 21.29 -9.90 -24.62
CA LEU A 264 20.21 -9.96 -25.59
C LEU A 264 20.11 -8.65 -26.36
N SER A 265 19.61 -8.73 -27.59
CA SER A 265 19.43 -7.54 -28.41
C SER A 265 18.16 -6.81 -28.02
N PRO A 266 18.23 -5.53 -27.65
CA PRO A 266 17.04 -4.81 -27.22
C PRO A 266 16.16 -4.32 -28.36
N TYR A 267 16.47 -4.66 -29.61
CA TYR A 267 15.67 -4.21 -30.74
C TYR A 267 14.26 -4.79 -30.67
N ARG A 268 13.27 -3.94 -30.90
CA ARG A 268 11.86 -4.33 -30.87
C ARG A 268 11.16 -3.79 -32.10
N PRO A 269 10.24 -4.56 -32.69
CA PRO A 269 9.54 -4.07 -33.89
C PRO A 269 8.63 -2.89 -33.56
N ALA A 270 8.62 -1.93 -34.47
CA ALA A 270 7.82 -0.71 -34.31
C ALA A 270 7.04 -0.44 -35.59
N GLY A 271 5.82 0.07 -35.43
CA GLY A 271 4.96 0.35 -36.56
C GLY A 271 4.12 -0.84 -36.97
N THR A 272 3.24 -0.59 -37.93
CA THR A 272 2.35 -1.62 -38.43
C THR A 272 3.10 -2.55 -39.38
N PHE A 273 3.01 -3.85 -39.12
CA PHE A 273 3.65 -4.86 -39.95
C PHE A 273 2.59 -5.65 -40.70
N VAL A 274 2.87 -5.95 -41.97
CA VAL A 274 1.94 -6.65 -42.85
C VAL A 274 2.65 -7.90 -43.35
N PHE A 275 2.38 -9.03 -42.70
CA PHE A 275 2.93 -10.29 -43.16
C PHE A 275 2.28 -10.71 -44.48
N SER A 276 3.09 -11.31 -45.35
CA SER A 276 2.63 -11.69 -46.68
C SER A 276 3.06 -13.11 -46.98
N THR A 277 2.31 -13.75 -47.88
CA THR A 277 2.57 -15.11 -48.32
C THR A 277 1.97 -15.28 -49.70
N GLU A 278 1.82 -16.54 -50.14
CA GLU A 278 1.32 -16.81 -51.48
C GLU A 278 -0.11 -16.30 -51.66
N LYS A 279 -0.95 -16.42 -50.62
CA LYS A 279 -2.37 -16.14 -50.77
C LYS A 279 -2.93 -15.11 -49.80
N ARG A 280 -2.36 -14.96 -48.61
CA ARG A 280 -2.96 -14.12 -47.58
C ARG A 280 -2.08 -12.92 -47.28
N LEU A 281 -2.70 -11.88 -46.70
CA LEU A 281 -2.03 -10.65 -46.29
C LEU A 281 -2.46 -10.35 -44.86
N VAL A 282 -1.72 -10.89 -43.90
CA VAL A 282 -2.03 -10.67 -42.48
C VAL A 282 -1.35 -9.40 -42.01
N ALA A 283 -2.08 -8.61 -41.21
CA ALA A 283 -1.57 -7.35 -40.68
C ALA A 283 -1.73 -7.35 -39.17
N VAL A 284 -0.63 -7.06 -38.46
CA VAL A 284 -0.61 -7.03 -37.01
C VAL A 284 -0.19 -5.64 -36.56
N ASN A 285 -0.87 -5.12 -35.54
CA ASN A 285 -0.59 -3.79 -35.01
C ASN A 285 -0.05 -3.84 -33.57
N ASN A 286 0.22 -5.03 -33.05
CA ASN A 286 0.75 -5.18 -31.70
C ASN A 286 2.27 -5.26 -31.76
N SER A 287 2.94 -4.45 -30.93
CA SER A 287 4.39 -4.39 -30.98
C SER A 287 5.02 -5.68 -30.47
N ASP A 288 4.43 -6.30 -29.46
CA ASP A 288 5.01 -7.49 -28.86
C ASP A 288 4.67 -8.74 -29.67
N ALA A 289 3.47 -8.79 -30.27
CA ALA A 289 3.06 -9.99 -30.99
C ALA A 289 3.93 -10.27 -32.21
N ILE A 290 4.44 -9.23 -32.85
CA ILE A 290 5.26 -9.43 -34.04
C ILE A 290 6.56 -10.14 -33.70
N LEU A 291 7.13 -9.83 -32.53
CA LEU A 291 8.38 -10.46 -32.12
C LEU A 291 8.21 -11.97 -31.96
N GLN A 292 7.09 -12.39 -31.38
CA GLN A 292 6.82 -13.82 -31.25
C GLN A 292 6.40 -14.44 -32.57
N MET A 293 5.74 -13.67 -33.44
CA MET A 293 5.27 -14.22 -34.71
C MET A 293 6.40 -14.45 -35.69
N LEU A 294 7.44 -13.60 -35.67
CA LEU A 294 8.53 -13.74 -36.63
C LEU A 294 9.24 -15.08 -36.46
N PHE A 295 9.58 -15.43 -35.21
CA PHE A 295 10.32 -16.67 -34.96
C PHE A 295 9.51 -17.89 -35.36
N TYR A 296 8.21 -17.88 -35.10
CA TYR A 296 7.39 -19.04 -35.42
C TYR A 296 7.06 -19.12 -36.92
N THR A 297 6.99 -17.97 -37.61
CA THR A 297 6.76 -18.01 -39.05
C THR A 297 8.01 -18.42 -39.80
N SER A 298 9.19 -18.04 -39.30
CA SER A 298 10.43 -18.47 -39.93
C SER A 298 10.70 -19.96 -39.74
N GLN A 299 9.99 -20.60 -38.82
CA GLN A 299 10.21 -22.02 -38.55
C GLN A 299 9.74 -22.88 -39.72
N ALA A 300 10.39 -24.02 -39.89
CA ALA A 300 10.03 -24.99 -40.90
C ALA A 300 9.25 -26.14 -40.26
N SER A 301 8.20 -26.60 -40.93
CA SER A 301 7.35 -27.64 -40.37
C SER A 301 8.04 -29.00 -40.41
N ASP A 302 8.58 -29.37 -41.56
CA ASP A 302 9.27 -30.64 -41.73
C ASP A 302 10.71 -30.40 -42.14
N GLU A 303 11.52 -31.47 -42.08
CA GLU A 303 12.95 -31.35 -42.34
C GLU A 303 13.23 -31.04 -43.82
N GLN A 304 12.34 -31.46 -44.72
CA GLN A 304 12.56 -31.18 -46.14
C GLN A 304 12.49 -29.68 -46.41
N GLU A 305 11.57 -28.97 -45.76
CA GLU A 305 11.51 -27.53 -45.90
C GLU A 305 12.67 -26.84 -45.19
N TRP A 306 13.17 -27.44 -44.11
CA TRP A 306 14.31 -26.87 -43.40
C TRP A 306 15.61 -27.04 -44.19
N SER A 307 15.68 -28.06 -45.03
CA SER A 307 16.87 -28.26 -45.85
C SER A 307 17.05 -27.11 -46.85
N LEU A 308 15.97 -26.73 -47.53
CA LEU A 308 15.98 -25.62 -48.47
C LEU A 308 15.57 -24.30 -47.83
N ILE A 309 15.65 -24.20 -46.51
CA ILE A 309 15.24 -23.00 -45.78
C ILE A 309 16.17 -21.83 -46.09
N PRO A 310 17.50 -21.96 -46.05
CA PRO A 310 18.33 -20.78 -46.34
C PRO A 310 18.28 -20.37 -47.80
N PHE A 311 18.27 -21.34 -48.74
CA PHE A 311 18.22 -20.99 -50.15
C PHE A 311 16.91 -20.30 -50.52
N ARG A 312 15.82 -20.63 -49.81
CA ARG A 312 14.56 -19.95 -50.06
C ARG A 312 14.50 -18.61 -49.34
N SER A 313 15.12 -18.51 -48.16
CA SER A 313 15.09 -17.26 -47.42
C SER A 313 15.93 -16.19 -48.10
N ILE A 314 17.06 -16.57 -48.69
CA ILE A 314 17.89 -15.59 -49.39
C ILE A 314 17.28 -15.20 -50.73
N ARG A 315 16.39 -16.03 -51.28
CA ARG A 315 15.74 -15.73 -52.55
C ARG A 315 14.47 -14.92 -52.39
N ASP A 316 13.72 -15.15 -51.30
CA ASP A 316 12.48 -14.43 -51.09
C ASP A 316 12.71 -12.98 -50.67
N HIS A 317 13.93 -12.61 -50.30
CA HIS A 317 14.20 -11.23 -49.91
C HIS A 317 14.03 -10.29 -51.09
N HIS A 318 14.29 -10.76 -52.31
CA HIS A 318 14.13 -9.92 -53.50
C HIS A 318 12.77 -10.10 -54.16
N SER A 319 12.04 -11.16 -53.84
CA SER A 319 10.73 -11.42 -54.45
C SER A 319 9.64 -10.63 -53.74
N TYR A 320 9.76 -9.30 -53.84
CA TYR A 320 8.76 -8.38 -53.30
C TYR A 320 7.94 -7.69 -54.38
N GLU A 321 8.27 -7.91 -55.65
CA GLU A 321 7.50 -7.32 -56.75
C GLU A 321 6.16 -8.02 -56.94
N GLU A 322 6.09 -9.32 -56.64
CA GLU A 322 4.83 -10.04 -56.76
C GLU A 322 3.79 -9.54 -55.76
N LEU A 323 4.24 -8.95 -54.65
CA LEU A 323 3.31 -8.42 -53.67
C LEU A 323 2.51 -7.25 -54.23
N VAL A 324 3.11 -6.46 -55.13
CA VAL A 324 2.43 -5.30 -55.67
C VAL A 324 1.39 -5.73 -56.70
N GLN A 325 1.77 -6.61 -57.62
CA GLN A 325 0.86 -7.01 -58.69
C GLN A 325 -0.28 -7.87 -58.16
N SER A 326 0.01 -8.73 -57.17
CA SER A 326 -0.99 -9.64 -56.62
C SER A 326 -1.52 -9.16 -55.27
N MET A 327 -1.64 -7.85 -55.08
CA MET A 327 -2.14 -7.33 -53.81
C MET A 327 -3.65 -7.50 -53.69
N GLY A 328 -4.39 -7.17 -54.75
CA GLY A 328 -5.84 -7.28 -54.70
C GLY A 328 -6.34 -8.71 -54.66
N LYS A 329 -5.65 -9.63 -55.35
CA LYS A 329 -6.07 -11.01 -55.36
C LYS A 329 -5.85 -11.70 -54.01
N LYS A 330 -4.93 -11.20 -53.20
CA LYS A 330 -4.64 -11.81 -51.91
C LYS A 330 -5.71 -11.45 -50.88
N LEU A 331 -5.85 -12.32 -49.88
CA LEU A 331 -6.83 -12.11 -48.82
C LEU A 331 -6.27 -11.18 -47.76
N PHE A 332 -7.10 -10.21 -47.34
CA PHE A 332 -6.71 -9.23 -46.33
C PHE A 332 -7.57 -9.42 -45.09
N ASN A 333 -6.93 -9.53 -43.93
CA ASN A 333 -7.63 -9.68 -42.67
C ASN A 333 -6.78 -9.11 -41.56
N HIS A 334 -7.45 -8.54 -40.55
CA HIS A 334 -6.79 -7.94 -39.40
C HIS A 334 -6.80 -8.92 -38.24
N LEU A 335 -5.63 -9.12 -37.63
CA LEU A 335 -5.51 -10.11 -36.57
C LEU A 335 -5.98 -9.58 -35.23
N ASP A 336 -5.60 -8.36 -34.87
CA ASP A 336 -5.92 -7.83 -33.54
C ASP A 336 -7.40 -7.52 -33.41
N GLY A 337 -7.98 -6.86 -34.41
CA GLY A 337 -9.37 -6.46 -34.31
C GLY A 337 -10.33 -7.61 -34.45
N GLU A 338 -10.18 -8.40 -35.53
CA GLU A 338 -11.08 -9.51 -35.78
C GLU A 338 -10.71 -10.72 -34.94
N ASN A 339 -11.72 -11.52 -34.60
CA ASN A 339 -11.51 -12.73 -33.83
C ASN A 339 -11.24 -13.90 -34.76
N SER A 340 -11.26 -15.12 -34.23
CA SER A 340 -11.02 -16.35 -34.99
C SER A 340 -9.64 -16.32 -35.63
N ILE A 341 -8.62 -16.16 -34.78
CA ILE A 341 -7.24 -16.06 -35.26
C ILE A 341 -6.61 -17.43 -35.54
N GLU A 342 -7.30 -18.51 -35.19
CA GLU A 342 -6.73 -19.85 -35.36
C GLU A 342 -6.42 -20.14 -36.83
N SER A 343 -7.41 -19.93 -37.71
CA SER A 343 -7.23 -20.27 -39.11
C SER A 343 -6.19 -19.38 -39.77
N THR A 344 -6.26 -18.06 -39.51
CA THR A 344 -5.33 -17.14 -40.17
C THR A 344 -3.92 -17.28 -39.62
N LEU A 345 -3.77 -17.81 -38.40
CA LEU A 345 -2.43 -18.06 -37.88
C LEU A 345 -1.89 -19.40 -38.36
N ASN A 346 -2.76 -20.39 -38.54
CA ASN A 346 -2.30 -21.68 -39.05
C ASN A 346 -1.97 -21.61 -40.54
N ASP A 347 -2.66 -20.74 -41.29
CA ASP A 347 -2.37 -20.62 -42.72
C ASP A 347 -1.00 -20.02 -42.98
N LEU A 348 -0.52 -19.16 -42.07
CA LEU A 348 0.81 -18.57 -42.26
C LEU A 348 1.91 -19.59 -42.05
N GLY A 349 1.70 -20.58 -41.18
CA GLY A 349 2.70 -21.59 -40.89
C GLY A 349 3.05 -21.71 -39.42
N VAL A 350 2.44 -20.94 -38.52
CA VAL A 350 2.74 -21.04 -37.10
C VAL A 350 2.17 -22.34 -36.56
N SER A 351 2.90 -22.94 -35.61
CA SER A 351 2.45 -24.17 -34.97
C SER A 351 1.40 -23.85 -33.91
N THR A 352 1.04 -24.85 -33.10
CA THR A 352 -0.01 -24.65 -32.11
C THR A 352 0.52 -23.93 -30.87
N ARG A 353 1.75 -24.23 -30.45
CA ARG A 353 2.25 -23.69 -29.19
C ARG A 353 2.51 -22.19 -29.28
N GLY A 354 2.83 -21.68 -30.46
CA GLY A 354 2.97 -20.23 -30.61
C GLY A 354 1.64 -19.50 -30.65
N ARG A 355 0.56 -20.20 -30.95
CA ARG A 355 -0.76 -19.56 -31.01
C ARG A 355 -1.17 -19.03 -29.65
N GLN A 356 -0.94 -19.80 -28.58
CA GLN A 356 -1.29 -19.31 -27.25
C GLN A 356 -0.39 -18.16 -26.82
N TYR A 357 0.87 -18.18 -27.23
CA TYR A 357 1.75 -17.04 -26.96
C TYR A 357 1.22 -15.77 -27.62
N VAL A 358 0.84 -15.87 -28.90
CA VAL A 358 0.32 -14.71 -29.61
C VAL A 358 -1.00 -14.25 -28.98
N GLN A 359 -1.85 -15.20 -28.61
CA GLN A 359 -3.13 -14.85 -28.01
C GLN A 359 -2.95 -14.17 -26.65
N ALA A 360 -1.95 -14.60 -25.87
CA ALA A 360 -1.68 -13.95 -24.60
C ALA A 360 -1.11 -12.56 -24.81
N ALA A 361 -0.23 -12.40 -25.80
CA ALA A 361 0.31 -11.07 -26.10
C ALA A 361 -0.78 -10.13 -26.58
N LEU A 362 -1.81 -10.66 -27.24
CA LEU A 362 -2.93 -9.82 -27.66
C LEU A 362 -3.89 -9.54 -26.50
N GLU A 363 -4.07 -10.50 -25.61
CA GLU A 363 -5.02 -10.35 -24.51
C GLU A 363 -4.47 -9.44 -23.42
N GLU A 364 -3.14 -9.35 -23.30
CA GLU A 364 -2.56 -8.43 -22.32
C GLU A 364 -2.92 -6.99 -22.65
N GLU A 365 -3.03 -6.66 -23.94
CA GLU A 365 -3.45 -5.32 -24.34
C GLU A 365 -4.91 -5.07 -23.98
N LYS A 366 -5.77 -6.08 -24.14
CA LYS A 366 -7.15 -5.95 -23.71
C LYS A 366 -7.25 -5.75 -22.21
N LYS A 367 -6.42 -6.46 -21.45
CA LYS A 367 -6.40 -6.27 -20.00
C LYS A 367 -5.91 -4.88 -19.64
N ARG A 368 -4.95 -4.35 -20.40
CA ARG A 368 -4.49 -2.99 -20.19
C ARG A 368 -5.59 -1.97 -20.45
N VAL A 369 -6.35 -2.18 -21.53
CA VAL A 369 -7.47 -1.29 -21.82
C VAL A 369 -8.54 -1.39 -20.73
N GLU A 370 -8.77 -2.60 -20.21
CA GLU A 370 -9.73 -2.76 -19.12
C GLU A 370 -9.25 -2.03 -17.87
N ASN A 371 -7.95 -2.08 -17.59
CA ASN A 371 -7.41 -1.35 -16.45
C ASN A 371 -7.57 0.16 -16.64
N GLN A 372 -7.35 0.65 -17.87
CA GLN A 372 -7.56 2.06 -18.14
C GLN A 372 -9.01 2.45 -17.93
N LYS A 373 -9.94 1.60 -18.39
CA LYS A 373 -11.36 1.88 -18.20
C LYS A 373 -11.72 1.89 -16.72
N LYS A 374 -11.17 0.95 -15.94
CA LYS A 374 -11.41 0.94 -14.50
C LYS A 374 -10.89 2.21 -13.85
N ILE A 375 -9.70 2.66 -14.26
CA ILE A 375 -9.11 3.86 -13.68
C ILE A 375 -9.96 5.10 -13.99
N ILE A 376 -10.41 5.22 -15.25
CA ILE A 376 -11.20 6.39 -15.59
C ILE A 376 -12.57 6.33 -14.93
N GLN A 377 -13.13 5.14 -14.74
CA GLN A 377 -14.40 5.02 -14.04
C GLN A 377 -14.25 5.38 -12.56
N VAL A 378 -13.09 5.05 -11.97
CA VAL A 378 -12.85 5.39 -10.58
C VAL A 378 -12.67 6.90 -10.43
N ILE A 379 -11.90 7.52 -11.32
CA ILE A 379 -11.64 8.95 -11.20
C ILE A 379 -12.84 9.79 -11.65
N GLU A 380 -13.79 9.21 -12.39
CA GLU A 380 -14.98 9.95 -12.79
C GLU A 380 -16.05 10.00 -11.71
N GLN A 381 -15.83 9.36 -10.57
CA GLN A 381 -16.82 9.36 -9.51
C GLN A 381 -16.89 10.73 -8.84
N GLU A 382 -17.94 10.92 -8.03
CA GLU A 382 -18.13 12.16 -7.30
C GLU A 382 -17.44 12.15 -5.94
N ARG A 383 -17.31 10.97 -5.33
CA ARG A 383 -16.63 10.87 -4.04
C ARG A 383 -15.17 11.33 -4.15
N PHE A 384 -14.53 11.05 -5.28
CA PHE A 384 -13.14 11.48 -5.45
C PHE A 384 -13.04 12.99 -5.60
N LEU A 385 -13.87 13.57 -6.47
CA LEU A 385 -13.84 15.02 -6.67
C LEU A 385 -14.33 15.79 -5.45
N LYS A 386 -15.08 15.14 -4.56
CA LYS A 386 -15.58 15.83 -3.38
C LYS A 386 -14.46 16.31 -2.47
N LYS A 387 -13.38 15.52 -2.37
CA LYS A 387 -12.25 15.92 -1.53
C LYS A 387 -11.58 17.18 -2.07
N LEU A 388 -11.30 17.20 -3.38
CA LEU A 388 -10.70 18.39 -3.98
C LEU A 388 -11.65 19.59 -3.89
N ALA A 389 -12.95 19.35 -4.02
CA ALA A 389 -13.92 20.44 -3.90
C ALA A 389 -13.92 21.02 -2.49
N TRP A 390 -13.89 20.16 -1.47
CA TRP A 390 -13.84 20.65 -0.10
C TRP A 390 -12.52 21.36 0.19
N ILE A 391 -11.43 20.91 -0.42
CA ILE A 391 -10.14 21.56 -0.19
C ILE A 391 -10.10 22.94 -0.82
N GLU A 392 -10.58 23.06 -2.06
CA GLU A 392 -10.47 24.32 -2.79
C GLU A 392 -11.60 25.29 -2.53
N ASP A 393 -12.72 24.84 -1.95
CA ASP A 393 -13.87 25.70 -1.74
C ASP A 393 -14.20 25.96 -0.29
N GLU A 394 -13.86 25.05 0.62
CA GLU A 394 -14.21 25.19 2.04
C GLU A 394 -13.00 25.55 2.89
N TYR A 395 -11.94 24.75 2.84
CA TYR A 395 -10.81 24.94 3.73
C TYR A 395 -10.01 26.18 3.39
N LYS A 396 -9.62 26.31 2.11
CA LYS A 396 -8.77 27.44 1.72
C LYS A 396 -9.44 28.79 1.90
N PRO A 397 -10.69 29.02 1.48
CA PRO A 397 -11.29 30.34 1.72
C PRO A 397 -11.52 30.65 3.19
N LYS A 398 -11.95 29.66 3.97
CA LYS A 398 -12.20 29.92 5.38
C LYS A 398 -10.90 30.15 6.15
N CYS A 399 -9.79 29.58 5.68
CA CYS A 399 -8.49 29.89 6.27
C CYS A 399 -7.97 31.24 5.79
N GLN A 400 -8.29 31.63 4.56
CA GLN A 400 -7.90 32.96 4.08
C GLN A 400 -8.69 34.06 4.76
N ALA A 401 -9.90 33.74 5.24
CA ALA A 401 -10.70 34.74 5.97
C ALA A 401 -9.97 35.22 7.21
N HIS A 402 -9.22 34.34 7.86
CA HIS A 402 -8.43 34.71 9.03
C HIS A 402 -7.16 35.43 8.58
N LYS A 403 -6.38 35.88 9.56
CA LYS A 403 -5.12 36.57 9.29
C LYS A 403 -3.96 35.59 9.13
N ASN A 404 -4.14 34.59 8.26
CA ASN A 404 -3.13 33.58 8.01
C ASN A 404 -3.51 32.82 6.75
N GLY A 405 -2.56 32.01 6.27
CA GLY A 405 -2.77 31.18 5.10
C GLY A 405 -3.06 29.73 5.48
N TYR A 406 -3.44 28.96 4.47
CA TYR A 406 -3.69 27.54 4.67
C TYR A 406 -2.40 26.73 4.85
N TYR A 407 -1.24 27.37 4.72
CA TYR A 407 0.02 26.69 4.97
C TYR A 407 0.38 26.70 6.45
N ASP A 408 0.29 27.88 7.09
CA ASP A 408 0.61 27.98 8.50
C ASP A 408 -0.51 27.44 9.39
N SER A 409 -1.76 27.56 8.94
CA SER A 409 -2.87 26.99 9.70
C SER A 409 -2.77 25.46 9.75
N PHE A 410 -2.22 24.85 8.71
CA PHE A 410 -1.98 23.41 8.75
C PHE A 410 -0.78 23.05 9.62
N LYS A 411 0.14 24.00 9.85
CA LYS A 411 1.29 23.73 10.70
C LYS A 411 0.94 23.85 12.17
N VAL A 412 0.16 24.88 12.54
CA VAL A 412 -0.21 25.04 13.94
C VAL A 412 -1.17 23.95 14.37
N SER A 413 -2.08 23.54 13.48
CA SER A 413 -3.00 22.43 13.72
C SER A 413 -3.84 22.66 14.99
N ASN A 414 -4.37 23.87 15.11
CA ASN A 414 -5.18 24.22 16.27
C ASN A 414 -6.64 23.80 16.10
N GLU A 415 -7.26 24.18 14.98
CA GLU A 415 -8.66 23.87 14.76
C GLU A 415 -8.84 22.40 14.40
N GLU A 416 -10.09 22.03 14.09
CA GLU A 416 -10.43 20.65 13.77
C GLU A 416 -10.40 20.36 12.27
N ASN A 417 -10.46 21.38 11.42
CA ASN A 417 -10.43 21.16 9.98
C ASN A 417 -9.10 20.62 9.50
N ASP A 418 -8.05 20.76 10.29
CA ASP A 418 -6.74 20.24 9.89
C ASP A 418 -6.71 18.72 9.87
N PHE A 419 -7.46 18.08 10.77
CA PHE A 419 -7.62 16.63 10.70
C PHE A 419 -8.32 16.22 9.41
N LYS A 420 -9.33 16.99 8.99
CA LYS A 420 -10.00 16.71 7.73
C LYS A 420 -9.06 16.90 6.56
N ALA A 421 -8.20 17.93 6.61
CA ALA A 421 -7.20 18.09 5.56
C ALA A 421 -6.24 16.92 5.52
N ASN A 422 -5.79 16.46 6.68
CA ASN A 422 -4.89 15.31 6.73
C ASN A 422 -5.53 14.07 6.12
N VAL A 423 -6.79 13.78 6.48
CA VAL A 423 -7.42 12.56 6.00
C VAL A 423 -7.72 12.67 4.49
N LYS A 424 -8.32 13.78 4.05
CA LYS A 424 -8.51 13.98 2.62
C LYS A 424 -7.33 14.71 1.99
N ARG A 425 -6.14 14.35 2.40
CA ARG A 425 -4.88 14.45 1.67
C ARG A 425 -4.21 13.08 1.57
N ALA A 426 -4.23 12.30 2.65
CA ALA A 426 -3.73 10.94 2.59
C ALA A 426 -4.57 10.07 1.66
N GLU A 427 -5.89 10.26 1.67
CA GLU A 427 -6.75 9.47 0.80
C GLU A 427 -6.48 9.77 -0.67
N LEU A 428 -6.14 11.01 -1.01
CA LEU A 428 -5.80 11.34 -2.38
C LEU A 428 -4.42 10.82 -2.75
N ALA A 429 -3.44 10.98 -1.85
CA ALA A 429 -2.10 10.48 -2.11
C ALA A 429 -2.10 8.98 -2.34
N GLY A 430 -2.95 8.24 -1.61
CA GLY A 430 -3.00 6.80 -1.79
C GLY A 430 -3.40 6.40 -3.20
N VAL A 431 -4.52 6.94 -3.67
CA VAL A 431 -5.00 6.57 -5.01
C VAL A 431 -4.06 7.09 -6.09
N PHE A 432 -3.45 8.26 -5.87
CA PHE A 432 -2.53 8.78 -6.88
C PHE A 432 -1.26 7.92 -6.98
N ASP A 433 -0.74 7.49 -5.83
CA ASP A 433 0.41 6.58 -5.85
C ASP A 433 0.03 5.22 -6.43
N GLU A 434 -1.22 4.78 -6.22
CA GLU A 434 -1.67 3.54 -6.85
C GLU A 434 -1.68 3.66 -8.37
N VAL A 435 -2.21 4.78 -8.89
CA VAL A 435 -2.22 4.99 -10.33
C VAL A 435 -0.80 5.10 -10.87
N LEU A 436 0.09 5.75 -10.11
CA LEU A 436 1.48 5.88 -10.54
C LEU A 436 2.16 4.52 -10.59
N GLY A 437 1.94 3.67 -9.59
CA GLY A 437 2.50 2.33 -9.61
C GLY A 437 1.92 1.47 -10.72
N LEU A 438 0.66 1.71 -11.07
CA LEU A 438 0.07 0.98 -12.20
C LEU A 438 0.70 1.42 -13.51
N MET A 439 0.93 2.73 -13.68
CA MET A 439 1.49 3.21 -14.94
C MET A 439 2.99 2.93 -15.04
N LYS A 440 3.66 2.70 -13.91
CA LYS A 440 5.10 2.43 -13.95
C LYS A 440 5.39 0.97 -14.28
N LYS A 441 4.54 0.05 -13.84
CA LYS A 441 4.76 -1.38 -14.03
C LYS A 441 4.23 -1.88 -15.36
N CYS A 442 4.08 -1.01 -16.35
CA CYS A 442 3.63 -1.37 -17.70
C CYS A 442 2.24 -2.01 -17.66
N GLN A 443 1.31 -1.34 -16.98
CA GLN A 443 -0.07 -1.79 -16.90
C GLN A 443 -1.06 -0.80 -17.48
N LEU A 444 -0.59 0.35 -17.96
CA LEU A 444 -1.46 1.36 -18.57
C LEU A 444 -1.03 1.61 -20.02
N PRO A 445 -1.98 1.93 -20.90
CA PRO A 445 -1.63 2.14 -22.31
C PRO A 445 -0.73 3.35 -22.50
N ASP A 446 0.00 3.34 -23.62
CA ASP A 446 0.94 4.43 -23.91
C ASP A 446 0.24 5.75 -24.15
N GLU A 447 -1.03 5.74 -24.56
CA GLU A 447 -1.76 6.97 -24.81
C GLU A 447 -2.31 7.60 -23.53
N PHE A 448 -2.42 6.83 -22.44
CA PHE A 448 -3.01 7.34 -21.22
C PHE A 448 -2.21 8.52 -20.68
N GLU A 449 -0.87 8.44 -20.72
CA GLU A 449 -0.05 9.56 -20.28
C GLU A 449 -0.16 10.74 -21.23
N GLY A 450 -0.53 10.51 -22.48
CA GLY A 450 -0.74 11.60 -23.42
C GLY A 450 -2.09 12.26 -23.34
N ASP A 451 -3.00 11.72 -22.53
CA ASP A 451 -4.32 12.30 -22.40
C ASP A 451 -4.27 13.63 -21.69
N ILE A 452 -5.02 14.61 -22.20
CA ILE A 452 -5.02 15.94 -21.60
C ILE A 452 -5.81 15.96 -20.31
N ASP A 453 -6.82 15.09 -20.18
CA ASP A 453 -7.65 15.07 -18.98
C ASP A 453 -6.83 14.65 -17.77
N TRP A 454 -6.04 13.58 -17.92
CA TRP A 454 -5.21 13.11 -16.81
C TRP A 454 -4.15 14.14 -16.44
N ILE A 455 -3.59 14.83 -17.45
CA ILE A 455 -2.59 15.85 -17.17
C ILE A 455 -3.20 17.00 -16.39
N LYS A 456 -4.39 17.46 -16.80
CA LYS A 456 -5.05 18.54 -16.07
C LYS A 456 -5.42 18.11 -14.66
N LEU A 457 -5.87 16.87 -14.50
CA LEU A 457 -6.22 16.37 -13.16
C LEU A 457 -4.99 16.32 -12.26
N ALA A 458 -3.88 15.81 -12.78
CA ALA A 458 -2.65 15.74 -11.99
C ALA A 458 -2.13 17.12 -11.64
N THR A 459 -2.25 18.07 -12.57
CA THR A 459 -1.80 19.43 -12.28
C THR A 459 -2.67 20.08 -11.21
N ARG A 460 -3.99 19.94 -11.31
CA ARG A 460 -4.87 20.51 -10.31
C ARG A 460 -4.70 19.84 -8.94
N TYR A 461 -4.34 18.55 -8.94
CA TYR A 461 -4.08 17.87 -7.68
C TYR A 461 -2.77 18.34 -7.05
N ARG A 462 -1.73 18.49 -7.88
CA ARG A 462 -0.43 18.95 -7.37
C ARG A 462 -0.54 20.36 -6.81
N ARG A 463 -1.03 21.30 -7.62
CA ARG A 463 -1.09 22.70 -7.22
C ARG A 463 -1.93 22.94 -5.98
N LEU A 464 -2.70 21.95 -5.53
CA LEU A 464 -3.52 22.08 -4.33
C LEU A 464 -3.03 21.24 -3.16
N VAL A 465 -2.31 20.14 -3.41
CA VAL A 465 -1.89 19.27 -2.32
C VAL A 465 -0.42 19.48 -1.94
N GLU A 466 0.45 19.81 -2.91
CA GLU A 466 1.87 19.93 -2.59
C GLU A 466 2.18 20.97 -1.51
N PRO A 467 1.53 22.15 -1.47
CA PRO A 467 1.77 23.04 -0.32
C PRO A 467 1.45 22.40 1.02
N LEU A 468 0.31 21.71 1.12
CA LEU A 468 -0.01 21.01 2.36
C LEU A 468 0.97 19.88 2.63
N ASP A 469 1.49 19.23 1.58
CA ASP A 469 2.48 18.18 1.78
C ASP A 469 3.77 18.74 2.36
N ILE A 470 4.22 19.89 1.84
CA ILE A 470 5.42 20.52 2.38
C ILE A 470 5.17 21.00 3.81
N ALA A 471 3.96 21.50 4.09
CA ALA A 471 3.62 21.91 5.44
C ALA A 471 3.69 20.74 6.41
N ASN A 472 3.16 19.57 6.00
CA ASN A 472 3.23 18.39 6.85
C ASN A 472 4.66 17.89 6.99
N TYR A 473 5.48 18.02 5.94
CA TYR A 473 6.86 17.55 6.02
C TYR A 473 7.69 18.43 6.96
N HIS A 474 7.49 19.75 6.92
CA HIS A 474 8.31 20.66 7.71
C HIS A 474 7.74 20.93 9.09
N ARG A 475 6.46 20.63 9.32
CA ARG A 475 5.85 20.93 10.61
C ARG A 475 6.17 19.88 11.67
N HIS A 476 6.63 18.69 11.27
CA HIS A 476 6.97 17.64 12.21
C HIS A 476 8.47 17.37 12.30
N LEU A 477 9.29 18.27 11.75
CA LEU A 477 10.75 18.18 11.84
C LEU A 477 11.26 16.86 11.25
N LYS A 478 10.64 16.41 10.16
CA LYS A 478 11.10 15.22 9.46
C LYS A 478 12.33 15.50 8.60
N ASN A 479 12.57 16.77 8.26
CA ASN A 479 13.73 17.11 7.44
C ASN A 479 15.03 16.95 8.22
N GLU A 480 14.96 17.00 9.56
CA GLU A 480 16.15 16.78 10.36
C GLU A 480 16.65 15.35 10.25
N ASP A 481 15.75 14.40 10.04
CA ASP A 481 16.15 13.00 9.95
C ASP A 481 16.26 12.51 8.51
N THR A 482 15.48 13.09 7.59
CA THR A 482 15.47 12.65 6.20
C THR A 482 16.06 13.70 5.26
N GLY A 483 16.88 14.60 5.77
CA GLY A 483 17.52 15.61 4.97
C GLY A 483 16.54 16.60 4.36
N PRO A 484 17.03 17.45 3.46
CA PRO A 484 16.14 18.43 2.83
C PRO A 484 15.05 17.76 2.01
N TYR A 485 13.93 18.48 1.86
CA TYR A 485 12.77 17.91 1.18
C TYR A 485 13.01 17.82 -0.33
N MET A 486 13.70 18.81 -0.90
CA MET A 486 13.88 18.84 -2.35
C MET A 486 14.83 17.74 -2.81
N LYS A 487 15.86 17.44 -2.02
CA LYS A 487 16.83 16.43 -2.43
C LYS A 487 16.24 15.03 -2.33
N ARG A 488 15.83 14.62 -1.13
CA ARG A 488 15.25 13.31 -0.91
C ARG A 488 14.07 13.44 0.05
N GLY A 489 12.94 12.84 -0.32
CA GLY A 489 11.75 12.90 0.49
C GLY A 489 10.56 13.48 -0.26
N ARG A 490 10.73 13.72 -1.56
CA ARG A 490 9.66 14.22 -2.39
C ARG A 490 8.99 13.08 -3.13
N PRO A 491 7.67 12.97 -3.08
CA PRO A 491 6.99 11.89 -3.80
C PRO A 491 7.19 12.02 -5.30
N THR A 492 7.37 10.88 -5.96
CA THR A 492 7.62 10.87 -7.40
C THR A 492 6.40 11.29 -8.21
N ARG A 493 5.20 11.25 -7.62
CA ARG A 493 4.01 11.63 -8.36
C ARG A 493 4.06 13.11 -8.76
N TYR A 494 4.56 13.96 -7.87
CA TYR A 494 4.66 15.39 -8.18
C TYR A 494 5.66 15.63 -9.32
N ILE A 495 6.79 14.93 -9.29
CA ILE A 495 7.78 15.08 -10.36
C ILE A 495 7.21 14.59 -11.69
N TYR A 496 6.49 13.46 -11.66
CA TYR A 496 5.87 12.94 -12.88
C TYR A 496 4.87 13.94 -13.44
N ALA A 497 4.01 14.49 -12.58
CA ALA A 497 3.01 15.44 -13.03
C ALA A 497 3.66 16.71 -13.58
N GLN A 498 4.73 17.19 -12.92
CA GLN A 498 5.42 18.39 -13.39
C GLN A 498 6.05 18.16 -14.75
N ARG A 499 6.74 17.04 -14.93
CA ARG A 499 7.36 16.75 -16.22
C ARG A 499 6.32 16.57 -17.32
N GLY A 500 5.21 15.90 -17.00
CA GLY A 500 4.15 15.76 -17.98
C GLY A 500 3.55 17.09 -18.39
N TYR A 501 3.27 17.96 -17.42
CA TYR A 501 2.71 19.27 -17.72
C TYR A 501 3.68 20.11 -18.54
N GLU A 502 4.98 20.05 -18.22
CA GLU A 502 5.96 20.80 -18.97
C GLU A 502 6.08 20.30 -20.41
N HIS A 503 6.09 18.98 -20.59
CA HIS A 503 6.15 18.44 -21.95
C HIS A 503 4.87 18.74 -22.73
N TYR A 504 3.73 18.83 -22.04
CA TYR A 504 2.48 19.13 -22.73
C TYR A 504 2.41 20.60 -23.14
N ILE A 505 2.95 21.50 -22.30
CA ILE A 505 2.89 22.92 -22.64
C ILE A 505 4.04 23.36 -23.55
N LEU A 506 5.11 22.58 -23.63
CA LEU A 506 6.27 22.95 -24.45
C LEU A 506 6.38 22.15 -25.73
N LYS A 507 5.41 21.28 -26.04
CA LYS A 507 5.48 20.50 -27.27
C LYS A 507 5.27 21.32 -28.54
N PRO A 508 4.46 22.41 -28.52
CA PRO A 508 4.41 23.11 -29.80
C PRO A 508 5.68 23.91 -30.09
N CYS A 544 10.10 24.35 -10.28
CA CYS A 544 8.66 24.62 -10.32
C CYS A 544 8.23 25.41 -9.09
N GLY A 545 7.07 26.08 -9.20
CA GLY A 545 6.56 26.88 -8.10
C GLY A 545 5.93 26.06 -7.00
N SER A 546 5.58 24.80 -7.27
CA SER A 546 4.94 23.97 -6.24
C SER A 546 5.85 23.76 -5.04
N CYS A 547 7.17 23.75 -5.26
CA CYS A 547 8.14 23.63 -4.18
C CYS A 547 8.59 24.98 -3.65
N PHE A 548 7.83 26.05 -3.93
CA PHE A 548 8.22 27.39 -3.50
C PHE A 548 8.46 27.44 -2.00
N TRP A 549 7.48 26.98 -1.21
CA TRP A 549 7.65 26.95 0.23
C TRP A 549 8.84 26.08 0.63
N ALA A 550 9.09 25.00 -0.11
CA ALA A 550 10.24 24.15 0.18
C ALA A 550 11.54 24.93 0.11
N GLU A 551 11.58 26.02 -0.65
CA GLU A 551 12.75 26.88 -0.66
C GLU A 551 12.72 27.86 0.51
N VAL A 552 11.54 28.41 0.83
CA VAL A 552 11.44 29.41 1.89
C VAL A 552 11.85 28.82 3.23
N GLU A 553 11.55 27.54 3.46
CA GLU A 553 11.95 26.90 4.71
C GLU A 553 13.47 26.72 4.78
N GLU A 554 14.14 26.64 3.62
CA GLU A 554 15.58 26.44 3.64
C GLU A 554 16.34 27.75 3.80
N LEU A 555 15.87 28.81 3.14
CA LEU A 555 16.54 30.11 3.24
C LEU A 555 16.30 30.77 4.58
N LYS A 556 15.25 30.38 5.31
CA LYS A 556 14.98 30.98 6.61
C LYS A 556 15.99 30.51 7.63
N GLY A 557 16.47 31.44 8.45
CA GLY A 557 17.46 31.11 9.46
C GLY A 557 18.85 30.88 8.93
N LYS A 558 19.24 31.59 7.89
CA LYS A 558 20.55 31.46 7.28
C LYS A 558 21.15 32.85 7.05
N PRO A 559 22.48 32.96 7.06
CA PRO A 559 23.11 34.26 6.79
C PRO A 559 22.79 34.74 5.38
N TYR A 560 22.49 36.04 5.27
CA TYR A 560 22.10 36.61 3.99
C TYR A 560 23.25 36.59 2.99
N GLU A 561 24.49 36.70 3.47
CA GLU A 561 25.64 36.69 2.56
C GLU A 561 25.84 35.33 1.91
N GLU A 562 25.33 34.27 2.53
CA GLU A 562 25.54 32.92 1.98
C GLU A 562 24.45 32.53 1.00
N VAL A 563 23.24 33.08 1.16
CA VAL A 563 22.11 32.71 0.31
C VAL A 563 21.74 33.86 -0.61
N GLU A 564 22.74 34.63 -1.05
CA GLU A 564 22.47 35.76 -1.94
C GLU A 564 21.86 35.30 -3.26
N VAL A 565 22.53 34.36 -3.94
CA VAL A 565 22.08 33.93 -5.26
C VAL A 565 20.74 33.21 -5.16
N ARG A 566 20.54 32.42 -4.11
CA ARG A 566 19.28 31.70 -3.97
C ARG A 566 18.11 32.66 -3.71
N VAL A 567 18.32 33.65 -2.84
CA VAL A 567 17.28 34.62 -2.56
C VAL A 567 16.91 35.40 -3.83
N LYS A 568 17.93 35.87 -4.56
CA LYS A 568 17.63 36.65 -5.76
C LYS A 568 17.02 35.80 -6.87
N THR A 569 17.43 34.54 -6.99
CA THR A 569 16.83 33.68 -8.01
C THR A 569 15.38 33.37 -7.66
N LEU A 570 15.08 33.15 -6.38
CA LEU A 570 13.69 32.95 -5.98
C LEU A 570 12.86 34.20 -6.22
N GLU A 571 13.43 35.38 -5.94
CA GLU A 571 12.72 36.63 -6.18
C GLU A 571 12.49 36.88 -7.66
N GLY A 572 13.39 36.38 -8.51
CA GLY A 572 13.20 36.49 -9.94
C GLY A 572 12.19 35.49 -10.49
N MET A 573 12.13 34.31 -9.88
CA MET A 573 11.26 33.26 -10.41
C MET A 573 9.82 33.41 -9.95
N LEU A 574 9.59 33.76 -8.69
CA LEU A 574 8.20 33.78 -8.21
C LEU A 574 7.42 34.91 -8.86
N GLY A 575 8.09 35.94 -9.37
CA GLY A 575 7.40 37.00 -10.07
C GLY A 575 6.63 36.50 -11.27
N GLU A 576 7.20 35.56 -12.02
CA GLU A 576 6.48 34.93 -13.12
C GLU A 576 5.63 33.76 -12.63
N TRP A 577 6.05 33.12 -11.52
CA TRP A 577 5.23 32.04 -10.96
C TRP A 577 3.88 32.54 -10.47
N ILE A 578 3.78 33.83 -10.15
CA ILE A 578 2.50 34.41 -9.78
C ILE A 578 1.59 34.53 -11.00
N THR A 579 2.14 34.99 -12.12
CA THR A 579 1.30 35.31 -13.27
C THR A 579 0.92 34.06 -14.07
N ASP A 580 1.81 33.06 -14.15
CA ASP A 580 1.49 31.89 -14.96
C ASP A 580 0.48 30.99 -14.27
N GLY A 581 0.35 31.07 -12.95
CA GLY A 581 -0.64 30.31 -12.22
C GLY A 581 -0.13 29.22 -11.31
N GLU A 582 1.18 29.11 -11.11
CA GLU A 582 1.71 28.07 -10.24
C GLU A 582 1.51 28.41 -8.78
N VAL A 583 1.74 29.67 -8.41
CA VAL A 583 1.55 30.13 -7.03
C VAL A 583 0.50 31.24 -7.04
N ASP A 584 -0.14 31.43 -5.89
CA ASP A 584 -1.23 32.37 -5.75
C ASP A 584 -0.75 33.66 -5.09
N ASP A 585 -1.36 34.78 -5.48
CA ASP A 585 -0.90 36.09 -5.04
C ASP A 585 -1.44 36.47 -3.67
N LYS A 586 -2.58 35.92 -3.27
CA LYS A 586 -3.25 36.38 -2.06
C LYS A 586 -2.63 35.79 -0.80
N GLU A 587 -2.37 34.48 -0.79
CA GLU A 587 -1.97 33.81 0.45
C GLU A 587 -0.55 34.19 0.85
N ILE A 588 0.36 34.30 -0.11
CA ILE A 588 1.76 34.54 0.22
C ILE A 588 1.99 35.96 0.74
N PHE A 589 1.06 36.88 0.44
CA PHE A 589 1.22 38.27 0.80
C PHE A 589 0.39 38.68 2.00
N LEU A 590 -0.16 37.72 2.74
CA LEU A 590 -0.91 38.06 3.95
C LEU A 590 0.05 38.42 5.09
N GLU A 591 -0.51 39.01 6.14
CA GLU A 591 0.29 39.41 7.29
C GLU A 591 0.78 38.19 8.06
N GLY A 592 -0.07 37.18 8.22
CA GLY A 592 0.28 35.98 8.95
C GLY A 592 1.06 34.94 8.18
N SER A 593 1.43 35.23 6.94
CA SER A 593 2.17 34.26 6.13
C SER A 593 3.63 34.22 6.56
N THR A 594 4.23 33.03 6.40
CA THR A 594 5.64 32.87 6.73
C THR A 594 6.53 33.61 5.74
N PHE A 595 6.11 33.72 4.48
CA PHE A 595 6.93 34.40 3.48
C PHE A 595 7.09 35.89 3.80
N ARG A 596 6.05 36.51 4.38
CA ARG A 596 6.16 37.91 4.76
C ARG A 596 7.17 38.10 5.87
N LYS A 597 7.15 37.21 6.87
CA LYS A 597 8.15 37.30 7.94
C LYS A 597 9.56 37.03 7.42
N TRP A 598 9.69 36.10 6.47
CA TRP A 598 11.00 35.82 5.90
C TRP A 598 11.51 36.99 5.06
N TRP A 599 10.60 37.72 4.41
CA TRP A 599 11.02 38.91 3.67
C TRP A 599 11.32 40.09 4.60
N ILE A 600 10.64 40.15 5.75
CA ILE A 600 10.90 41.21 6.71
C ILE A 600 12.25 41.01 7.38
N THR A 601 12.53 39.78 7.82
CA THR A 601 13.81 39.50 8.48
C THR A 601 15.01 39.62 7.55
N LEU A 602 14.77 39.75 6.24
CA LEU A 602 15.87 39.96 5.31
C LEU A 602 16.44 41.36 5.51
N PRO A 603 17.72 41.57 5.16
CA PRO A 603 18.31 42.91 5.31
C PRO A 603 17.58 43.95 4.47
N LYS A 604 17.59 45.19 4.97
CA LYS A 604 16.89 46.27 4.29
C LYS A 604 17.53 46.60 2.94
N ASN A 605 18.83 46.34 2.80
CA ASN A 605 19.51 46.61 1.53
C ASN A 605 18.92 45.76 0.40
N HIS A 606 18.67 44.47 0.68
CA HIS A 606 18.07 43.62 -0.32
C HIS A 606 16.59 43.91 -0.51
N LYS A 607 15.89 44.32 0.57
CA LYS A 607 14.46 44.60 0.46
C LYS A 607 14.19 45.88 -0.32
N SER A 608 15.10 46.84 -0.27
CA SER A 608 14.90 48.09 -1.01
C SER A 608 14.96 47.85 -2.51
N HIS A 609 15.96 47.12 -2.98
CA HIS A 609 16.13 46.83 -4.39
C HIS A 609 15.37 45.58 -4.84
N SER A 610 14.59 44.97 -3.96
CA SER A 610 13.86 43.77 -4.32
C SER A 610 12.72 44.11 -5.28
N PRO A 611 12.46 43.26 -6.28
CA PRO A 611 11.35 43.56 -7.20
C PRO A 611 9.99 43.40 -6.55
N LEU A 612 9.82 42.41 -5.67
CA LEU A 612 8.55 42.19 -4.97
C LEU A 612 8.50 43.12 -3.76
N ARG A 613 8.25 44.40 -4.04
CA ARG A 613 8.19 45.42 -3.01
C ARG A 613 6.79 45.57 -2.42
N ASP A 614 5.83 44.78 -2.86
CA ASP A 614 4.48 44.87 -2.32
C ASP A 614 4.43 44.34 -0.89
N TYR A 615 3.78 45.08 -0.02
CA TYR A 615 3.66 44.68 1.39
C TYR A 615 2.43 45.30 2.03
N SER B 5 2.15 -19.79 -16.00
CA SER B 5 1.47 -20.94 -16.59
C SER B 5 2.48 -22.01 -17.00
N SER B 6 2.02 -23.01 -17.76
CA SER B 6 2.90 -24.07 -18.21
C SER B 6 3.78 -23.61 -19.36
N LEU B 7 3.22 -22.83 -20.29
CA LEU B 7 4.00 -22.34 -21.41
C LEU B 7 5.06 -21.33 -20.98
N LYS B 8 4.80 -20.59 -19.90
CA LYS B 8 5.82 -19.69 -19.37
C LYS B 8 7.01 -20.48 -18.83
N GLY B 9 6.75 -21.57 -18.10
CA GLY B 9 7.82 -22.43 -17.64
C GLY B 9 8.55 -23.08 -18.80
N SER B 10 7.81 -23.45 -19.85
CA SER B 10 8.46 -24.03 -21.03
C SER B 10 9.35 -23.01 -21.73
N ALA B 11 8.91 -21.75 -21.79
CA ALA B 11 9.74 -20.72 -22.41
C ALA B 11 10.99 -20.45 -21.57
N LEU B 12 10.85 -20.45 -20.24
CA LEU B 12 12.02 -20.30 -19.38
C LEU B 12 12.98 -21.46 -19.57
N GLY B 13 12.46 -22.68 -19.63
CA GLY B 13 13.32 -23.83 -19.86
C GLY B 13 14.03 -23.78 -21.20
N LYS B 14 13.31 -23.35 -22.24
CA LYS B 14 13.93 -23.20 -23.56
C LYS B 14 15.03 -22.16 -23.53
N LEU B 15 14.79 -21.04 -22.84
CA LEU B 15 15.81 -20.00 -22.72
C LEU B 15 17.05 -20.54 -22.01
N VAL B 16 16.86 -21.25 -20.90
CA VAL B 16 18.02 -21.72 -20.15
C VAL B 16 18.72 -22.88 -20.83
N VAL B 17 18.02 -23.64 -21.68
CA VAL B 17 18.69 -24.74 -22.36
C VAL B 17 19.41 -24.26 -23.61
N THR B 18 18.89 -23.23 -24.28
CA THR B 18 19.61 -22.64 -25.41
C THR B 18 20.70 -21.69 -24.95
N SER B 19 20.65 -21.23 -23.69
CA SER B 19 21.72 -20.40 -23.17
C SER B 19 23.04 -21.15 -23.07
N GLY B 20 22.99 -22.46 -22.86
CA GLY B 20 24.20 -23.27 -22.84
C GLY B 20 24.86 -23.43 -21.50
N LEU B 21 24.13 -23.28 -20.39
CA LEU B 21 24.73 -23.49 -19.07
C LEU B 21 24.83 -24.96 -18.73
N LEU B 22 23.78 -25.74 -19.01
CA LEU B 22 23.73 -27.13 -18.56
C LEU B 22 24.76 -27.99 -19.29
N HIS B 23 24.96 -27.76 -20.59
CA HIS B 23 25.93 -28.56 -21.33
C HIS B 23 27.33 -28.35 -20.79
N SER B 24 27.75 -27.10 -20.63
CA SER B 24 29.08 -26.82 -20.11
C SER B 24 29.23 -27.31 -18.68
N SER B 25 28.19 -27.17 -17.87
CA SER B 25 28.26 -27.62 -16.47
C SER B 25 28.45 -29.14 -16.41
N TRP B 26 27.65 -29.90 -17.16
CA TRP B 26 27.77 -31.35 -17.15
C TRP B 26 29.12 -31.78 -17.72
N SER B 27 29.57 -31.13 -18.80
CA SER B 27 30.86 -31.49 -19.39
C SER B 27 31.99 -31.26 -18.40
N LYS B 28 32.00 -30.10 -17.73
CA LYS B 28 33.07 -29.80 -16.77
C LYS B 28 33.01 -30.73 -15.57
N ILE B 29 31.81 -31.05 -15.10
CA ILE B 29 31.68 -31.95 -13.95
C ILE B 29 32.21 -33.34 -14.30
N LEU B 30 31.85 -33.85 -15.47
CA LEU B 30 32.33 -35.18 -15.85
C LEU B 30 33.81 -35.18 -16.18
N GLU B 31 34.34 -34.06 -16.70
CA GLU B 31 35.78 -33.97 -16.93
C GLU B 31 36.55 -33.94 -15.62
N ILE B 32 36.00 -33.27 -14.60
CA ILE B 32 36.61 -33.33 -13.27
C ILE B 32 36.47 -34.72 -12.68
N HIS B 33 35.40 -35.43 -13.02
CA HIS B 33 35.25 -36.81 -12.55
C HIS B 33 36.24 -37.74 -13.26
N ASN B 34 36.43 -37.55 -14.55
CA ASN B 34 37.36 -38.38 -15.32
C ASN B 34 38.81 -38.05 -14.95
N GLY B 54 35.32 -38.26 -2.54
CA GLY B 54 35.53 -37.31 -1.45
C GLY B 54 35.14 -35.89 -1.81
N LEU B 55 36.00 -34.94 -1.46
CA LEU B 55 35.77 -33.53 -1.75
C LEU B 55 36.65 -33.13 -2.94
N GLU B 56 36.01 -32.64 -4.00
CA GLU B 56 36.70 -32.21 -5.21
C GLU B 56 36.57 -30.70 -5.34
N PHE B 57 37.70 -30.02 -5.47
CA PHE B 57 37.74 -28.56 -5.60
C PHE B 57 38.29 -28.20 -6.97
N GLN B 58 37.64 -27.25 -7.64
CA GLN B 58 38.03 -26.79 -8.96
C GLN B 58 38.35 -25.31 -8.92
N ILE B 59 39.40 -24.93 -9.65
CA ILE B 59 39.83 -23.53 -9.72
C ILE B 59 39.73 -23.04 -11.16
N HIS B 60 38.78 -23.61 -11.92
CA HIS B 60 38.62 -23.23 -13.31
C HIS B 60 38.05 -21.81 -13.42
N ARG B 61 38.71 -20.97 -14.21
CA ARG B 61 38.30 -19.59 -14.43
C ARG B 61 38.06 -19.37 -15.91
N GLU B 62 36.93 -18.75 -16.24
CA GLU B 62 36.55 -18.45 -17.62
C GLU B 62 36.42 -16.95 -17.80
N GLU B 63 36.45 -16.53 -19.07
CA GLU B 63 36.37 -15.09 -19.37
C GLU B 63 34.96 -14.56 -19.15
N LYS B 64 33.94 -15.36 -19.46
CA LYS B 64 32.56 -14.91 -19.28
C LYS B 64 32.17 -14.93 -17.81
N PHE B 65 32.22 -16.10 -17.18
CA PHE B 65 31.89 -16.24 -15.77
C PHE B 65 32.61 -17.45 -15.23
N THR B 66 32.93 -17.40 -13.93
CA THR B 66 33.63 -18.49 -13.29
C THR B 66 32.67 -19.64 -12.98
N LEU B 67 33.08 -20.85 -13.34
CA LEU B 67 32.29 -22.05 -13.07
C LEU B 67 33.19 -23.06 -12.39
N VAL B 68 32.81 -23.47 -11.18
CA VAL B 68 33.59 -24.38 -10.36
C VAL B 68 32.70 -25.53 -9.92
N VAL B 69 33.31 -26.70 -9.71
CA VAL B 69 32.60 -27.92 -9.34
C VAL B 69 33.11 -28.37 -7.98
N PHE B 70 32.21 -28.41 -7.00
CA PHE B 70 32.53 -28.92 -5.67
C PHE B 70 31.83 -30.27 -5.50
N SER B 71 32.61 -31.34 -5.63
CA SER B 71 32.07 -32.69 -5.48
C SER B 71 32.99 -33.55 -4.64
N ALA B 112 26.14 -35.84 4.78
CA ALA B 112 27.14 -35.06 4.06
C ALA B 112 27.67 -33.92 4.93
N PHE B 113 27.22 -33.87 6.18
CA PHE B 113 27.66 -32.82 7.09
C PHE B 113 29.11 -33.03 7.50
N ASN B 114 29.53 -34.28 7.65
CA ASN B 114 30.91 -34.56 8.05
C ASN B 114 31.90 -34.14 6.97
N LEU B 115 31.55 -34.38 5.69
CA LEU B 115 32.44 -33.97 4.61
C LEU B 115 32.56 -32.45 4.53
N PHE B 116 31.49 -31.72 4.83
CA PHE B 116 31.57 -30.27 4.83
C PHE B 116 32.34 -29.75 6.04
N THR B 117 32.18 -30.40 7.19
CA THR B 117 32.89 -29.95 8.39
C THR B 117 34.37 -30.28 8.33
N SER B 118 34.75 -31.33 7.59
CA SER B 118 36.16 -31.70 7.50
C SER B 118 36.96 -30.67 6.71
N ALA B 119 36.35 -30.04 5.72
CA ALA B 119 37.01 -29.06 4.87
C ALA B 119 36.66 -27.63 5.26
N SER B 120 36.52 -27.37 6.56
CA SER B 120 36.10 -26.03 7.01
C SER B 120 37.12 -24.97 6.63
N THR B 121 38.42 -25.27 6.76
CA THR B 121 39.44 -24.30 6.39
C THR B 121 39.46 -24.07 4.88
N SER B 122 39.40 -25.15 4.11
CA SER B 122 39.32 -25.01 2.66
C SER B 122 38.03 -24.31 2.25
N LEU B 123 36.93 -24.56 2.96
CA LEU B 123 35.68 -23.88 2.65
C LEU B 123 35.80 -22.38 2.91
N THR B 124 36.45 -21.99 4.01
CA THR B 124 36.64 -20.58 4.30
C THR B 124 37.56 -19.92 3.28
N TYR B 125 38.62 -20.61 2.87
CA TYR B 125 39.51 -20.07 1.84
C TYR B 125 38.77 -19.87 0.53
N LEU B 126 37.97 -20.87 0.13
CA LEU B 126 37.21 -20.76 -1.11
C LEU B 126 36.15 -19.67 -1.01
N LYS B 127 35.56 -19.48 0.17
CA LYS B 127 34.59 -18.41 0.33
C LYS B 127 35.23 -17.04 0.23
N SER B 128 36.44 -16.88 0.81
CA SER B 128 37.17 -15.64 0.65
C SER B 128 37.52 -15.38 -0.81
N GLU B 129 37.95 -16.42 -1.52
CA GLU B 129 38.26 -16.28 -2.94
C GLU B 129 37.02 -15.90 -3.74
N LEU B 130 35.88 -16.53 -3.43
CA LEU B 130 34.64 -16.22 -4.13
C LEU B 130 34.17 -14.80 -3.84
N LEU B 131 34.36 -14.32 -2.61
CA LEU B 131 34.01 -12.94 -2.30
C LEU B 131 34.91 -11.97 -3.04
N GLN B 132 36.22 -12.26 -3.09
CA GLN B 132 37.13 -11.40 -3.85
C GLN B 132 36.80 -11.41 -5.34
N THR B 133 36.30 -12.53 -5.86
CA THR B 133 35.93 -12.59 -7.27
C THR B 133 34.62 -11.85 -7.53
N LEU B 134 33.65 -11.99 -6.63
CA LEU B 134 32.38 -11.28 -6.79
C LEU B 134 32.54 -9.78 -6.57
N LYS B 135 33.61 -9.37 -5.88
CA LYS B 135 33.89 -7.95 -5.74
C LYS B 135 34.17 -7.30 -7.09
N SER B 136 34.63 -8.09 -8.07
CA SER B 136 34.88 -7.61 -9.43
C SER B 136 33.63 -7.64 -10.31
N GLU B 137 32.45 -7.81 -9.71
CA GLU B 137 31.18 -7.85 -10.43
C GLU B 137 31.16 -8.97 -11.46
N LYS B 138 31.65 -10.14 -11.07
CA LYS B 138 31.67 -11.31 -11.92
C LYS B 138 30.85 -12.42 -11.28
N PRO B 139 29.92 -13.04 -12.01
CA PRO B 139 29.12 -14.11 -11.41
C PRO B 139 29.88 -15.43 -11.36
N VAL B 140 29.74 -16.13 -10.24
CA VAL B 140 30.39 -17.42 -10.02
C VAL B 140 29.31 -18.46 -9.80
N ILE B 141 29.43 -19.59 -10.48
CA ILE B 141 28.46 -20.68 -10.39
C ILE B 141 29.18 -21.94 -9.90
N ILE B 142 28.56 -22.60 -8.92
CA ILE B 142 29.09 -23.82 -8.32
C ILE B 142 28.15 -24.97 -8.67
N THR B 143 28.70 -26.02 -9.28
CA THR B 143 27.94 -27.18 -9.68
C THR B 143 28.53 -28.43 -9.05
N GLY B 144 27.83 -29.56 -9.20
CA GLY B 144 28.33 -30.79 -8.63
C GLY B 144 27.54 -31.99 -9.12
N ALA B 145 28.02 -33.16 -8.72
CA ALA B 145 27.38 -34.44 -9.03
C ALA B 145 26.23 -34.71 -8.07
N ALA B 146 25.76 -35.95 -8.03
CA ALA B 146 24.67 -36.31 -7.12
C ALA B 146 24.97 -35.87 -5.69
N LEU B 147 26.05 -36.40 -5.10
CA LEU B 147 26.49 -35.89 -3.81
C LEU B 147 27.18 -34.54 -3.93
N GLY B 148 27.84 -34.29 -5.07
CA GLY B 148 28.42 -32.99 -5.32
C GLY B 148 27.39 -31.88 -5.36
N GLY B 149 26.17 -32.19 -5.82
CA GLY B 149 25.11 -31.20 -5.79
C GLY B 149 24.73 -30.78 -4.39
N SER B 150 24.57 -31.74 -3.49
CA SER B 150 24.27 -31.40 -2.09
C SER B 150 25.43 -30.68 -1.44
N VAL B 151 26.66 -31.08 -1.76
CA VAL B 151 27.83 -30.39 -1.21
C VAL B 151 27.85 -28.94 -1.66
N ALA B 152 27.64 -28.69 -2.96
CA ALA B 152 27.62 -27.34 -3.48
C ALA B 152 26.45 -26.53 -2.92
N SER B 153 25.29 -27.17 -2.72
CA SER B 153 24.16 -26.47 -2.13
C SER B 153 24.44 -26.04 -0.70
N LEU B 154 25.03 -26.93 0.10
CA LEU B 154 25.40 -26.57 1.46
C LEU B 154 26.44 -25.45 1.45
N TYR B 155 27.41 -25.53 0.55
CA TYR B 155 28.45 -24.50 0.48
C TYR B 155 27.86 -23.14 0.13
N THR B 156 26.99 -23.09 -0.88
CA THR B 156 26.42 -21.80 -1.27
C THR B 156 25.43 -21.29 -0.24
N LEU B 157 24.73 -22.17 0.46
CA LEU B 157 23.85 -21.72 1.54
C LEU B 157 24.65 -21.14 2.69
N TRP B 158 25.82 -21.72 2.97
CA TRP B 158 26.68 -21.15 4.01
C TRP B 158 27.31 -19.84 3.57
N LEU B 159 27.61 -19.71 2.28
CA LEU B 159 28.29 -18.51 1.78
C LEU B 159 27.34 -17.36 1.49
N LEU B 160 26.04 -17.63 1.30
CA LEU B 160 25.11 -16.57 0.97
C LEU B 160 24.94 -15.58 2.12
N GLU B 161 25.15 -16.02 3.36
CA GLU B 161 25.02 -15.11 4.49
C GLU B 161 26.08 -14.01 4.43
N THR B 162 27.30 -14.35 4.03
CA THR B 162 28.35 -13.35 3.90
C THR B 162 28.24 -12.57 2.60
N ILE B 163 27.70 -13.19 1.55
CA ILE B 163 27.57 -12.51 0.26
C ILE B 163 26.44 -11.50 0.34
N GLU B 164 26.73 -10.26 -0.06
CA GLU B 164 25.72 -9.21 -0.03
C GLU B 164 24.78 -9.35 -1.23
N PRO B 165 23.49 -9.10 -1.04
CA PRO B 165 22.56 -9.19 -2.18
C PRO B 165 22.81 -8.17 -3.27
N THR B 166 23.44 -7.04 -2.93
CA THR B 166 23.74 -6.03 -3.94
C THR B 166 24.77 -6.53 -4.94
N LEU B 167 25.71 -7.37 -4.50
CA LEU B 167 26.71 -7.94 -5.39
C LEU B 167 26.12 -9.11 -6.16
N LYS B 168 26.96 -9.77 -6.94
CA LYS B 168 26.53 -10.93 -7.72
C LYS B 168 26.20 -12.08 -6.79
N ARG B 169 24.97 -12.57 -6.86
CA ARG B 169 24.55 -13.68 -6.01
C ARG B 169 25.03 -15.00 -6.59
N PRO B 170 25.61 -15.88 -5.80
CA PRO B 170 26.08 -17.16 -6.35
C PRO B 170 24.91 -18.07 -6.68
N LEU B 171 24.98 -18.67 -7.87
CA LEU B 171 23.95 -19.57 -8.38
C LEU B 171 24.52 -20.99 -8.42
N CYS B 172 23.91 -21.89 -7.67
CA CYS B 172 24.30 -23.29 -7.69
C CYS B 172 23.34 -24.08 -8.58
N ILE B 173 23.91 -24.95 -9.43
CA ILE B 173 23.17 -25.73 -10.40
C ILE B 173 23.46 -27.19 -10.11
N THR B 174 22.44 -27.94 -9.70
CA THR B 174 22.61 -29.35 -9.40
C THR B 174 21.76 -30.22 -10.32
N PHE B 175 22.29 -31.39 -10.65
CA PHE B 175 21.65 -32.34 -11.56
C PHE B 175 21.19 -33.53 -10.73
N GLY B 176 20.00 -33.43 -10.16
CA GLY B 176 19.40 -34.55 -9.43
C GLY B 176 20.11 -34.92 -8.15
N SER B 177 20.32 -33.96 -7.25
CA SER B 177 20.95 -34.24 -5.96
C SER B 177 19.88 -34.53 -4.91
N PRO B 178 19.84 -35.73 -4.34
CA PRO B 178 18.90 -35.98 -3.24
C PRO B 178 19.41 -35.48 -1.89
N LEU B 179 18.70 -34.52 -1.30
CA LEU B 179 19.06 -33.98 0.00
C LEU B 179 17.83 -34.03 0.90
N ILE B 180 18.09 -34.25 2.19
CA ILE B 180 17.03 -34.39 3.19
C ILE B 180 17.06 -33.16 4.06
N GLY B 181 16.12 -32.24 3.83
CA GLY B 181 16.00 -31.04 4.64
C GLY B 181 14.60 -30.88 5.19
N ASP B 182 14.48 -30.85 6.52
CA ASP B 182 13.17 -30.81 7.15
C ASP B 182 12.42 -29.52 6.80
N ALA B 183 11.11 -29.53 7.07
CA ALA B 183 10.28 -28.38 6.76
C ALA B 183 10.65 -27.14 7.56
N SER B 184 11.32 -27.31 8.70
CA SER B 184 11.77 -26.16 9.47
C SER B 184 12.80 -25.35 8.68
N LEU B 185 13.67 -26.02 7.95
CA LEU B 185 14.63 -25.32 7.11
C LEU B 185 13.97 -24.73 5.87
N GLN B 186 12.92 -25.37 5.37
CA GLN B 186 12.21 -24.83 4.21
C GLN B 186 11.37 -23.61 4.57
N GLN B 187 10.94 -23.51 5.84
CA GLN B 187 10.06 -22.41 6.24
C GLN B 187 10.78 -21.07 6.23
N ILE B 188 12.07 -21.04 6.53
CA ILE B 188 12.81 -19.78 6.53
C ILE B 188 12.99 -19.26 5.11
N LEU B 189 13.08 -20.15 4.14
CA LEU B 189 13.25 -19.80 2.74
C LEU B 189 12.04 -20.19 1.91
N GLU B 190 10.84 -19.99 2.47
CA GLU B 190 9.62 -20.28 1.74
C GLU B 190 9.46 -19.35 0.54
N ASN B 191 9.47 -18.04 0.79
CA ASN B 191 9.38 -17.05 -0.27
C ASN B 191 10.63 -16.19 -0.38
N SER B 192 11.72 -16.59 0.28
CA SER B 192 12.94 -15.81 0.26
C SER B 192 13.64 -15.93 -1.09
N VAL B 193 14.60 -15.03 -1.32
CA VAL B 193 15.38 -15.06 -2.56
C VAL B 193 16.39 -16.20 -2.58
N ARG B 194 16.58 -16.89 -1.45
CA ARG B 194 17.50 -18.02 -1.43
C ARG B 194 17.07 -19.12 -2.38
N ASN B 195 15.75 -19.32 -2.53
CA ASN B 195 15.25 -20.28 -3.50
C ASN B 195 15.69 -19.93 -4.91
N SER B 196 15.95 -18.65 -5.18
CA SER B 196 16.43 -18.23 -6.48
C SER B 196 17.87 -18.63 -6.74
N CYS B 197 18.63 -18.95 -5.68
CA CYS B 197 20.04 -19.31 -5.85
C CYS B 197 20.19 -20.74 -6.33
N PHE B 198 19.41 -21.67 -5.76
CA PHE B 198 19.55 -23.08 -6.06
C PHE B 198 18.65 -23.47 -7.22
N LEU B 199 19.22 -24.19 -8.19
CA LEU B 199 18.45 -24.70 -9.32
C LEU B 199 18.70 -26.21 -9.44
N HIS B 200 17.63 -26.99 -9.26
CA HIS B 200 17.68 -28.44 -9.31
C HIS B 200 17.06 -28.91 -10.62
N VAL B 201 17.81 -29.67 -11.40
CA VAL B 201 17.30 -30.28 -12.62
C VAL B 201 17.33 -31.79 -12.45
N VAL B 202 16.16 -32.42 -12.60
CA VAL B 202 16.00 -33.86 -12.39
C VAL B 202 15.27 -34.44 -13.59
N SER B 203 15.43 -35.75 -13.77
CA SER B 203 14.78 -36.45 -14.86
C SER B 203 13.31 -36.69 -14.56
N ALA B 204 12.55 -36.99 -15.62
CA ALA B 204 11.12 -37.26 -15.44
C ALA B 204 10.88 -38.57 -14.70
N GLN B 205 11.60 -39.63 -15.08
CA GLN B 205 11.43 -40.91 -14.40
C GLN B 205 12.06 -40.89 -13.01
N THR B 206 13.15 -40.15 -12.83
CA THR B 206 13.78 -40.06 -11.53
C THR B 206 12.95 -39.18 -10.60
N ARG B 207 12.81 -39.63 -9.35
CA ARG B 207 12.06 -38.89 -8.33
C ARG B 207 12.85 -38.92 -7.03
N ILE B 208 12.27 -38.33 -5.99
CA ILE B 208 12.87 -38.27 -4.67
C ILE B 208 11.86 -38.76 -3.65
N LYS B 209 12.27 -39.72 -2.83
CA LYS B 209 11.41 -40.25 -1.77
C LYS B 209 11.69 -39.49 -0.49
N MET B 210 10.81 -38.55 -0.14
CA MET B 210 10.98 -37.72 1.03
C MET B 210 9.66 -37.62 1.77
N ASP B 211 9.68 -37.93 3.07
CA ASP B 211 8.51 -37.81 3.93
C ASP B 211 8.57 -36.57 4.81
N PHE B 212 9.68 -36.38 5.53
CA PHE B 212 9.87 -35.18 6.33
C PHE B 212 10.65 -34.09 5.58
N PHE B 213 11.40 -34.46 4.55
CA PHE B 213 12.16 -33.47 3.79
C PHE B 213 11.24 -32.67 2.88
N LYS B 214 11.54 -31.39 2.73
CA LYS B 214 10.76 -30.50 1.90
C LYS B 214 11.64 -29.91 0.80
N PRO B 215 11.18 -29.90 -0.46
CA PRO B 215 12.00 -29.34 -1.53
C PRO B 215 12.04 -27.82 -1.47
N PHE B 216 13.22 -27.26 -1.73
CA PHE B 216 13.43 -25.82 -1.72
C PHE B 216 14.08 -25.39 -3.03
N GLY B 217 13.70 -24.22 -3.51
CA GLY B 217 14.25 -23.67 -4.73
C GLY B 217 13.48 -24.08 -5.97
N THR B 218 13.85 -23.48 -7.09
CA THR B 218 13.23 -23.80 -8.37
C THR B 218 13.69 -25.17 -8.86
N PHE B 219 12.76 -25.94 -9.40
CA PHE B 219 13.03 -27.29 -9.87
C PHE B 219 12.77 -27.34 -11.37
N LEU B 220 13.81 -27.63 -12.16
CA LEU B 220 13.69 -27.74 -13.60
C LEU B 220 13.44 -29.20 -13.96
N ILE B 221 12.19 -29.53 -14.24
CA ILE B 221 11.79 -30.89 -14.57
C ILE B 221 11.78 -31.04 -16.08
N CYS B 222 12.63 -31.94 -16.59
CA CYS B 222 12.69 -32.22 -18.02
C CYS B 222 11.83 -33.43 -18.34
N PHE B 223 11.34 -33.47 -19.58
CA PHE B 223 10.50 -34.57 -20.05
C PHE B 223 11.05 -35.13 -21.35
N ASP B 224 10.27 -35.98 -22.01
CA ASP B 224 10.69 -36.52 -23.30
C ASP B 224 10.86 -35.42 -24.34
N SER B 225 10.18 -34.29 -24.17
CA SER B 225 10.29 -33.15 -25.08
C SER B 225 10.29 -31.87 -24.25
N GLY B 226 11.45 -31.25 -24.10
CA GLY B 226 11.56 -29.99 -23.40
C GLY B 226 11.64 -30.13 -21.90
N CYS B 227 11.86 -28.99 -21.24
CA CYS B 227 11.93 -28.91 -19.78
C CYS B 227 11.15 -27.71 -19.32
N VAL B 228 10.53 -27.82 -18.14
CA VAL B 228 9.73 -26.76 -17.56
C VAL B 228 10.21 -26.49 -16.14
N CYS B 229 10.21 -25.22 -15.75
CA CYS B 229 10.64 -24.83 -14.41
C CYS B 229 9.44 -24.68 -13.49
N ILE B 230 9.59 -25.16 -12.26
CA ILE B 230 8.57 -25.07 -11.23
C ILE B 230 9.13 -24.22 -10.10
N GLU B 231 8.42 -23.14 -9.76
CA GLU B 231 8.84 -22.21 -8.73
C GLU B 231 8.03 -22.36 -7.44
N ASP B 232 7.20 -23.39 -7.34
CA ASP B 232 6.38 -23.65 -6.17
C ASP B 232 6.86 -24.91 -5.47
N HIS B 233 6.93 -24.86 -4.14
CA HIS B 233 7.38 -26.01 -3.38
C HIS B 233 6.31 -27.10 -3.33
N VAL B 234 5.04 -26.70 -3.29
CA VAL B 234 3.96 -27.67 -3.23
C VAL B 234 3.89 -28.47 -4.54
N ALA B 235 4.07 -27.79 -5.67
CA ALA B 235 4.06 -28.49 -6.95
C ALA B 235 5.26 -29.41 -7.09
N VAL B 236 6.42 -28.99 -6.57
CA VAL B 236 7.61 -29.84 -6.63
C VAL B 236 7.43 -31.07 -5.75
N THR B 237 6.76 -30.91 -4.60
CA THR B 237 6.49 -32.05 -3.74
C THR B 237 5.47 -32.99 -4.37
N GLU B 238 4.46 -32.44 -5.04
CA GLU B 238 3.45 -33.27 -5.70
C GLU B 238 4.06 -34.04 -6.87
N LEU B 239 4.96 -33.40 -7.63
CA LEU B 239 5.61 -34.09 -8.74
C LEU B 239 6.59 -35.14 -8.26
N LEU B 240 7.25 -34.90 -7.11
CA LEU B 240 8.18 -35.85 -6.53
C LEU B 240 7.53 -36.71 -5.45
N ASN B 241 6.22 -36.94 -5.56
CA ASN B 241 5.52 -37.76 -4.57
C ASN B 241 5.92 -39.23 -4.67
N GLY B 242 6.31 -39.68 -5.86
CA GLY B 242 6.71 -41.06 -6.02
C GLY B 242 8.02 -41.38 -5.33
N VAL B 243 8.32 -42.67 -5.26
CA VAL B 243 9.55 -43.11 -4.61
C VAL B 243 10.76 -42.72 -5.46
N HIS B 244 11.91 -42.64 -4.81
CA HIS B 244 13.14 -42.27 -5.50
C HIS B 244 13.60 -43.39 -6.41
N ASP B 245 14.15 -43.01 -7.57
CA ASP B 245 14.64 -43.98 -8.54
C ASP B 245 16.13 -44.22 -8.30
N SER B 246 16.49 -45.50 -8.12
CA SER B 246 17.88 -45.84 -7.89
C SER B 246 18.73 -45.65 -9.14
N GLY B 247 18.16 -45.97 -10.30
CA GLY B 247 18.91 -45.81 -11.54
C GLY B 247 19.04 -44.35 -11.92
N LEU B 248 20.25 -43.95 -12.31
CA LEU B 248 20.55 -42.58 -12.71
C LEU B 248 20.93 -42.57 -14.18
N VAL B 249 20.09 -41.93 -15.00
CA VAL B 249 20.37 -41.87 -16.43
C VAL B 249 21.45 -40.83 -16.70
N ASP B 250 22.09 -40.97 -17.87
CA ASP B 250 23.14 -40.03 -18.26
C ASP B 250 22.52 -38.68 -18.62
N TYR B 251 22.99 -37.62 -17.96
CA TYR B 251 22.45 -36.30 -18.21
C TYR B 251 22.88 -35.75 -19.56
N SER B 252 23.89 -36.34 -20.20
CA SER B 252 24.29 -35.90 -21.53
C SER B 252 23.20 -36.21 -22.55
N GLN B 253 22.62 -37.40 -22.49
CA GLN B 253 21.52 -37.73 -23.39
C GLN B 253 20.30 -36.86 -23.10
N VAL B 254 20.07 -36.52 -21.82
CA VAL B 254 18.95 -35.64 -21.48
C VAL B 254 19.18 -34.25 -22.06
N LEU B 255 20.42 -33.74 -21.99
CA LEU B 255 20.71 -32.44 -22.57
C LEU B 255 20.59 -32.46 -24.08
N ASN B 256 21.02 -33.56 -24.72
CA ASN B 256 20.87 -33.68 -26.16
C ASN B 256 19.39 -33.70 -26.56
N ARG B 257 18.56 -34.43 -25.80
CA ARG B 257 17.13 -34.46 -26.09
C ARG B 257 16.48 -33.10 -25.87
N LEU B 258 16.93 -32.38 -24.83
CA LEU B 258 16.40 -31.04 -24.59
C LEU B 258 16.78 -30.08 -25.72
N ASP B 259 18.02 -30.20 -26.22
CA ASP B 259 18.42 -29.37 -27.35
C ASP B 259 17.63 -29.72 -28.60
N GLN B 260 17.39 -31.01 -28.83
CA GLN B 260 16.60 -31.42 -30.00
C GLN B 260 15.16 -30.92 -29.89
N SER B 261 14.61 -30.91 -28.67
CA SER B 261 13.25 -30.41 -28.48
C SER B 261 13.19 -28.90 -28.64
N MET B 262 14.24 -28.19 -28.20
CA MET B 262 14.31 -26.76 -28.43
C MET B 262 14.43 -26.45 -29.92
N LEU B 263 15.12 -27.29 -30.68
CA LEU B 263 15.17 -27.13 -32.12
C LEU B 263 13.84 -27.47 -32.76
N SER B 264 13.02 -28.30 -32.11
CA SER B 264 11.72 -28.65 -32.64
C SER B 264 10.76 -27.46 -32.56
N LEU B 265 9.79 -27.44 -33.47
CA LEU B 265 8.86 -26.33 -33.53
C LEU B 265 7.70 -26.49 -32.56
N ALA B 266 7.30 -27.72 -32.25
CA ALA B 266 6.17 -28.00 -31.38
C ALA B 266 6.63 -28.75 -30.15
N ASP B 267 6.02 -28.42 -29.00
CA ASP B 267 6.31 -29.07 -27.74
C ASP B 267 5.03 -29.24 -26.95
N SER B 268 4.81 -30.45 -26.42
CA SER B 268 3.60 -30.74 -25.68
C SER B 268 3.73 -30.30 -24.22
N ARG B 269 2.58 -30.13 -23.56
CA ARG B 269 2.53 -29.73 -22.17
C ARG B 269 2.37 -30.98 -21.31
N LEU B 270 3.39 -31.29 -20.51
CA LEU B 270 3.37 -32.48 -19.68
C LEU B 270 2.63 -32.27 -18.36
N ILE B 271 2.55 -31.04 -17.88
CA ILE B 271 1.91 -30.75 -16.59
C ILE B 271 0.39 -30.77 -16.76
N PRO B 272 -0.31 -31.60 -16.02
CA PRO B 272 -1.79 -31.60 -16.09
C PRO B 272 -2.36 -30.36 -15.43
N GLU B 273 -3.67 -30.16 -15.65
CA GLU B 273 -4.33 -28.96 -15.16
C GLU B 273 -4.38 -28.90 -13.64
N ASP B 274 -4.47 -30.05 -12.98
CA ASP B 274 -4.53 -30.06 -11.52
C ASP B 274 -3.23 -29.53 -10.90
N VAL B 275 -2.11 -29.65 -11.62
CA VAL B 275 -0.85 -29.14 -11.09
C VAL B 275 -0.79 -27.62 -11.22
N ILE B 276 -1.21 -27.09 -12.37
CA ILE B 276 -1.10 -25.66 -12.62
C ILE B 276 -2.19 -24.88 -11.88
N LYS B 277 -3.31 -25.54 -11.55
CA LYS B 277 -4.43 -24.84 -10.95
C LYS B 277 -4.05 -24.23 -9.60
N GLY B 278 -3.49 -25.06 -8.71
CA GLY B 278 -3.10 -24.56 -7.39
C GLY B 278 -2.04 -23.48 -7.47
N ILE B 279 -1.07 -23.66 -8.37
CA ILE B 279 -0.03 -22.66 -8.55
C ILE B 279 -0.65 -21.33 -8.98
N GLU B 280 -1.53 -21.37 -9.98
CA GLU B 280 -2.14 -20.15 -10.48
C GLU B 280 -2.99 -19.47 -9.42
N LYS B 281 -3.75 -20.24 -8.64
CA LYS B 281 -4.62 -19.61 -7.64
C LYS B 281 -3.82 -19.09 -6.45
N ARG B 282 -2.68 -19.71 -6.13
CA ARG B 282 -1.81 -19.15 -5.12
C ARG B 282 -1.10 -17.91 -5.63
N ALA B 283 -0.88 -17.81 -6.94
CA ALA B 283 -0.23 -16.65 -7.52
C ALA B 283 -0.98 -15.37 -7.21
N GLU B 284 -2.30 -15.37 -7.42
CA GLU B 284 -3.04 -14.12 -7.25
C GLU B 284 -3.06 -13.68 -5.79
N MET B 285 -3.14 -14.62 -4.83
CA MET B 285 -3.15 -14.21 -3.43
C MET B 285 -1.77 -13.73 -2.99
N LYS B 286 -0.71 -14.44 -3.38
CA LYS B 286 0.64 -14.01 -3.04
C LYS B 286 1.05 -12.74 -3.78
N ASN B 287 0.30 -12.34 -4.82
CA ASN B 287 0.54 -11.06 -5.47
C ASN B 287 -0.36 -9.95 -4.97
N LEU B 288 -1.53 -10.27 -4.42
CA LEU B 288 -2.43 -9.26 -3.90
C LEU B 288 -2.14 -8.91 -2.45
N ARG B 289 -1.46 -9.79 -1.70
CA ARG B 289 -1.03 -9.40 -0.36
C ARG B 289 -0.18 -8.15 -0.39
N PHE B 290 0.73 -8.07 -1.37
CA PHE B 290 1.61 -6.91 -1.51
C PHE B 290 0.79 -5.63 -1.68
N ASP B 291 -0.15 -5.62 -2.63
CA ASP B 291 -0.91 -4.41 -2.91
C ASP B 291 -1.91 -4.09 -1.81
N MET B 292 -2.44 -5.10 -1.11
CA MET B 292 -3.36 -4.79 -0.02
C MET B 292 -2.62 -4.20 1.17
N MET B 293 -1.37 -4.64 1.40
CA MET B 293 -0.55 -3.95 2.39
C MET B 293 -0.23 -2.52 1.95
N PHE B 294 0.08 -2.36 0.65
CA PHE B 294 0.35 -1.02 0.11
C PHE B 294 -0.83 -0.09 0.33
N LYS B 295 -2.06 -0.59 0.17
CA LYS B 295 -3.24 0.24 0.35
C LYS B 295 -3.63 0.40 1.81
N LYS B 296 -3.29 -0.55 2.68
CA LYS B 296 -3.54 -0.40 4.11
C LYS B 296 -2.55 0.56 4.76
N LEU B 297 -1.39 0.78 4.15
CA LEU B 297 -0.48 1.79 4.66
C LEU B 297 -1.19 3.13 4.87
N ASN B 298 -2.12 3.46 3.97
CA ASN B 298 -2.77 4.77 4.03
C ASN B 298 -3.69 4.92 5.24
N ASP B 299 -4.46 3.89 5.59
CA ASP B 299 -5.32 4.03 6.76
C ASP B 299 -4.52 3.81 8.05
N MET B 300 -3.40 3.09 7.96
CA MET B 300 -2.47 3.10 9.09
C MET B 300 -1.94 4.50 9.36
N LYS B 301 -1.71 5.28 8.29
CA LYS B 301 -1.31 6.67 8.47
C LYS B 301 -2.41 7.45 9.20
N ILE B 302 -3.67 7.17 8.89
CA ILE B 302 -4.78 7.87 9.55
C ILE B 302 -4.86 7.48 11.02
N SER B 303 -4.60 6.20 11.33
CA SER B 303 -4.54 5.78 12.72
C SER B 303 -3.42 6.49 13.47
N MET B 304 -2.26 6.63 12.83
CA MET B 304 -1.17 7.37 13.45
C MET B 304 -1.55 8.84 13.64
N ALA B 305 -2.31 9.43 12.72
CA ALA B 305 -2.79 10.79 12.91
C ALA B 305 -3.76 10.89 14.09
N TYR B 306 -4.61 9.88 14.26
CA TYR B 306 -5.49 9.82 15.43
C TYR B 306 -4.67 9.82 16.71
N ILE B 307 -3.63 8.98 16.76
CA ILE B 307 -2.77 8.92 17.94
C ILE B 307 -2.05 10.25 18.15
N GLU B 308 -1.65 10.91 17.07
CA GLU B 308 -0.98 12.20 17.18
C GLU B 308 -1.91 13.25 17.79
N TRP B 309 -3.16 13.28 17.34
CA TRP B 309 -4.11 14.22 17.91
C TRP B 309 -4.42 13.89 19.38
N TYR B 310 -4.49 12.61 19.72
CA TYR B 310 -4.66 12.22 21.12
C TYR B 310 -3.51 12.74 21.97
N LYS B 311 -2.28 12.55 21.50
CA LYS B 311 -1.12 13.03 22.24
C LYS B 311 -1.13 14.57 22.34
N LYS B 312 -1.53 15.24 21.27
CA LYS B 312 -1.58 16.70 21.30
C LYS B 312 -2.60 17.20 22.33
N LYS B 313 -3.76 16.54 22.41
CA LYS B 313 -4.74 16.93 23.42
C LYS B 313 -4.25 16.60 24.82
N CYS B 314 -3.59 15.45 24.99
CA CYS B 314 -3.06 15.09 26.31
C CYS B 314 -1.97 16.06 26.76
N LYS B 315 -1.25 16.66 25.81
CA LYS B 315 -0.23 17.64 26.17
C LYS B 315 -0.82 18.85 26.87
N GLU B 316 -2.06 19.21 26.55
CA GLU B 316 -2.70 20.36 27.17
C GLU B 316 -2.77 20.20 28.69
N VAL B 317 -3.20 19.02 29.15
CA VAL B 317 -3.14 18.71 30.57
C VAL B 317 -1.69 18.55 30.97
N LYS B 318 -1.35 18.94 32.20
CA LYS B 318 0.03 18.93 32.65
C LYS B 318 0.48 17.51 32.98
N ILE B 319 0.45 16.63 31.98
CA ILE B 319 0.88 15.25 32.15
C ILE B 319 1.14 14.68 30.76
N GLY B 320 2.18 13.84 30.65
CA GLY B 320 2.54 13.26 29.38
C GLY B 320 1.60 12.13 28.97
N TYR B 321 1.68 11.77 27.69
CA TYR B 321 0.83 10.71 27.17
C TYR B 321 1.28 9.33 27.62
N TYR B 322 2.57 9.14 27.89
CA TYR B 322 3.05 7.86 28.41
C TYR B 322 2.48 7.59 29.80
N ASP B 323 2.59 8.57 30.70
CA ASP B 323 2.05 8.40 32.05
C ASP B 323 0.53 8.31 32.03
N ARG B 324 -0.13 9.03 31.12
CA ARG B 324 -1.58 8.93 31.01
C ARG B 324 -2.00 7.53 30.57
N PHE B 325 -1.33 6.98 29.55
CA PHE B 325 -1.61 5.61 29.15
C PHE B 325 -1.35 4.64 30.29
N LYS B 326 -0.25 4.84 31.03
CA LYS B 326 0.09 3.94 32.13
C LYS B 326 -0.96 4.00 33.24
N THR B 327 -1.51 5.18 33.49
CA THR B 327 -2.46 5.31 34.61
C THR B 327 -3.87 4.89 34.20
N GLN B 328 -4.24 5.06 32.93
CA GLN B 328 -5.54 4.59 32.49
C GLN B 328 -5.55 3.13 32.06
N LEU B 329 -4.38 2.49 31.95
CA LEU B 329 -4.37 1.04 31.74
C LEU B 329 -4.80 0.30 32.99
N ALA B 330 -4.49 0.84 34.17
CA ALA B 330 -4.90 0.24 35.43
C ALA B 330 -6.28 0.69 35.88
N PHE B 331 -6.67 1.93 35.55
CA PHE B 331 -7.98 2.47 35.88
C PHE B 331 -8.67 2.87 34.58
N PRO B 332 -9.27 1.91 33.87
CA PRO B 332 -9.92 2.23 32.59
C PRO B 332 -11.12 3.13 32.78
N SER B 333 -11.16 4.23 32.03
CA SER B 333 -12.25 5.19 32.11
C SER B 333 -12.17 6.12 30.91
N LYS B 334 -13.18 6.98 30.80
CA LYS B 334 -13.24 8.08 29.82
C LYS B 334 -13.47 7.60 28.40
N GLU B 335 -13.46 6.28 28.19
CA GLU B 335 -13.96 5.66 26.96
C GLU B 335 -13.15 6.00 25.72
N PHE B 336 -12.11 6.82 25.84
CA PHE B 336 -11.28 7.18 24.70
C PHE B 336 -9.93 6.50 24.70
N ASP B 337 -9.26 6.44 25.85
CA ASP B 337 -8.01 5.70 25.94
C ASP B 337 -8.22 4.22 25.65
N ILE B 338 -9.41 3.70 25.92
CA ILE B 338 -9.72 2.32 25.58
C ILE B 338 -9.67 2.13 24.07
N ASN B 339 -10.26 3.07 23.31
CA ASN B 339 -10.20 2.98 21.86
C ASN B 339 -8.79 3.20 21.34
N ILE B 340 -8.03 4.10 21.98
CA ILE B 340 -6.65 4.33 21.56
C ILE B 340 -5.81 3.08 21.75
N LYS B 341 -6.08 2.33 22.83
CA LYS B 341 -5.29 1.15 23.13
C LYS B 341 -5.71 -0.06 22.31
N ASN B 342 -7.02 -0.25 22.12
CA ASN B 342 -7.53 -1.48 21.50
C ASN B 342 -7.80 -1.35 20.01
N HIS B 343 -8.00 -0.14 19.49
CA HIS B 343 -8.35 0.05 18.09
C HIS B 343 -7.22 0.69 17.28
N HIS B 344 -6.72 1.85 17.72
CA HIS B 344 -5.69 2.56 16.97
C HIS B 344 -4.28 2.07 17.28
N LYS B 345 -4.13 1.00 18.06
CA LYS B 345 -2.83 0.47 18.41
C LYS B 345 -2.60 -0.95 17.93
N SER B 346 -3.60 -1.82 18.02
CA SER B 346 -3.44 -3.20 17.57
C SER B 346 -3.34 -3.29 16.06
N GLU B 347 -4.10 -2.46 15.33
CA GLU B 347 -4.03 -2.45 13.87
C GLU B 347 -2.63 -2.12 13.41
N LEU B 348 -2.06 -1.04 13.95
CA LEU B 348 -0.72 -0.61 13.55
C LEU B 348 0.32 -1.65 13.89
N ASN B 349 0.24 -2.23 15.10
CA ASN B 349 1.20 -3.25 15.50
C ASN B 349 1.15 -4.46 14.57
N ARG B 350 -0.06 -4.96 14.30
CA ARG B 350 -0.20 -6.13 13.44
C ARG B 350 0.30 -5.84 12.02
N PHE B 351 -0.08 -4.67 11.48
CA PHE B 351 0.33 -4.32 10.13
C PHE B 351 1.84 -4.20 10.02
N TRP B 352 2.47 -3.53 10.97
CA TRP B 352 3.92 -3.33 10.88
C TRP B 352 4.67 -4.63 11.15
N LYS B 353 4.16 -5.48 12.03
CA LYS B 353 4.76 -6.80 12.20
C LYS B 353 4.71 -7.60 10.91
N SER B 354 3.55 -7.61 10.24
CA SER B 354 3.43 -8.32 8.98
C SER B 354 4.36 -7.74 7.92
N VAL B 355 4.47 -6.42 7.86
CA VAL B 355 5.32 -5.77 6.87
C VAL B 355 6.78 -6.12 7.12
N VAL B 356 7.22 -6.07 8.38
CA VAL B 356 8.60 -6.40 8.70
C VAL B 356 8.89 -7.87 8.37
N GLU B 357 7.95 -8.76 8.69
CA GLU B 357 8.15 -10.18 8.38
C GLU B 357 8.25 -10.40 6.88
N GLU B 358 7.38 -9.74 6.09
CA GLU B 358 7.40 -9.93 4.65
C GLU B 358 8.66 -9.36 4.02
N VAL B 359 9.14 -8.21 4.52
CA VAL B 359 10.35 -7.62 3.97
C VAL B 359 11.57 -8.44 4.35
N GLU B 360 11.59 -8.99 5.56
CA GLU B 360 12.72 -9.82 5.97
C GLU B 360 12.73 -11.14 5.20
N ARG B 361 11.55 -11.69 4.90
CA ARG B 361 11.49 -12.93 4.12
C ARG B 361 11.95 -12.70 2.70
N ARG B 362 11.26 -11.84 1.96
CA ARG B 362 11.62 -11.52 0.58
C ARG B 362 11.84 -10.02 0.45
N PRO B 363 13.01 -9.58 -0.03
CA PRO B 363 13.27 -8.14 -0.14
C PRO B 363 12.44 -7.52 -1.26
N GLN B 364 12.09 -6.24 -1.07
CA GLN B 364 11.38 -5.51 -2.11
C GLN B 364 12.31 -5.00 -3.19
N SER B 365 13.59 -4.80 -2.87
CA SER B 365 14.59 -4.37 -3.83
C SER B 365 15.91 -5.07 -3.49
N ASP B 366 17.00 -4.59 -4.09
CA ASP B 366 18.31 -5.19 -3.86
C ASP B 366 18.81 -4.85 -2.46
N ALA B 367 19.64 -5.74 -1.92
CA ALA B 367 20.29 -5.56 -0.62
C ALA B 367 19.28 -5.38 0.51
N SER B 368 18.12 -6.04 0.40
CA SER B 368 17.08 -5.99 1.41
C SER B 368 16.65 -4.55 1.70
N ILE B 369 16.48 -3.77 0.64
CA ILE B 369 16.08 -2.37 0.76
C ILE B 369 14.58 -2.29 0.47
N LEU B 370 13.80 -2.13 1.53
CA LEU B 370 12.39 -1.81 1.35
C LEU B 370 12.25 -0.37 0.86
N LYS B 371 11.07 -0.06 0.31
CA LYS B 371 10.82 1.27 -0.21
C LYS B 371 10.97 2.31 0.89
N ARG B 372 11.56 3.45 0.54
CA ARG B 372 11.79 4.49 1.54
C ARG B 372 10.49 5.02 2.11
N ARG B 373 9.40 4.98 1.33
CA ARG B 373 8.10 5.38 1.83
C ARG B 373 7.67 4.52 3.01
N PHE B 374 8.10 3.26 3.04
CA PHE B 374 7.71 2.36 4.12
C PHE B 374 8.59 2.56 5.36
N LEU B 375 9.91 2.58 5.19
CA LEU B 375 10.80 2.66 6.34
C LEU B 375 10.78 4.05 6.96
N PHE B 376 10.63 5.09 6.14
CA PHE B 376 10.56 6.44 6.69
C PHE B 376 9.37 6.60 7.61
N SER B 377 8.25 5.95 7.29
CA SER B 377 7.08 5.99 8.18
C SER B 377 7.21 5.01 9.33
N GLY B 378 7.86 3.87 9.12
CA GLY B 378 8.07 2.93 10.20
C GLY B 378 8.96 3.47 11.29
N ASN B 379 9.92 4.32 10.94
CA ASN B 379 10.76 4.96 11.94
C ASN B 379 9.92 5.83 12.88
N ASN B 380 9.07 6.68 12.31
CA ASN B 380 8.18 7.50 13.13
C ASN B 380 7.23 6.64 13.93
N TYR B 381 6.70 5.58 13.33
CA TYR B 381 5.82 4.67 14.04
C TYR B 381 6.49 4.09 15.27
N ARG B 382 7.71 3.58 15.11
CA ARG B 382 8.45 3.03 16.24
C ARG B 382 8.67 4.09 17.30
N ARG B 383 9.26 5.23 16.91
CA ARG B 383 9.58 6.28 17.87
C ARG B 383 8.35 6.82 18.59
N MET B 384 7.16 6.64 18.02
CA MET B 384 5.94 7.15 18.64
C MET B 384 5.17 6.10 19.43
N ILE B 385 5.34 4.82 19.11
CA ILE B 385 4.49 3.79 19.72
C ILE B 385 5.26 2.99 20.77
N GLU B 386 6.57 2.85 20.61
CA GLU B 386 7.34 2.03 21.54
C GLU B 386 7.17 2.43 23.01
N PRO B 387 7.08 3.71 23.39
CA PRO B 387 6.80 4.02 24.79
C PRO B 387 5.47 3.47 25.29
N LEU B 388 4.45 3.44 24.42
CA LEU B 388 3.17 2.87 24.84
C LEU B 388 3.28 1.38 25.12
N ASP B 389 4.17 0.68 24.42
CA ASP B 389 4.42 -0.72 24.74
C ASP B 389 5.29 -0.87 25.98
N ILE B 390 6.22 0.06 26.19
CA ILE B 390 7.04 0.04 27.40
C ILE B 390 6.15 0.20 28.64
N ALA B 391 5.13 1.04 28.55
CA ALA B 391 4.21 1.22 29.66
C ALA B 391 3.53 -0.10 30.03
N GLU B 392 2.98 -0.79 29.03
CA GLU B 392 2.30 -2.06 29.29
C GLU B 392 3.28 -3.15 29.75
N TYR B 393 4.53 -3.08 29.29
CA TYR B 393 5.52 -4.08 29.69
C TYR B 393 5.93 -3.88 31.15
N TYR B 394 6.17 -2.63 31.55
CA TYR B 394 6.62 -2.37 32.91
C TYR B 394 5.48 -2.35 33.92
N LEU B 395 4.23 -2.20 33.47
CA LEU B 395 3.11 -2.22 34.41
C LEU B 395 2.84 -3.64 34.91
N GLU B 396 3.18 -4.65 34.12
CA GLU B 396 3.00 -6.03 34.58
C GLU B 396 4.02 -6.42 35.64
N GLY B 397 5.14 -5.70 35.74
CA GLY B 397 6.17 -6.00 36.70
C GLY B 397 7.45 -6.55 36.12
N ARG B 398 7.53 -6.72 34.80
CA ARG B 398 8.74 -7.22 34.17
C ARG B 398 9.79 -6.11 34.09
N LYS B 399 11.05 -6.53 33.98
CA LYS B 399 12.18 -5.60 33.95
C LYS B 399 13.10 -5.99 32.80
N GLU B 400 14.11 -5.15 32.58
CA GLU B 400 15.10 -5.33 31.51
C GLU B 400 14.42 -5.43 30.15
N TYR B 401 13.75 -4.33 29.78
CA TYR B 401 13.04 -4.30 28.51
C TYR B 401 13.98 -4.14 27.32
N ARG B 402 15.03 -3.33 27.47
CA ARG B 402 15.92 -3.03 26.36
C ARG B 402 16.71 -4.25 25.90
N THR B 403 16.83 -5.27 26.73
CA THR B 403 17.59 -6.48 26.40
C THR B 403 16.71 -7.71 26.25
N THR B 404 15.84 -7.98 27.22
CA THR B 404 15.04 -9.20 27.22
C THR B 404 13.64 -8.99 26.66
N GLY B 405 13.01 -7.86 26.97
CA GLY B 405 11.63 -7.64 26.60
C GLY B 405 11.36 -6.84 25.34
N ARG B 406 12.40 -6.46 24.61
CA ARG B 406 12.20 -5.71 23.37
C ARG B 406 11.80 -6.64 22.24
N SER B 407 10.87 -6.18 21.40
CA SER B 407 10.38 -6.98 20.29
C SER B 407 11.44 -7.06 19.19
N HIS B 408 11.14 -7.87 18.17
CA HIS B 408 12.10 -8.09 17.09
C HIS B 408 11.94 -7.06 15.98
N HIS B 409 10.71 -6.73 15.60
CA HIS B 409 10.49 -5.82 14.48
C HIS B 409 10.98 -4.41 14.80
N TYR B 410 10.95 -4.01 16.07
CA TYR B 410 11.51 -2.71 16.44
C TYR B 410 13.00 -2.66 16.16
N VAL B 411 13.73 -3.71 16.55
CA VAL B 411 15.17 -3.75 16.32
C VAL B 411 15.45 -3.85 14.83
N MET B 412 14.62 -4.59 14.09
CA MET B 412 14.82 -4.70 12.64
C MET B 412 14.65 -3.34 11.96
N LEU B 413 13.60 -2.60 12.34
CA LEU B 413 13.41 -1.26 11.78
C LEU B 413 14.53 -0.32 12.18
N GLU B 414 15.01 -0.43 13.42
CA GLU B 414 16.12 0.41 13.87
C GLU B 414 17.37 0.15 13.04
N LYS B 415 17.69 -1.13 12.79
CA LYS B 415 18.86 -1.46 11.99
C LYS B 415 18.68 -1.02 10.54
N TRP B 416 17.49 -1.21 9.98
CA TRP B 416 17.25 -0.83 8.59
C TRP B 416 17.31 0.69 8.42
N PHE B 417 16.94 1.45 9.44
CA PHE B 417 17.07 2.90 9.35
C PHE B 417 18.51 3.34 9.59
N GLY B 418 19.23 2.67 10.49
CA GLY B 418 20.61 3.02 10.75
C GLY B 418 21.53 2.70 9.59
N MET B 419 21.18 1.71 8.78
CA MET B 419 21.99 1.37 7.61
C MET B 419 22.05 2.55 6.63
N GLU B 420 20.90 3.12 6.30
CA GLU B 420 20.83 4.23 5.35
C GLU B 420 20.90 5.59 6.03
N SER B 421 20.98 5.63 7.36
CA SER B 421 21.06 6.92 8.07
C SER B 421 22.44 7.56 7.95
N ILE B 422 23.41 6.89 7.33
CA ILE B 422 24.73 7.49 7.17
C ILE B 422 24.81 8.29 5.86
N LEU B 423 24.17 7.78 4.80
CA LEU B 423 24.26 8.43 3.50
C LEU B 423 23.53 9.77 3.46
N ILE B 424 22.66 10.05 4.44
CA ILE B 424 21.91 11.30 4.42
C ILE B 424 22.81 12.46 4.80
N GLU B 425 22.42 13.66 4.35
CA GLU B 425 23.18 14.89 4.57
C GLU B 425 22.52 15.77 5.63
N LYS B 426 21.96 15.16 6.68
CA LYS B 426 21.21 15.91 7.67
C LYS B 426 22.11 16.85 8.46
N GLU B 427 21.56 17.99 8.86
CA GLU B 427 22.26 18.98 9.68
C GLU B 427 21.23 19.67 10.57
N ARG B 428 21.63 19.98 11.80
CA ARG B 428 20.72 20.53 12.80
C ARG B 428 21.16 21.92 13.23
N CYS B 429 20.19 22.72 13.63
CA CYS B 429 20.41 24.04 14.22
C CYS B 429 19.67 24.13 15.54
N LYS B 430 20.27 24.82 16.51
CA LYS B 430 19.73 24.85 17.86
C LYS B 430 18.52 25.75 18.00
N LYS B 431 18.29 26.66 17.04
CA LYS B 431 17.22 27.64 17.17
C LYS B 431 15.83 27.06 16.92
N ARG B 432 15.74 25.84 16.41
CA ARG B 432 14.43 25.27 16.10
C ARG B 432 13.68 24.87 17.37
N ASP B 433 12.36 24.95 17.30
CA ASP B 433 11.52 24.51 18.40
C ASP B 433 11.45 22.98 18.43
N LEU B 434 11.61 22.41 19.63
CA LEU B 434 11.63 20.97 19.82
C LEU B 434 10.38 20.44 20.51
N SER B 435 9.31 21.23 20.55
CA SER B 435 8.11 20.81 21.27
C SER B 435 7.50 19.55 20.68
N ASP B 436 7.45 19.48 19.34
CA ASP B 436 6.91 18.33 18.63
C ASP B 436 7.97 17.31 18.25
N LEU B 437 9.19 17.45 18.74
CA LEU B 437 10.24 16.50 18.43
C LEU B 437 10.01 15.18 19.14
N LEU B 438 10.26 14.08 18.44
CA LEU B 438 10.14 12.74 19.00
C LEU B 438 11.49 12.27 19.52
N THR B 439 11.47 11.51 20.60
CA THR B 439 12.70 11.01 21.20
C THR B 439 13.36 10.00 20.27
N PHE B 440 14.64 10.23 19.95
CA PHE B 440 15.34 9.35 19.03
C PHE B 440 15.57 7.97 19.63
N ASP B 441 15.75 7.89 20.95
CA ASP B 441 15.92 6.62 21.65
C ASP B 441 14.57 6.22 22.23
N SER B 442 13.89 5.29 21.57
CA SER B 442 12.56 4.88 22.02
C SER B 442 12.60 4.13 23.34
N CYS B 443 13.74 3.54 23.70
CA CYS B 443 13.87 2.81 24.96
C CYS B 443 14.20 3.72 26.14
N PHE B 444 14.14 5.04 25.95
CA PHE B 444 14.51 5.96 27.02
C PHE B 444 13.69 5.71 28.28
N TRP B 445 12.37 5.70 28.15
CA TRP B 445 11.52 5.39 29.30
C TRP B 445 11.86 4.03 29.89
N ALA B 446 12.24 3.07 29.06
CA ALA B 446 12.60 1.74 29.56
C ALA B 446 13.73 1.82 30.56
N GLU B 447 14.58 2.84 30.47
CA GLU B 447 15.62 3.03 31.48
C GLU B 447 15.07 3.71 32.71
N VAL B 448 14.22 4.74 32.52
CA VAL B 448 13.76 5.56 33.64
C VAL B 448 13.11 4.70 34.71
N GLU B 449 12.12 3.89 34.30
CA GLU B 449 11.47 2.98 35.24
C GLU B 449 12.48 2.14 35.99
N ASP B 450 13.48 1.60 35.27
CA ASP B 450 14.51 0.79 35.92
C ASP B 450 15.17 1.57 37.05
N SER B 451 15.53 2.83 36.80
CA SER B 451 16.16 3.63 37.85
C SER B 451 15.25 3.75 39.06
N LEU B 452 13.94 3.90 38.82
CA LEU B 452 12.99 3.93 39.93
C LEU B 452 13.06 2.63 40.74
N ILE B 453 13.12 1.50 40.04
CA ILE B 453 13.25 0.21 40.72
C ILE B 453 14.49 0.19 41.61
N VAL B 454 15.51 0.96 41.24
CA VAL B 454 16.69 1.08 42.09
C VAL B 454 16.40 2.00 43.26
N ILE B 455 15.78 3.15 43.00
CA ILE B 455 15.62 4.18 44.02
C ILE B 455 14.82 3.64 45.20
N ASN B 456 13.63 3.09 44.92
CA ASN B 456 12.83 2.49 45.98
C ASN B 456 13.59 1.36 46.67
N GLN B 457 14.41 0.62 45.93
CA GLN B 457 15.18 -0.46 46.53
C GLN B 457 16.14 0.07 47.58
N LEU B 458 16.54 1.34 47.46
CA LEU B 458 17.42 1.93 48.46
C LEU B 458 16.66 2.31 49.72
N ASN B 459 15.35 2.53 49.63
CA ASN B 459 14.59 3.05 50.76
C ASN B 459 13.81 1.98 51.50
N THR B 460 13.23 1.01 50.78
CA THR B 460 12.42 0.00 51.44
C THR B 460 13.28 -0.96 52.25
N THR B 461 14.25 -1.60 51.60
CA THR B 461 15.06 -2.62 52.26
C THR B 461 16.09 -1.95 53.16
N VAL B 462 15.96 -2.18 54.47
CA VAL B 462 16.92 -1.70 55.46
C VAL B 462 17.67 -2.91 56.02
N GLY B 463 18.98 -2.75 56.18
CA GLY B 463 19.84 -3.87 56.47
C GLY B 463 20.61 -4.37 55.26
N MET B 464 20.75 -3.55 54.23
CA MET B 464 21.41 -3.95 52.99
C MET B 464 22.91 -4.10 53.17
N ARG B 465 23.49 -5.01 52.40
CA ARG B 465 24.94 -5.03 52.26
C ARG B 465 25.39 -3.80 51.49
N ASP B 466 26.54 -3.24 51.88
CA ASP B 466 26.96 -1.95 51.33
C ASP B 466 27.42 -2.08 49.88
N ASP B 467 27.82 -3.28 49.45
CA ASP B 467 28.28 -3.46 48.08
C ASP B 467 27.13 -3.33 47.09
N VAL B 468 25.95 -3.85 47.43
CA VAL B 468 24.80 -3.65 46.56
C VAL B 468 24.40 -2.19 46.53
N ARG B 469 24.55 -1.49 47.66
CA ARG B 469 24.36 -0.05 47.67
C ARG B 469 25.32 0.64 46.71
N GLU B 470 26.58 0.20 46.68
CA GLU B 470 27.56 0.81 45.79
C GLU B 470 27.24 0.56 44.33
N VAL B 471 26.83 -0.67 43.99
CA VAL B 471 26.54 -0.94 42.58
C VAL B 471 25.26 -0.24 42.16
N LEU B 472 24.28 -0.09 43.07
CA LEU B 472 23.09 0.67 42.73
C LEU B 472 23.40 2.16 42.58
N THR B 473 24.32 2.69 43.39
CA THR B 473 24.75 4.07 43.22
C THR B 473 25.46 4.24 41.87
N ARG B 474 26.28 3.26 41.48
CA ARG B 474 26.91 3.31 40.16
C ARG B 474 25.87 3.27 39.05
N LYS B 475 24.82 2.47 39.22
CA LYS B 475 23.74 2.44 38.24
C LYS B 475 23.05 3.79 38.13
N LEU B 476 22.77 4.42 39.27
CA LEU B 476 22.15 5.74 39.26
C LEU B 476 23.08 6.77 38.60
N VAL B 477 24.38 6.66 38.84
CA VAL B 477 25.33 7.60 38.27
C VAL B 477 25.38 7.45 36.75
N GLU B 478 25.46 6.22 36.26
CA GLU B 478 25.49 6.02 34.82
C GLU B 478 24.16 6.40 34.18
N PHE B 479 23.04 6.22 34.89
CA PHE B 479 21.75 6.62 34.36
C PHE B 479 21.66 8.13 34.22
N GLU B 480 22.05 8.87 35.27
CA GLU B 480 22.01 10.33 35.15
C GLU B 480 23.02 10.84 34.14
N GLY B 481 24.15 10.14 33.97
CA GLY B 481 25.08 10.50 32.92
C GLY B 481 24.49 10.34 31.54
N TYR B 482 23.81 9.22 31.30
CA TYR B 482 23.12 9.01 30.03
C TYR B 482 22.03 10.05 29.82
N VAL B 483 21.32 10.41 30.89
CA VAL B 483 20.27 11.42 30.79
C VAL B 483 20.85 12.75 30.37
N TRP B 484 21.93 13.19 31.02
CA TRP B 484 22.56 14.44 30.64
C TRP B 484 23.15 14.36 29.24
N GLU B 485 23.63 13.19 28.83
CA GLU B 485 24.19 13.03 27.50
C GLU B 485 23.11 13.23 26.44
N ILE B 486 21.95 12.59 26.62
CA ILE B 486 20.88 12.75 25.64
C ILE B 486 20.19 14.10 25.75
N ILE B 487 20.33 14.79 26.90
CA ILE B 487 19.76 16.14 27.02
C ILE B 487 20.66 17.15 26.30
N THR B 488 21.98 17.00 26.44
CA THR B 488 22.90 17.95 25.81
C THR B 488 22.78 17.92 24.30
N LYS B 489 22.67 16.74 23.71
CA LYS B 489 22.54 16.60 22.27
C LYS B 489 21.17 16.97 21.75
N ARG B 490 20.23 17.31 22.63
CA ARG B 490 18.87 17.68 22.25
C ARG B 490 18.20 16.56 21.44
N GLU B 491 18.18 15.37 22.04
CA GLU B 491 17.62 14.19 21.40
C GLU B 491 16.48 13.58 22.19
N VAL B 492 15.89 14.34 23.12
CA VAL B 492 14.78 13.87 23.93
C VAL B 492 13.67 14.90 23.89
N SER B 493 12.43 14.42 24.02
CA SER B 493 11.27 15.31 23.96
C SER B 493 11.15 16.14 25.23
N PRO B 494 10.73 17.40 25.11
CA PRO B 494 10.55 18.25 26.29
C PRO B 494 9.31 17.93 27.12
N GLU B 495 8.58 16.86 26.80
CA GLU B 495 7.42 16.46 27.58
C GLU B 495 7.80 15.68 28.83
N ILE B 496 9.09 15.47 29.08
CA ILE B 496 9.52 14.78 30.29
C ILE B 496 9.61 15.72 31.49
N PHE B 497 9.68 17.03 31.27
CA PHE B 497 9.76 18.01 32.34
C PHE B 497 8.40 18.51 32.79
N LEU B 498 7.33 17.77 32.49
CA LEU B 498 6.00 18.16 32.92
C LEU B 498 5.84 17.95 34.42
N GLU B 499 4.84 18.62 34.99
CA GLU B 499 4.65 18.58 36.44
C GLU B 499 4.38 17.17 36.93
N GLU B 500 3.42 16.48 36.33
CA GLU B 500 3.05 15.13 36.73
C GLU B 500 3.74 14.06 35.90
N SER B 501 4.83 14.41 35.22
CA SER B 501 5.56 13.44 34.43
C SER B 501 6.37 12.52 35.35
N SER B 502 6.75 11.36 34.80
CA SER B 502 7.50 10.39 35.59
C SER B 502 8.93 10.85 35.85
N PHE B 503 9.49 11.66 34.95
CA PHE B 503 10.86 12.13 35.14
C PHE B 503 10.98 13.05 36.34
N MET B 504 9.98 13.92 36.55
CA MET B 504 10.02 14.79 37.72
C MET B 504 9.85 14.01 39.00
N LYS B 505 9.03 12.95 38.97
CA LYS B 505 8.91 12.08 40.13
C LYS B 505 10.24 11.38 40.43
N TRP B 506 10.91 10.90 39.39
CA TRP B 506 12.23 10.30 39.58
C TRP B 506 13.22 11.31 40.16
N TRP B 507 13.17 12.55 39.68
CA TRP B 507 14.08 13.57 40.20
C TRP B 507 13.79 13.88 41.66
N LYS B 508 12.52 13.95 42.03
CA LYS B 508 12.16 14.19 43.42
C LYS B 508 12.60 13.04 44.31
N GLU B 509 12.51 11.80 43.81
CA GLU B 509 12.95 10.66 44.60
C GLU B 509 14.48 10.58 44.67
N TYR B 510 15.17 11.11 43.67
CA TYR B 510 16.63 11.03 43.63
C TYR B 510 17.30 12.18 44.37
N LYS B 511 16.61 13.31 44.51
CA LYS B 511 17.21 14.46 45.18
C LYS B 511 17.48 14.16 46.65
N LYS B 512 16.60 13.41 47.30
CA LYS B 512 16.81 13.09 48.71
C LYS B 512 17.96 12.11 48.90
N ILE B 513 18.14 11.19 47.95
CA ILE B 513 19.20 10.19 48.07
C ILE B 513 20.55 10.80 47.71
N LYS B 514 20.58 11.74 46.76
CA LYS B 514 21.84 12.34 46.34
C LYS B 514 22.50 13.10 47.50
N GLY B 515 21.83 14.13 47.99
CA GLY B 515 22.31 14.86 49.15
C GLY B 515 23.58 15.67 48.91
N PHE B 516 24.69 15.22 49.51
CA PHE B 516 25.92 15.99 49.45
C PHE B 516 26.55 15.95 48.06
N ASN B 517 26.42 14.83 47.36
CA ASN B 517 26.98 14.71 46.02
C ASN B 517 26.26 15.67 45.07
N SER B 518 27.05 16.35 44.23
CA SER B 518 26.53 17.36 43.31
C SER B 518 27.12 17.17 41.92
N SER B 519 26.34 17.56 40.92
CA SER B 519 26.77 17.53 39.53
C SER B 519 26.11 18.70 38.81
N TYR B 520 26.56 18.94 37.57
CA TYR B 520 25.98 20.03 36.79
C TYR B 520 24.53 19.76 36.40
N LEU B 521 24.12 18.49 36.34
CA LEU B 521 22.71 18.18 36.10
C LEU B 521 21.85 18.65 37.27
N THR B 522 22.33 18.47 38.49
CA THR B 522 21.60 18.95 39.66
C THR B 522 21.47 20.47 39.64
N GLU B 523 22.53 21.17 39.20
CA GLU B 523 22.46 22.62 39.11
C GLU B 523 21.49 23.05 38.00
N PHE B 524 21.49 22.33 36.89
CA PHE B 524 20.57 22.64 35.79
C PHE B 524 19.12 22.42 36.22
N MET B 525 18.88 21.41 37.05
CA MET B 525 17.52 21.14 37.51
C MET B 525 17.07 22.11 38.60
N ASN B 526 17.99 22.48 39.51
CA ASN B 526 17.62 23.36 40.61
C ASN B 526 17.46 24.81 40.19
N THR B 527 18.23 25.25 39.19
CA THR B 527 18.16 26.64 38.72
C THR B 527 16.92 26.91 37.89
N ARG B 528 16.05 25.91 37.70
CA ARG B 528 14.83 26.05 36.91
C ARG B 528 15.14 26.44 35.47
N LYS B 529 16.17 25.81 34.91
CA LYS B 529 16.55 26.04 33.52
C LYS B 529 15.99 24.98 32.58
N TYR B 530 15.26 24.00 33.10
CA TYR B 530 14.64 22.99 32.24
C TYR B 530 13.45 23.54 31.47
N GLU B 531 12.91 24.68 31.89
CA GLU B 531 11.81 25.29 31.15
C GLU B 531 12.28 25.88 29.83
N SER B 532 13.51 26.39 29.77
CA SER B 532 14.04 26.95 28.53
C SER B 532 14.47 25.88 27.54
N TYR B 533 14.65 24.65 27.99
CA TYR B 533 15.07 23.58 27.09
C TYR B 533 13.95 23.24 26.10
N GLY B 534 14.33 23.04 24.85
CA GLY B 534 13.37 22.67 23.83
C GLY B 534 12.51 23.79 23.30
N LYS B 535 12.81 25.04 23.67
CA LYS B 535 12.05 26.20 23.21
C LYS B 535 12.97 27.19 22.52
N SER B 536 12.37 28.16 21.86
CA SER B 536 13.12 29.18 21.14
C SER B 536 13.73 30.20 22.10
N CYS C 400 -37.61 35.68 25.50
CA CYS C 400 -36.42 35.00 25.03
C CYS C 400 -36.55 33.49 25.20
N LEU C 401 -36.19 33.00 26.38
CA LEU C 401 -36.29 31.57 26.65
C LEU C 401 -37.74 31.13 26.75
N GLN C 402 -38.57 31.90 27.45
CA GLN C 402 -39.98 31.55 27.55
C GLN C 402 -40.71 31.62 26.22
N PRO C 403 -40.46 32.62 25.36
CA PRO C 403 -41.13 32.61 24.05
C PRO C 403 -40.66 31.46 23.17
N SER C 404 -39.38 31.12 23.22
CA SER C 404 -38.88 29.99 22.44
C SER C 404 -39.45 28.67 22.95
N PHE C 405 -39.67 28.56 24.25
CA PHE C 405 -40.28 27.35 24.81
C PHE C 405 -41.76 27.27 24.45
N ASP C 406 -42.46 28.41 24.46
CA ASP C 406 -43.87 28.41 24.11
C ASP C 406 -44.10 28.18 22.63
N ALA C 407 -43.15 28.61 21.78
CA ALA C 407 -43.31 28.42 20.35
C ALA C 407 -43.20 26.95 19.95
N LEU C 408 -42.50 26.15 20.75
CA LEU C 408 -42.36 24.73 20.45
C LEU C 408 -43.68 23.99 20.73
N ASP C 409 -43.69 22.71 20.37
CA ASP C 409 -44.87 21.88 20.60
C ASP C 409 -45.08 21.67 22.09
N PRO C 410 -46.33 21.44 22.51
CA PRO C 410 -46.58 21.19 23.94
C PRO C 410 -45.84 19.98 24.48
N ASN C 411 -45.89 18.85 23.77
CA ASN C 411 -45.13 17.68 24.19
C ASN C 411 -43.63 17.94 24.13
N LEU C 412 -43.18 18.65 23.10
CA LEU C 412 -41.76 19.00 23.00
C LEU C 412 -41.35 19.92 24.14
N LYS C 413 -42.20 20.89 24.49
CA LYS C 413 -41.89 21.78 25.61
C LYS C 413 -41.84 21.03 26.92
N GLU C 414 -42.77 20.09 27.13
CA GLU C 414 -42.75 19.30 28.36
C GLU C 414 -41.51 18.42 28.43
N CYS C 415 -41.11 17.83 27.31
CA CYS C 415 -39.90 17.02 27.29
C CYS C 415 -38.67 17.89 27.56
N PHE C 416 -38.63 19.09 26.99
CA PHE C 416 -37.50 19.99 27.25
C PHE C 416 -37.45 20.41 28.71
N LEU C 417 -38.62 20.62 29.33
CA LEU C 417 -38.65 20.98 30.74
C LEU C 417 -38.22 19.81 31.62
N ASP C 418 -38.60 18.59 31.24
CA ASP C 418 -38.19 17.42 32.00
C ASP C 418 -36.73 17.05 31.80
N MET C 419 -36.13 17.48 30.68
CA MET C 419 -34.73 17.21 30.41
C MET C 419 -33.78 17.89 31.39
N GLY C 420 -34.27 18.85 32.18
CA GLY C 420 -33.44 19.53 33.16
C GLY C 420 -33.10 18.72 34.41
N SER C 421 -33.55 17.47 34.49
CA SER C 421 -33.29 16.65 35.66
C SER C 421 -31.82 16.26 35.77
N PHE C 422 -31.09 16.28 34.65
CA PHE C 422 -29.69 15.88 34.66
C PHE C 422 -28.83 16.98 35.27
N LEU C 423 -27.60 16.60 35.64
CA LEU C 423 -26.67 17.52 36.27
C LEU C 423 -26.14 18.53 35.27
N GLU C 424 -25.82 19.72 35.76
CA GLU C 424 -25.41 20.83 34.90
C GLU C 424 -24.00 20.60 34.35
N ASP C 425 -23.82 20.94 33.08
CA ASP C 425 -22.54 20.80 32.39
C ASP C 425 -22.05 19.36 32.42
N GLN C 426 -22.94 18.44 32.03
CA GLN C 426 -22.64 17.02 31.98
C GLN C 426 -22.84 16.51 30.56
N LYS C 427 -22.20 15.37 30.27
CA LYS C 427 -22.26 14.74 28.97
C LYS C 427 -23.10 13.47 29.10
N ILE C 428 -24.29 13.48 28.49
CA ILE C 428 -25.26 12.40 28.62
C ILE C 428 -25.41 11.73 27.26
N ARG C 429 -25.59 10.41 27.27
CA ARG C 429 -25.92 9.70 26.05
C ARG C 429 -27.42 9.72 25.81
N ALA C 430 -27.81 9.65 24.53
CA ALA C 430 -29.22 9.81 24.16
C ALA C 430 -30.08 8.66 24.65
N SER C 431 -29.50 7.50 24.93
CA SER C 431 -30.30 6.34 25.34
C SER C 431 -31.01 6.60 26.66
N VAL C 432 -30.34 7.28 27.60
CA VAL C 432 -30.94 7.54 28.91
C VAL C 432 -32.19 8.40 28.75
N ILE C 433 -32.06 9.51 28.03
CA ILE C 433 -33.20 10.41 27.84
C ILE C 433 -34.30 9.73 27.03
N ILE C 434 -33.92 8.91 26.05
CA ILE C 434 -34.91 8.21 25.23
C ILE C 434 -35.72 7.25 26.10
N ASP C 435 -35.05 6.44 26.92
CA ASP C 435 -35.75 5.51 27.79
C ASP C 435 -36.60 6.25 28.82
N MET C 436 -36.09 7.35 29.37
CA MET C 436 -36.87 8.11 30.35
C MET C 436 -38.15 8.66 29.72
N TRP C 437 -38.05 9.21 28.51
CA TRP C 437 -39.24 9.77 27.85
C TRP C 437 -40.19 8.67 27.38
N VAL C 438 -39.66 7.49 27.04
CA VAL C 438 -40.53 6.39 26.62
C VAL C 438 -41.32 5.85 27.80
N GLU C 439 -40.66 5.69 28.95
CA GLU C 439 -41.34 5.08 30.10
C GLU C 439 -42.21 6.09 30.85
N LEU C 440 -41.79 7.36 30.89
CA LEU C 440 -42.57 8.35 31.62
C LEU C 440 -43.75 8.86 30.81
N TYR C 441 -43.48 9.36 29.60
CA TYR C 441 -44.54 9.93 28.79
C TYR C 441 -45.36 8.85 28.07
N GLY C 442 -44.70 7.80 27.59
CA GLY C 442 -45.38 6.73 26.89
C GLY C 442 -45.38 6.84 25.38
N LYS C 443 -44.74 7.86 24.82
CA LYS C 443 -44.71 8.03 23.37
C LYS C 443 -43.73 7.06 22.74
N GLY C 444 -43.79 6.98 21.40
CA GLY C 444 -42.91 6.10 20.68
C GLY C 444 -41.46 6.59 20.67
N SER C 445 -40.55 5.65 20.44
CA SER C 445 -39.13 5.99 20.46
C SER C 445 -38.73 6.78 19.21
N SER C 446 -39.31 6.45 18.06
CA SER C 446 -38.96 7.14 16.83
C SER C 446 -39.41 8.59 16.84
N ILE C 447 -40.63 8.84 17.33
CA ILE C 447 -41.11 10.23 17.40
C ILE C 447 -40.34 11.01 18.45
N LEU C 448 -39.84 10.35 19.50
CA LEU C 448 -39.01 11.06 20.47
C LEU C 448 -37.64 11.36 19.90
N TYR C 449 -37.10 10.47 19.08
CA TYR C 449 -35.86 10.77 18.36
C TYR C 449 -36.06 11.94 17.40
N MET C 450 -37.23 12.00 16.76
CA MET C 450 -37.55 13.14 15.90
C MET C 450 -37.68 14.43 16.71
N TYR C 451 -38.24 14.35 17.92
CA TYR C 451 -38.30 15.52 18.79
C TYR C 451 -36.91 15.97 19.20
N LEU C 452 -36.01 15.02 19.47
CA LEU C 452 -34.63 15.36 19.78
C LEU C 452 -33.97 16.08 18.61
N GLU C 453 -34.19 15.56 17.39
CA GLU C 453 -33.65 16.23 16.20
C GLU C 453 -34.23 17.63 16.03
N ASP C 454 -35.52 17.80 16.32
CA ASP C 454 -36.14 19.11 16.20
C ASP C 454 -35.56 20.09 17.21
N LEU C 455 -35.36 19.63 18.45
CA LEU C 455 -34.74 20.49 19.46
C LEU C 455 -33.30 20.81 19.11
N ALA C 456 -32.61 19.89 18.42
CA ALA C 456 -31.26 20.18 17.94
C ALA C 456 -31.28 21.17 16.79
N SER C 457 -32.35 21.17 15.99
CA SER C 457 -32.45 22.14 14.90
C SER C 457 -32.67 23.55 15.43
N GLN C 458 -33.41 23.69 16.53
CA GLN C 458 -33.66 24.98 17.15
C GLN C 458 -32.52 25.41 18.07
N ASN C 459 -31.43 24.63 18.09
CA ASN C 459 -30.26 24.87 18.94
C ASN C 459 -30.61 24.84 20.43
N LEU C 460 -31.68 24.14 20.80
CA LEU C 460 -32.00 23.97 22.20
C LEU C 460 -31.04 23.01 22.88
N LEU C 461 -30.79 21.87 22.24
CA LEU C 461 -29.83 20.89 22.72
C LEU C 461 -28.88 20.52 21.60
N LYS C 462 -27.67 20.09 21.97
CA LYS C 462 -26.64 19.73 21.01
C LYS C 462 -26.54 18.21 20.92
N LEU C 463 -26.75 17.69 19.72
CA LEU C 463 -26.67 16.27 19.44
C LEU C 463 -25.48 15.99 18.54
N VAL C 464 -24.56 15.15 18.99
CA VAL C 464 -23.37 14.80 18.24
C VAL C 464 -23.28 13.28 18.14
N PRO C 465 -23.16 12.72 16.93
CA PRO C 465 -22.98 11.28 16.81
C PRO C 465 -21.53 10.87 17.08
N LEU C 466 -21.36 9.69 17.67
CA LEU C 466 -20.04 9.14 17.93
C LEU C 466 -19.81 7.80 17.23
N GLY C 467 -20.71 7.41 16.33
CA GLY C 467 -20.58 6.15 15.63
C GLY C 467 -20.96 6.25 14.16
N THR C 468 -20.23 5.53 13.31
CA THR C 468 -20.48 5.59 11.87
C THR C 468 -21.80 4.92 11.50
N ASN C 469 -22.32 4.03 12.34
CA ASN C 469 -23.56 3.36 12.03
C ASN C 469 -24.73 4.33 12.02
N GLU C 470 -25.67 4.12 11.11
CA GLU C 470 -26.82 4.99 10.98
C GLU C 470 -27.80 4.75 12.13
N HIS C 471 -28.85 5.57 12.17
CA HIS C 471 -29.86 5.49 13.21
C HIS C 471 -30.71 4.24 12.98
N GLU C 472 -30.41 3.17 13.72
CA GLU C 472 -31.12 1.92 13.60
C GLU C 472 -32.38 1.95 14.47
N ASP C 473 -33.03 0.81 14.63
CA ASP C 473 -34.26 0.70 15.41
C ASP C 473 -33.91 0.19 16.80
N GLY C 474 -33.88 1.09 17.78
CA GLY C 474 -33.60 0.76 19.15
C GLY C 474 -32.16 0.94 19.57
N PHE C 475 -31.29 1.39 18.68
CA PHE C 475 -29.86 1.56 18.97
C PHE C 475 -29.53 3.04 18.87
N TYR C 476 -29.48 3.71 20.01
CA TYR C 476 -29.16 5.13 20.09
C TYR C 476 -28.18 5.39 21.23
N ASN C 477 -27.21 4.48 21.40
CA ASN C 477 -26.22 4.61 22.46
C ASN C 477 -24.98 5.36 22.02
N ASP C 478 -24.65 5.31 20.73
CA ASP C 478 -23.47 6.03 20.25
C ASP C 478 -23.69 7.54 20.27
N PHE C 479 -24.92 7.98 20.03
CA PHE C 479 -25.21 9.40 19.98
C PHE C 479 -25.09 10.04 21.36
N LEU C 480 -24.77 11.32 21.38
CA LEU C 480 -24.53 12.07 22.60
C LEU C 480 -25.30 13.37 22.58
N VAL C 481 -25.98 13.67 23.68
CA VAL C 481 -26.82 14.87 23.79
C VAL C 481 -26.34 15.68 24.98
N THR C 482 -25.81 16.88 24.72
CA THR C 482 -25.40 17.80 25.75
C THR C 482 -26.25 19.06 25.71
N GLN C 483 -26.45 19.69 26.86
CA GLN C 483 -27.18 20.93 26.98
C GLN C 483 -26.26 22.04 27.45
N HIS C 484 -26.56 23.26 27.02
CA HIS C 484 -25.79 24.41 27.44
C HIS C 484 -26.21 24.84 28.85
N ASP C 485 -25.29 25.54 29.53
CA ASP C 485 -25.57 25.97 30.89
C ASP C 485 -26.71 26.98 30.93
N ILE C 486 -26.74 27.92 29.98
CA ILE C 486 -27.78 28.93 29.96
C ILE C 486 -29.14 28.30 29.67
N LEU C 487 -29.19 27.36 28.74
CA LEU C 487 -30.46 26.70 28.42
C LEU C 487 -30.95 25.87 29.59
N ARG C 488 -30.04 25.17 30.27
CA ARG C 488 -30.43 24.37 31.43
C ARG C 488 -30.92 25.27 32.56
N GLU C 489 -30.25 26.40 32.78
CA GLU C 489 -30.71 27.33 33.81
C GLU C 489 -32.07 27.94 33.46
N LEU C 490 -32.31 28.23 32.19
CA LEU C 490 -33.60 28.76 31.78
C LEU C 490 -34.70 27.72 31.94
N ALA C 491 -34.39 26.45 31.64
CA ALA C 491 -35.38 25.39 31.81
C ALA C 491 -35.68 25.15 33.29
N ILE C 492 -34.65 25.23 34.15
CA ILE C 492 -34.87 25.02 35.57
C ILE C 492 -35.57 26.22 36.19
N CYS C 493 -35.43 27.40 35.59
CA CYS C 493 -36.06 28.60 36.14
C CYS C 493 -37.58 28.55 36.02
N GLN C 494 -38.10 27.78 35.05
CA GLN C 494 -39.52 27.67 34.86
C GLN C 494 -40.17 26.94 36.03
N SER C 495 -41.43 27.27 36.30
CA SER C 495 -42.21 26.68 37.40
C SER C 495 -41.52 26.86 38.75
N GLU C 496 -40.87 28.01 38.94
CA GLU C 496 -40.18 28.27 40.20
C GLU C 496 -41.16 28.62 41.32
N PHE C 497 -42.31 29.21 40.99
CA PHE C 497 -43.29 29.56 42.00
C PHE C 497 -43.95 28.34 42.62
N LYS C 498 -43.99 27.22 41.92
CA LYS C 498 -44.60 26.02 42.45
C LYS C 498 -43.77 25.44 43.60
N GLU C 499 -44.45 24.82 44.56
CA GLU C 499 -43.78 24.22 45.70
C GLU C 499 -43.02 22.97 45.28
N ASN C 500 -42.26 22.42 46.22
CA ASN C 500 -41.49 21.20 45.95
C ASN C 500 -42.42 20.02 45.72
N LEU C 501 -43.43 19.85 46.58
CA LEU C 501 -44.36 18.74 46.42
C LEU C 501 -45.38 18.99 45.32
N GLU C 502 -45.72 20.26 45.06
CA GLU C 502 -46.71 20.56 44.04
C GLU C 502 -46.15 20.38 42.64
N ARG C 503 -44.89 20.75 42.43
CA ARG C 503 -44.28 20.61 41.12
C ARG C 503 -44.01 19.14 40.80
N LYS C 504 -44.14 18.78 39.52
CA LYS C 504 -43.88 17.40 39.12
C LYS C 504 -42.39 17.11 39.06
N ARG C 505 -41.59 18.07 38.60
CA ARG C 505 -40.15 17.92 38.52
C ARG C 505 -39.50 18.65 39.70
N LEU C 506 -38.66 17.95 40.45
CA LEU C 506 -37.99 18.50 41.62
C LEU C 506 -36.51 18.18 41.56
N ASN C 507 -35.69 19.08 42.11
CA ASN C 507 -34.25 18.91 42.19
C ASN C 507 -33.83 19.04 43.64
N LEU C 508 -33.13 18.02 44.15
CA LEU C 508 -32.66 18.00 45.53
C LEU C 508 -31.14 17.96 45.56
N GLU C 509 -30.55 18.93 46.25
CA GLU C 509 -29.10 19.03 46.40
C GLU C 509 -28.73 18.66 47.84
N ILE C 510 -27.87 17.67 47.99
CA ILE C 510 -27.47 17.18 49.31
C ILE C 510 -26.08 17.71 49.63
N LEU C 511 -25.82 17.88 50.92
CA LEU C 511 -24.54 18.35 51.42
C LEU C 511 -23.70 17.17 51.90
N GLU C 512 -22.57 17.46 52.52
CA GLU C 512 -21.71 16.41 53.04
C GLU C 512 -22.41 15.61 54.14
N ASN C 513 -22.90 16.30 55.16
CA ASN C 513 -23.62 15.65 56.25
C ASN C 513 -25.03 16.17 56.46
N THR C 514 -25.34 17.38 55.99
CA THR C 514 -26.68 17.93 56.17
C THR C 514 -27.62 17.42 55.08
N PHE C 515 -28.91 17.54 55.35
CA PHE C 515 -29.96 17.13 54.44
C PHE C 515 -30.91 18.29 54.17
N PRO C 516 -31.61 18.27 53.03
CA PRO C 516 -32.53 19.36 52.72
C PRO C 516 -33.79 19.28 53.57
N ASP C 517 -34.45 20.43 53.70
CA ASP C 517 -35.68 20.50 54.48
C ASP C 517 -36.82 19.76 53.78
N TRP C 518 -36.82 19.74 52.45
CA TRP C 518 -37.86 19.03 51.71
C TRP C 518 -37.76 17.52 51.86
N CYS C 519 -36.58 16.99 52.21
CA CYS C 519 -36.43 15.55 52.38
C CYS C 519 -37.17 15.05 53.62
N LEU C 520 -37.40 15.92 54.60
CA LEU C 520 -38.10 15.50 55.81
C LEU C 520 -39.59 15.33 55.52
N ASN C 521 -40.22 16.34 54.93
CA ASN C 521 -41.64 16.28 54.62
C ASN C 521 -41.89 15.46 53.36
N THR C 522 -43.13 15.01 53.20
CA THR C 522 -43.50 14.23 52.02
C THR C 522 -43.66 15.13 50.81
N ILE C 523 -43.17 14.66 49.67
CA ILE C 523 -43.25 15.38 48.40
C ILE C 523 -44.08 14.56 47.42
N ASN C 524 -45.03 15.20 46.77
CA ASN C 524 -45.89 14.53 45.80
C ASN C 524 -45.35 14.64 44.37
N ALA C 525 -44.08 14.98 44.21
CA ALA C 525 -43.50 15.11 42.89
C ALA C 525 -43.29 13.74 42.24
N SER C 526 -43.49 13.69 40.92
CA SER C 526 -43.22 12.47 40.19
C SER C 526 -41.76 12.36 39.76
N LEU C 527 -41.07 13.50 39.66
CA LEU C 527 -39.67 13.54 39.23
C LEU C 527 -38.87 14.30 40.27
N LEU C 528 -37.98 13.59 40.97
CA LEU C 528 -37.07 14.20 41.93
C LEU C 528 -35.71 13.55 41.80
N SER C 529 -34.65 14.36 41.79
CA SER C 529 -33.29 13.88 41.62
C SER C 529 -32.47 14.30 42.84
N ILE C 530 -31.63 13.38 43.32
CA ILE C 530 -30.77 13.61 44.48
C ILE C 530 -29.33 13.55 44.03
N SER C 531 -28.57 14.60 44.34
CA SER C 531 -27.16 14.69 43.98
C SER C 531 -26.33 14.54 45.25
N THR C 532 -25.47 13.53 45.27
CA THR C 532 -24.64 13.23 46.42
C THR C 532 -23.17 13.48 46.09
N ASP C 533 -22.46 14.12 47.02
CA ASP C 533 -21.04 14.39 46.86
C ASP C 533 -20.22 13.21 47.36
N ASP C 534 -18.90 13.39 47.39
CA ASP C 534 -18.03 12.31 47.84
C ASP C 534 -18.10 12.13 49.36
N LEU C 535 -18.26 13.23 50.11
CA LEU C 535 -18.31 13.17 51.55
C LEU C 535 -19.66 12.71 52.07
N PHE C 536 -20.65 12.51 51.20
CA PHE C 536 -21.97 12.06 51.65
C PHE C 536 -21.90 10.64 52.18
N SER C 537 -22.50 10.42 53.35
CA SER C 537 -22.53 9.11 53.99
C SER C 537 -23.90 8.45 53.88
N SER C 538 -24.71 8.85 52.90
CA SER C 538 -26.05 8.30 52.69
C SER C 538 -26.93 8.47 53.92
N LYS C 539 -26.87 9.66 54.52
CA LYS C 539 -27.65 9.99 55.70
C LYS C 539 -28.64 11.09 55.33
N TRP C 540 -29.92 10.75 55.26
CA TRP C 540 -30.95 11.71 54.90
C TRP C 540 -32.22 11.39 55.68
N LEU C 541 -33.11 12.37 55.76
CA LEU C 541 -34.36 12.19 56.46
C LEU C 541 -35.30 11.27 55.68
N GLU C 542 -36.12 10.53 56.41
CA GLU C 542 -37.07 9.62 55.78
C GLU C 542 -38.23 10.38 55.18
N MET C 543 -38.67 9.95 54.00
CA MET C 543 -39.79 10.57 53.32
C MET C 543 -40.66 9.50 52.69
N ASP C 544 -41.98 9.64 52.87
CA ASP C 544 -42.95 8.74 52.26
C ASP C 544 -43.56 9.47 51.07
N CYS C 545 -43.03 9.22 49.88
CA CYS C 545 -43.44 9.90 48.65
C CYS C 545 -43.80 8.86 47.60
N PRO C 546 -44.99 8.28 47.69
CA PRO C 546 -45.33 7.18 46.77
C PRO C 546 -45.60 7.61 45.34
N ASN C 547 -45.75 8.91 45.07
CA ASN C 547 -46.03 9.38 43.73
C ASN C 547 -44.81 9.41 42.82
N VAL C 548 -43.62 9.10 43.33
CA VAL C 548 -42.41 9.18 42.54
C VAL C 548 -42.45 8.13 41.44
N GLU C 549 -42.32 8.57 40.19
CA GLU C 549 -42.27 7.68 39.04
C GLU C 549 -40.91 7.64 38.35
N ALA C 550 -40.04 8.62 38.63
CA ALA C 550 -38.70 8.65 38.06
C ALA C 550 -37.72 9.11 39.13
N LEU C 551 -36.63 8.37 39.31
CA LEU C 551 -35.61 8.68 40.29
C LEU C 551 -34.25 8.74 39.61
N VAL C 552 -33.55 9.85 39.81
CA VAL C 552 -32.24 10.08 39.23
C VAL C 552 -31.24 10.30 40.35
N LEU C 553 -30.13 9.56 40.31
CA LEU C 553 -29.08 9.67 41.31
C LEU C 553 -27.77 10.00 40.64
N ASN C 554 -27.04 10.97 41.20
CA ASN C 554 -25.73 11.39 40.72
C ASN C 554 -24.72 11.05 41.81
N LEU C 555 -24.08 9.89 41.68
CA LEU C 555 -23.18 9.41 42.72
C LEU C 555 -21.79 10.01 42.57
N SER C 556 -21.15 10.25 43.72
CA SER C 556 -19.77 10.72 43.75
C SER C 556 -18.92 10.06 44.81
N SER C 557 -19.44 9.08 45.54
CA SER C 557 -18.72 8.43 46.62
C SER C 557 -18.20 7.06 46.18
N SER C 558 -17.14 6.60 46.86
CA SER C 558 -16.61 5.28 46.59
C SER C 558 -17.49 4.19 47.19
N ASP C 559 -17.95 4.40 48.42
CA ASP C 559 -18.86 3.47 49.09
C ASP C 559 -20.16 4.21 49.39
N TYR C 560 -21.21 3.88 48.65
CA TYR C 560 -22.51 4.54 48.78
C TYR C 560 -23.57 3.52 49.17
N ALA C 561 -24.43 3.88 50.10
CA ALA C 561 -25.51 3.03 50.56
C ALA C 561 -26.82 3.51 49.96
N LEU C 562 -27.60 2.59 49.41
CA LEU C 562 -28.88 2.94 48.81
C LEU C 562 -29.85 3.42 49.90
N PRO C 563 -30.61 4.47 49.63
CA PRO C 563 -31.56 4.97 50.64
C PRO C 563 -32.63 3.94 50.97
N SER C 564 -33.17 4.07 52.20
CA SER C 564 -34.18 3.12 52.65
C SER C 564 -35.55 3.46 52.08
N PHE C 565 -35.87 4.74 51.93
CA PHE C 565 -37.20 5.14 51.49
C PHE C 565 -37.51 4.72 50.06
N ILE C 566 -36.54 4.11 49.35
CA ILE C 566 -36.85 3.50 48.07
C ILE C 566 -37.91 2.41 48.25
N SER C 567 -37.91 1.75 49.42
CA SER C 567 -38.94 0.76 49.72
C SER C 567 -40.31 1.39 49.88
N GLY C 568 -40.38 2.69 50.17
CA GLY C 568 -41.66 3.36 50.26
C GLY C 568 -42.28 3.67 48.92
N MET C 569 -41.45 3.72 47.87
CA MET C 569 -41.95 4.03 46.54
C MET C 569 -42.86 2.91 46.04
N LYS C 570 -43.91 3.27 45.30
CA LYS C 570 -44.87 2.30 44.81
C LYS C 570 -44.88 2.16 43.30
N LYS C 571 -44.97 3.27 42.57
CA LYS C 571 -45.11 3.23 41.12
C LYS C 571 -43.90 3.84 40.40
N LEU C 572 -42.70 3.61 40.93
CA LEU C 572 -41.49 4.03 40.24
C LEU C 572 -41.27 3.14 39.01
N LYS C 573 -40.96 3.76 37.88
CA LYS C 573 -40.87 3.07 36.61
C LYS C 573 -39.45 2.92 36.08
N VAL C 574 -38.60 3.92 36.31
CA VAL C 574 -37.20 3.87 35.87
C VAL C 574 -36.31 4.32 37.02
N LEU C 575 -35.13 3.72 37.11
CA LEU C 575 -34.13 4.06 38.10
C LEU C 575 -32.86 4.51 37.40
N THR C 576 -32.31 5.65 37.83
CA THR C 576 -31.12 6.22 37.22
C THR C 576 -30.05 6.38 38.28
N ILE C 577 -28.94 5.65 38.13
CA ILE C 577 -27.81 5.73 39.03
C ILE C 577 -26.57 5.99 38.19
N THR C 578 -26.03 7.20 38.29
CA THR C 578 -24.88 7.62 37.49
C THR C 578 -23.77 8.10 38.42
N ASN C 579 -22.69 7.33 38.51
CA ASN C 579 -21.54 7.71 39.34
C ASN C 579 -20.63 8.61 38.53
N HIS C 580 -20.58 9.89 38.89
CA HIS C 580 -19.76 10.88 38.21
C HIS C 580 -18.52 11.24 39.03
N GLY C 581 -17.96 10.25 39.72
CA GLY C 581 -16.80 10.45 40.57
C GLY C 581 -15.50 10.14 39.84
N PHE C 582 -14.55 9.60 40.58
CA PHE C 582 -13.23 9.27 40.06
C PHE C 582 -12.87 7.80 40.22
N TYR C 583 -13.67 7.03 40.94
CA TYR C 583 -13.41 5.63 41.21
C TYR C 583 -14.73 4.87 41.13
N PRO C 584 -14.68 3.57 40.82
CA PRO C 584 -15.93 2.78 40.75
C PRO C 584 -16.63 2.75 42.10
N ALA C 585 -17.86 3.24 42.11
CA ALA C 585 -18.65 3.30 43.34
C ALA C 585 -19.11 1.91 43.74
N ARG C 586 -19.13 1.66 45.05
CA ARG C 586 -19.60 0.41 45.61
C ARG C 586 -21.01 0.60 46.18
N LEU C 587 -21.93 -0.29 45.81
CA LEU C 587 -23.31 -0.21 46.24
C LEU C 587 -23.70 -1.47 46.99
N SER C 588 -24.73 -1.34 47.83
CA SER C 588 -25.27 -2.45 48.59
C SER C 588 -26.74 -2.17 48.91
N ASN C 589 -27.33 -3.04 49.73
CA ASN C 589 -28.73 -2.93 50.14
C ASN C 589 -29.66 -2.88 48.93
N PHE C 590 -29.64 -3.96 48.15
CA PHE C 590 -30.43 -4.04 46.93
C PHE C 590 -31.87 -4.46 47.20
N SER C 591 -32.13 -5.12 48.32
CA SER C 591 -33.47 -5.63 48.61
C SER C 591 -34.51 -4.53 48.66
N CYS C 592 -34.10 -3.28 48.89
CA CYS C 592 -35.03 -2.15 48.80
C CYS C 592 -35.72 -2.14 47.44
N LEU C 593 -34.93 -2.21 46.36
CA LEU C 593 -35.51 -2.27 45.03
C LEU C 593 -36.31 -3.54 44.81
N SER C 594 -36.10 -4.56 45.64
CA SER C 594 -36.90 -5.78 45.55
C SER C 594 -38.32 -5.55 46.05
N SER C 595 -38.52 -4.52 46.88
CA SER C 595 -39.85 -4.23 47.38
C SER C 595 -40.69 -3.48 46.36
N LEU C 596 -40.06 -2.64 45.54
CA LEU C 596 -40.77 -1.93 44.49
C LEU C 596 -41.16 -2.88 43.37
N PRO C 597 -42.45 -3.13 43.14
CA PRO C 597 -42.87 -4.10 42.12
C PRO C 597 -43.19 -3.52 40.74
N ASN C 598 -42.95 -2.23 40.51
CA ASN C 598 -43.32 -1.59 39.24
C ASN C 598 -42.13 -1.05 38.47
N LEU C 599 -40.90 -1.40 38.88
CA LEU C 599 -39.73 -0.93 38.16
C LEU C 599 -39.59 -1.68 36.84
N LYS C 600 -39.48 -0.95 35.74
CA LYS C 600 -39.43 -1.53 34.40
C LYS C 600 -38.07 -1.46 33.75
N ARG C 601 -37.36 -0.34 33.86
CA ARG C 601 -36.05 -0.17 33.24
C ARG C 601 -35.06 0.35 34.27
N ILE C 602 -33.96 -0.38 34.46
CA ILE C 602 -32.92 -0.03 35.41
C ILE C 602 -31.66 0.32 34.64
N ARG C 603 -31.01 1.41 35.02
CA ARG C 603 -29.74 1.83 34.43
C ARG C 603 -28.69 2.00 35.52
N LEU C 604 -27.49 1.52 35.24
CA LEU C 604 -26.39 1.58 36.20
C LEU C 604 -25.13 2.03 35.46
N GLU C 605 -24.53 3.13 35.92
CA GLU C 605 -23.35 3.70 35.29
C GLU C 605 -22.24 3.86 36.33
N LYS C 606 -21.10 3.24 36.07
CA LYS C 606 -19.90 3.39 36.89
C LYS C 606 -20.13 2.97 38.34
N VAL C 607 -20.92 1.93 38.55
CA VAL C 607 -21.14 1.36 39.88
C VAL C 607 -20.72 -0.11 39.84
N SER C 608 -19.86 -0.51 40.78
CA SER C 608 -19.35 -1.87 40.85
C SER C 608 -20.17 -2.68 41.85
N ILE C 609 -20.92 -3.66 41.34
CA ILE C 609 -21.69 -4.57 42.18
C ILE C 609 -21.53 -5.98 41.62
N THR C 610 -21.78 -6.96 42.48
CA THR C 610 -21.68 -8.35 42.06
C THR C 610 -22.85 -8.71 41.16
N LEU C 611 -22.60 -9.57 40.18
CA LEU C 611 -23.55 -9.79 39.09
C LEU C 611 -24.79 -10.54 39.57
N LEU C 612 -24.63 -11.55 40.42
CA LEU C 612 -25.75 -12.41 40.77
C LEU C 612 -26.68 -11.81 41.83
N ASP C 613 -26.38 -10.61 42.34
CA ASP C 613 -27.30 -9.96 43.27
C ASP C 613 -28.56 -9.48 42.58
N ILE C 614 -28.51 -9.26 41.27
CA ILE C 614 -29.67 -8.79 40.52
C ILE C 614 -30.71 -9.89 40.40
N PRO C 615 -30.36 -11.13 40.02
CA PRO C 615 -31.38 -12.20 40.03
C PRO C 615 -31.95 -12.50 41.40
N GLN C 616 -31.22 -12.20 42.48
CA GLN C 616 -31.76 -12.40 43.82
C GLN C 616 -32.90 -11.44 44.12
N LEU C 617 -33.03 -10.35 43.36
CA LEU C 617 -34.13 -9.42 43.57
C LEU C 617 -35.46 -10.03 43.14
N GLN C 618 -35.44 -10.82 42.06
CA GLN C 618 -36.62 -11.52 41.56
C GLN C 618 -37.75 -10.54 41.25
N LEU C 619 -37.49 -9.67 40.27
CA LEU C 619 -38.44 -8.66 39.84
C LEU C 619 -39.05 -9.07 38.50
N SER C 620 -40.38 -9.07 38.43
CA SER C 620 -41.07 -9.42 37.20
C SER C 620 -41.28 -8.20 36.30
N SER C 621 -41.48 -7.03 36.89
CA SER C 621 -41.77 -5.84 36.10
C SER C 621 -40.56 -5.34 35.31
N LEU C 622 -39.35 -5.80 35.64
CA LEU C 622 -38.17 -5.34 34.94
C LEU C 622 -38.21 -5.78 33.48
N LYS C 623 -37.94 -4.85 32.57
CA LYS C 623 -37.97 -5.12 31.14
C LYS C 623 -36.68 -4.78 30.42
N LYS C 624 -35.88 -3.84 30.93
CA LYS C 624 -34.62 -3.47 30.30
C LYS C 624 -33.57 -3.25 31.38
N LEU C 625 -32.37 -3.79 31.14
CA LEU C 625 -31.24 -3.65 32.06
C LEU C 625 -30.02 -3.17 31.27
N SER C 626 -29.40 -2.10 31.76
CA SER C 626 -28.23 -1.52 31.11
C SER C 626 -27.08 -1.42 32.11
N LEU C 627 -25.87 -1.70 31.62
CA LEU C 627 -24.67 -1.66 32.44
C LEU C 627 -23.57 -0.97 31.63
N VAL C 628 -23.20 0.24 32.03
CA VAL C 628 -22.21 1.04 31.31
C VAL C 628 -21.05 1.32 32.24
N MET C 629 -19.85 0.89 31.85
CA MET C 629 -18.62 1.14 32.59
C MET C 629 -18.73 0.66 34.03
N CYS C 630 -19.17 -0.58 34.19
CA CYS C 630 -19.32 -1.20 35.50
C CYS C 630 -18.31 -2.33 35.65
N SER C 631 -17.48 -2.25 36.68
CA SER C 631 -16.45 -3.25 36.94
C SER C 631 -17.08 -4.37 37.77
N PHE C 632 -17.33 -5.51 37.12
CA PHE C 632 -17.96 -6.64 37.77
C PHE C 632 -17.01 -7.33 38.74
N ASN C 646 -37.16 -18.10 37.18
CA ASN C 646 -38.41 -17.37 37.13
C ASN C 646 -38.28 -15.99 37.77
N ALA C 647 -37.03 -15.63 38.11
CA ALA C 647 -36.79 -14.33 38.73
C ALA C 647 -36.98 -13.20 37.74
N LEU C 648 -36.49 -13.37 36.51
CA LEU C 648 -36.60 -12.37 35.45
C LEU C 648 -37.48 -12.98 34.36
N SER C 649 -38.77 -12.64 34.40
CA SER C 649 -39.74 -13.18 33.46
C SER C 649 -39.99 -12.25 32.27
N LYS C 650 -39.97 -10.94 32.51
CA LYS C 650 -40.31 -9.96 31.47
C LYS C 650 -39.13 -9.13 31.00
N LEU C 651 -37.92 -9.41 31.50
CA LEU C 651 -36.74 -8.69 31.04
C LEU C 651 -36.46 -9.03 29.58
N GLN C 652 -36.45 -8.01 28.72
CA GLN C 652 -36.34 -8.20 27.28
C GLN C 652 -35.03 -7.71 26.68
N GLU C 653 -34.38 -6.73 27.28
CA GLU C 653 -33.17 -6.16 26.71
C GLU C 653 -32.10 -6.01 27.80
N ILE C 654 -30.89 -6.45 27.48
CA ILE C 654 -29.74 -6.31 28.36
C ILE C 654 -28.63 -5.65 27.58
N ASP C 655 -28.23 -4.45 28.00
CA ASP C 655 -27.19 -3.67 27.33
C ASP C 655 -25.97 -3.62 28.24
N ILE C 656 -24.90 -4.28 27.82
CA ILE C 656 -23.63 -4.30 28.55
C ILE C 656 -22.60 -3.61 27.67
N ASP C 657 -22.19 -2.40 28.06
CA ASP C 657 -21.35 -1.56 27.23
C ASP C 657 -20.17 -1.03 28.02
N TYR C 658 -18.98 -1.09 27.42
CA TYR C 658 -17.77 -0.48 27.96
C TYR C 658 -17.41 -1.06 29.32
N CYS C 659 -17.59 -2.36 29.49
CA CYS C 659 -17.16 -3.06 30.68
C CYS C 659 -15.77 -3.64 30.43
N TYR C 660 -14.78 -3.18 31.21
CA TYR C 660 -13.39 -3.52 30.94
C TYR C 660 -12.93 -4.79 31.65
N ASP C 661 -13.51 -5.14 32.79
CA ASP C 661 -13.11 -6.32 33.53
C ASP C 661 -13.96 -7.54 33.21
N LEU C 662 -14.71 -7.50 32.11
CA LEU C 662 -15.61 -8.58 31.74
C LEU C 662 -14.82 -9.66 31.01
N ASP C 663 -14.30 -10.62 31.78
CA ASP C 663 -13.61 -11.75 31.16
C ASP C 663 -14.60 -12.77 30.63
N GLU C 664 -15.63 -13.10 31.42
CA GLU C 664 -16.68 -14.02 31.01
C GLU C 664 -18.03 -13.48 31.46
N LEU C 665 -19.04 -13.65 30.63
CA LEU C 665 -20.38 -13.22 31.00
C LEU C 665 -20.97 -14.19 32.02
N PRO C 666 -21.72 -13.68 33.01
CA PRO C 666 -22.26 -14.55 34.05
C PRO C 666 -23.26 -15.55 33.49
N TYR C 667 -23.59 -16.55 34.32
CA TYR C 667 -24.48 -17.62 33.90
C TYR C 667 -25.95 -17.27 34.03
N TRP C 668 -26.30 -16.32 34.90
CA TRP C 668 -27.71 -15.98 35.11
C TRP C 668 -28.31 -15.25 33.91
N ILE C 669 -27.49 -14.61 33.08
CA ILE C 669 -28.01 -13.93 31.90
C ILE C 669 -28.52 -14.96 30.88
N SER C 670 -27.91 -16.14 30.84
CA SER C 670 -28.30 -17.13 29.85
C SER C 670 -29.62 -17.82 30.20
N GLU C 671 -29.94 -17.93 31.49
CA GLU C 671 -31.10 -18.72 31.90
C GLU C 671 -32.43 -18.08 31.53
N ILE C 672 -32.47 -16.76 31.35
CA ILE C 672 -33.73 -16.09 31.09
C ILE C 672 -34.18 -16.36 29.66
N VAL C 673 -35.50 -16.52 29.47
CA VAL C 673 -36.05 -16.84 28.17
C VAL C 673 -36.63 -15.63 27.44
N SER C 674 -36.73 -14.47 28.09
CA SER C 674 -37.43 -13.33 27.54
C SER C 674 -36.53 -12.30 26.87
N LEU C 675 -35.22 -12.53 26.86
CA LEU C 675 -34.31 -11.62 26.15
C LEU C 675 -34.55 -11.68 24.65
N LYS C 676 -34.53 -10.52 24.01
CA LYS C 676 -34.64 -10.42 22.56
C LYS C 676 -33.48 -9.66 21.91
N THR C 677 -32.77 -8.81 22.66
CA THR C 677 -31.62 -8.08 22.14
C THR C 677 -30.52 -8.14 23.19
N LEU C 678 -29.44 -8.84 22.89
CA LEU C 678 -28.30 -8.98 23.79
C LEU C 678 -27.11 -8.25 23.15
N SER C 679 -26.86 -7.03 23.61
CA SER C 679 -25.82 -6.18 23.03
C SER C 679 -24.57 -6.23 23.89
N ILE C 680 -23.45 -6.59 23.28
CA ILE C 680 -22.14 -6.62 23.94
C ILE C 680 -21.24 -5.67 23.15
N THR C 681 -21.09 -4.45 23.64
CA THR C 681 -20.39 -3.40 22.91
C THR C 681 -19.21 -2.90 23.73
N ASN C 682 -18.07 -2.70 23.05
CA ASN C 682 -16.86 -2.15 23.66
C ASN C 682 -16.42 -2.92 24.89
N CYS C 683 -16.50 -4.25 24.83
CA CYS C 683 -16.01 -5.14 25.87
C CYS C 683 -14.77 -5.85 25.31
N ASN C 684 -13.61 -5.23 25.51
CA ASN C 684 -12.37 -5.66 24.87
C ASN C 684 -11.61 -6.71 25.66
N LYS C 685 -12.19 -7.27 26.72
CA LYS C 685 -11.54 -8.32 27.49
C LYS C 685 -12.27 -9.66 27.38
N LEU C 686 -13.38 -9.71 26.64
CA LEU C 686 -14.14 -10.94 26.49
C LEU C 686 -13.77 -11.59 25.17
N SER C 687 -13.16 -12.77 25.23
CA SER C 687 -12.76 -13.51 24.05
C SER C 687 -13.56 -14.78 23.80
N GLN C 688 -14.43 -15.16 24.73
CA GLN C 688 -15.18 -16.40 24.61
C GLN C 688 -16.62 -16.16 25.04
N LEU C 689 -17.54 -16.88 24.40
CA LEU C 689 -18.95 -16.79 24.68
C LEU C 689 -19.51 -18.14 25.09
N PRO C 690 -20.38 -18.19 26.09
CA PRO C 690 -20.91 -19.48 26.54
C PRO C 690 -21.86 -20.09 25.52
N GLU C 691 -21.99 -21.42 25.61
CA GLU C 691 -22.87 -22.14 24.71
C GLU C 691 -24.34 -21.93 25.06
N ALA C 692 -24.63 -21.64 26.34
CA ALA C 692 -26.00 -21.48 26.78
C ALA C 692 -26.74 -20.36 26.06
N ILE C 693 -26.02 -19.45 25.40
CA ILE C 693 -26.67 -18.40 24.62
C ILE C 693 -27.51 -18.99 23.49
N GLY C 694 -27.18 -20.21 23.03
CA GLY C 694 -28.00 -20.86 22.04
C GLY C 694 -29.30 -21.41 22.56
N ASN C 695 -29.41 -21.56 23.89
CA ASN C 695 -30.67 -21.97 24.51
C ASN C 695 -31.71 -20.85 24.50
N LEU C 696 -31.34 -19.66 24.05
CA LEU C 696 -32.28 -18.54 24.05
C LEU C 696 -33.32 -18.75 22.97
N SER C 697 -34.56 -18.35 23.25
CA SER C 697 -35.67 -18.65 22.37
C SER C 697 -35.83 -17.61 21.27
N ARG C 698 -36.05 -16.35 21.64
CA ARG C 698 -36.48 -15.34 20.67
C ARG C 698 -35.52 -14.17 20.58
N LEU C 699 -34.22 -14.45 20.46
CA LEU C 699 -33.21 -13.39 20.32
C LEU C 699 -33.31 -12.81 18.91
N GLU C 700 -33.87 -11.61 18.80
CA GLU C 700 -34.00 -10.98 17.50
C GLU C 700 -32.66 -10.39 17.04
N VAL C 701 -31.99 -9.64 17.90
CA VAL C 701 -30.75 -8.96 17.57
C VAL C 701 -29.65 -9.43 18.52
N LEU C 702 -28.46 -9.66 17.97
CA LEU C 702 -27.28 -10.06 18.76
C LEU C 702 -26.12 -9.18 18.31
N ARG C 703 -25.87 -8.11 19.05
CA ARG C 703 -24.81 -7.17 18.72
C ARG C 703 -23.52 -7.55 19.43
N LEU C 704 -22.42 -7.50 18.67
CA LEU C 704 -21.08 -7.77 19.20
C LEU C 704 -20.10 -6.74 18.65
N CYS C 705 -20.50 -5.47 18.65
CA CYS C 705 -19.71 -4.42 18.03
C CYS C 705 -18.49 -4.05 18.85
N SER C 706 -17.38 -3.81 18.16
CA SER C 706 -16.17 -3.21 18.71
C SER C 706 -15.51 -4.03 19.82
N SER C 707 -16.00 -5.25 20.05
CA SER C 707 -15.37 -6.15 21.01
C SER C 707 -14.19 -6.82 20.31
N MET C 708 -13.10 -6.08 20.20
CA MET C 708 -11.98 -6.44 19.33
C MET C 708 -11.10 -7.54 19.89
N ASN C 709 -11.55 -8.25 20.93
CA ASN C 709 -10.84 -9.41 21.45
C ASN C 709 -11.65 -10.69 21.33
N LEU C 710 -12.85 -10.62 20.78
CA LEU C 710 -13.71 -11.79 20.59
C LEU C 710 -13.13 -12.66 19.48
N SER C 711 -12.59 -13.82 19.85
CA SER C 711 -11.88 -14.65 18.89
C SER C 711 -12.82 -15.26 17.85
N GLU C 712 -13.74 -16.12 18.29
CA GLU C 712 -14.65 -16.78 17.38
C GLU C 712 -15.98 -17.01 18.09
N LEU C 713 -17.04 -17.19 17.29
CA LEU C 713 -18.40 -17.26 17.81
C LEU C 713 -18.81 -18.69 18.11
N PRO C 714 -19.54 -18.91 19.21
CA PRO C 714 -19.87 -20.28 19.60
C PRO C 714 -20.76 -20.98 18.58
N GLU C 715 -20.73 -22.31 18.61
CA GLU C 715 -21.55 -23.09 17.68
C GLU C 715 -23.04 -22.89 17.95
N ALA C 716 -23.39 -22.52 19.19
CA ALA C 716 -24.78 -22.42 19.60
C ALA C 716 -25.56 -21.37 18.81
N THR C 717 -24.88 -20.51 18.05
CA THR C 717 -25.57 -19.58 17.17
C THR C 717 -26.40 -20.31 16.12
N GLU C 718 -26.10 -21.58 15.84
CA GLU C 718 -26.93 -22.37 14.95
C GLU C 718 -28.34 -22.54 15.51
N GLY C 719 -28.46 -22.61 16.84
CA GLY C 719 -29.76 -22.77 17.46
C GLY C 719 -30.61 -21.52 17.47
N LEU C 720 -30.05 -20.36 17.11
CA LEU C 720 -30.78 -19.10 17.11
C LEU C 720 -31.75 -19.11 15.93
N SER C 721 -33.03 -19.33 16.21
CA SER C 721 -34.01 -19.47 15.14
C SER C 721 -34.44 -18.13 14.57
N ASN C 722 -34.68 -17.13 15.43
CA ASN C 722 -35.21 -15.85 15.01
C ASN C 722 -34.18 -14.73 15.12
N LEU C 723 -32.92 -15.03 14.79
CA LEU C 723 -31.87 -14.02 14.78
C LEU C 723 -31.98 -13.23 13.49
N ARG C 724 -32.79 -12.16 13.52
CA ARG C 724 -33.05 -11.39 12.31
C ARG C 724 -31.88 -10.48 11.95
N PHE C 725 -31.37 -9.73 12.93
CA PHE C 725 -30.35 -8.71 12.69
C PHE C 725 -29.11 -9.05 13.51
N LEU C 726 -27.99 -9.30 12.81
CA LEU C 726 -26.72 -9.65 13.43
C LEU C 726 -25.75 -8.50 13.15
N ASP C 727 -25.63 -7.59 14.12
CA ASP C 727 -24.85 -6.37 13.94
C ASP C 727 -23.39 -6.62 14.32
N ILE C 728 -22.70 -7.35 13.44
CA ILE C 728 -21.25 -7.46 13.56
C ILE C 728 -20.62 -6.16 13.06
N SER C 729 -19.45 -5.84 13.61
CA SER C 729 -18.83 -4.54 13.39
C SER C 729 -17.32 -4.73 13.40
N HIS C 730 -16.58 -3.64 13.64
CA HIS C 730 -15.12 -3.68 13.52
C HIS C 730 -14.53 -4.52 14.64
N CYS C 731 -14.80 -5.82 14.60
CA CYS C 731 -14.28 -6.79 15.55
C CYS C 731 -13.03 -7.42 14.93
N LEU C 732 -11.86 -6.87 15.29
CA LEU C 732 -10.62 -7.34 14.70
C LEU C 732 -10.29 -8.76 15.15
N GLY C 733 -10.70 -9.14 16.35
CA GLY C 733 -10.39 -10.47 16.87
C GLY C 733 -11.16 -11.59 16.21
N LEU C 734 -12.28 -11.28 15.56
CA LEU C 734 -13.09 -12.30 14.91
C LEU C 734 -12.32 -12.94 13.77
N ARG C 735 -12.13 -14.25 13.82
CA ARG C 735 -11.37 -14.97 12.82
C ARG C 735 -12.07 -16.21 12.27
N LYS C 736 -13.23 -16.59 12.81
CA LYS C 736 -13.93 -17.77 12.35
C LYS C 736 -15.43 -17.59 12.55
N LEU C 737 -16.21 -18.04 11.57
CA LEU C 737 -17.65 -18.04 11.63
C LEU C 737 -18.18 -19.47 11.79
N PRO C 738 -19.37 -19.64 12.37
CA PRO C 738 -19.91 -20.99 12.55
C PRO C 738 -20.03 -21.73 11.22
N GLN C 739 -20.05 -23.07 11.31
CA GLN C 739 -20.09 -23.88 10.09
C GLN C 739 -21.45 -23.88 9.42
N GLU C 740 -22.52 -23.51 10.14
CA GLU C 740 -23.88 -23.58 9.60
C GLU C 740 -24.65 -22.33 10.02
N ILE C 741 -24.67 -21.34 9.13
CA ILE C 741 -25.56 -20.20 9.29
C ILE C 741 -26.83 -20.35 8.46
N GLY C 742 -26.79 -21.13 7.38
CA GLY C 742 -27.93 -21.30 6.51
C GLY C 742 -29.19 -21.78 7.20
N LYS C 743 -29.05 -22.39 8.38
CA LYS C 743 -30.22 -22.77 9.16
C LYS C 743 -30.96 -21.57 9.73
N LEU C 744 -30.38 -20.38 9.66
CA LEU C 744 -31.01 -19.14 10.14
C LEU C 744 -31.68 -18.48 8.94
N GLN C 745 -32.95 -18.83 8.71
CA GLN C 745 -33.66 -18.34 7.53
C GLN C 745 -34.07 -16.89 7.68
N ASN C 746 -34.48 -16.49 8.89
CA ASN C 746 -34.96 -15.13 9.12
C ASN C 746 -33.85 -14.09 9.09
N LEU C 747 -32.60 -14.48 8.88
CA LEU C 747 -31.50 -13.53 8.84
C LEU C 747 -31.63 -12.62 7.63
N LYS C 748 -31.49 -11.32 7.85
CA LYS C 748 -31.70 -10.32 6.80
C LYS C 748 -30.48 -9.44 6.54
N LYS C 749 -29.81 -8.97 7.58
CA LYS C 749 -28.71 -8.02 7.44
C LYS C 749 -27.48 -8.52 8.19
N ILE C 750 -26.33 -8.44 7.53
CA ILE C 750 -25.04 -8.78 8.12
C ILE C 750 -24.04 -7.71 7.73
N SER C 751 -23.36 -7.14 8.73
CA SER C 751 -22.33 -6.14 8.52
C SER C 751 -20.98 -6.72 8.91
N MET C 752 -20.02 -6.68 8.00
CA MET C 752 -18.69 -7.23 8.22
C MET C 752 -17.62 -6.16 7.97
N ARG C 753 -17.83 -4.98 8.56
CA ARG C 753 -16.90 -3.88 8.38
C ARG C 753 -15.62 -4.15 9.16
N LYS C 754 -14.47 -3.96 8.51
CA LYS C 754 -13.16 -3.99 9.14
C LYS C 754 -12.79 -5.36 9.72
N CYS C 755 -13.64 -6.36 9.52
CA CYS C 755 -13.37 -7.71 10.01
C CYS C 755 -13.35 -8.66 8.81
N SER C 756 -12.17 -8.80 8.20
CA SER C 756 -11.97 -9.70 7.07
C SER C 756 -11.12 -10.91 7.41
N GLY C 757 -10.53 -10.97 8.61
CA GLY C 757 -9.72 -12.11 8.98
C GLY C 757 -10.50 -13.40 9.01
N CYS C 758 -11.80 -13.34 9.30
CA CYS C 758 -12.64 -14.51 9.22
C CYS C 758 -12.96 -14.83 7.76
N GLU C 759 -12.95 -16.12 7.43
CA GLU C 759 -13.21 -16.59 6.07
C GLU C 759 -14.68 -16.97 5.96
N LEU C 760 -15.31 -16.53 4.87
CA LEU C 760 -16.72 -16.83 4.61
C LEU C 760 -16.90 -18.34 4.45
N PRO C 761 -17.68 -18.98 5.33
CA PRO C 761 -17.87 -20.44 5.22
C PRO C 761 -18.71 -20.81 4.00
N GLU C 762 -18.88 -22.12 3.78
CA GLU C 762 -19.68 -22.57 2.64
C GLU C 762 -21.16 -22.27 2.82
N SER C 763 -21.61 -22.14 4.07
CA SER C 763 -23.03 -21.95 4.33
C SER C 763 -23.55 -20.64 3.72
N VAL C 764 -22.66 -19.68 3.46
CA VAL C 764 -23.09 -18.43 2.84
C VAL C 764 -23.68 -18.68 1.45
N THR C 765 -23.28 -19.78 0.80
CA THR C 765 -23.85 -20.10 -0.50
C THR C 765 -25.29 -20.56 -0.39
N ASN C 766 -25.70 -21.04 0.79
CA ASN C 766 -27.05 -21.57 0.97
C ASN C 766 -28.07 -20.47 1.24
N LEU C 767 -27.77 -19.59 2.18
CA LEU C 767 -28.74 -18.57 2.58
C LEU C 767 -28.89 -17.50 1.51
N GLU C 768 -30.13 -17.05 1.31
CA GLU C 768 -30.45 -16.08 0.29
C GLU C 768 -31.23 -14.92 0.90
N ASN C 769 -31.41 -13.87 0.10
CA ASN C 769 -32.10 -12.64 0.53
C ASN C 769 -31.37 -11.99 1.70
N LEU C 770 -30.14 -11.55 1.43
CA LEU C 770 -29.28 -10.89 2.41
C LEU C 770 -28.95 -9.49 1.94
N GLU C 771 -29.10 -8.52 2.84
CA GLU C 771 -28.66 -7.14 2.59
C GLU C 771 -27.37 -6.95 3.37
N VAL C 772 -26.24 -7.11 2.69
CA VAL C 772 -24.92 -7.06 3.32
C VAL C 772 -24.37 -5.64 3.20
N LYS C 773 -23.85 -5.12 4.31
CA LYS C 773 -23.26 -3.78 4.34
C LYS C 773 -21.83 -3.92 4.84
N CYS C 774 -20.86 -3.71 3.94
CA CYS C 774 -19.46 -3.92 4.26
C CYS C 774 -18.64 -2.78 3.64
N ASP C 775 -17.32 -2.92 3.74
CA ASP C 775 -16.39 -1.95 3.18
C ASP C 775 -16.00 -2.36 1.78
N GLU C 776 -14.96 -1.73 1.23
CA GLU C 776 -14.52 -2.03 -0.13
C GLU C 776 -13.95 -3.44 -0.23
N GLU C 777 -12.99 -3.78 0.64
CA GLU C 777 -12.35 -5.09 0.55
C GLU C 777 -13.30 -6.21 0.93
N THR C 778 -14.11 -6.01 1.97
CA THR C 778 -15.09 -7.03 2.33
C THR C 778 -16.18 -7.17 1.28
N GLY C 779 -16.57 -6.06 0.64
CA GLY C 779 -17.52 -6.14 -0.46
C GLY C 779 -16.96 -6.90 -1.64
N LEU C 780 -15.68 -6.66 -1.97
CA LEU C 780 -15.05 -7.40 -3.05
C LEU C 780 -14.90 -8.88 -2.70
N LEU C 781 -14.66 -9.19 -1.42
CA LEU C 781 -14.59 -10.59 -1.01
C LEU C 781 -15.94 -11.26 -1.11
N TRP C 782 -17.01 -10.57 -0.73
CA TRP C 782 -18.36 -11.13 -0.83
C TRP C 782 -18.84 -11.21 -2.26
N GLU C 783 -18.29 -10.38 -3.16
CA GLU C 783 -18.69 -10.42 -4.57
C GLU C 783 -18.23 -11.70 -5.27
N ARG C 784 -17.32 -12.46 -4.65
CA ARG C 784 -16.89 -13.73 -5.23
C ARG C 784 -18.06 -14.71 -5.28
N LEU C 785 -18.92 -14.69 -4.27
CA LEU C 785 -20.12 -15.52 -4.23
C LEU C 785 -21.36 -14.77 -4.69
N LYS C 786 -21.19 -13.65 -5.41
CA LYS C 786 -22.35 -12.90 -5.87
C LYS C 786 -23.17 -13.66 -6.90
N PRO C 787 -22.59 -14.29 -7.93
CA PRO C 787 -23.42 -15.08 -8.84
C PRO C 787 -24.06 -16.29 -8.18
N LYS C 788 -23.43 -16.84 -7.14
CA LYS C 788 -24.01 -17.99 -6.44
C LYS C 788 -25.22 -17.59 -5.62
N MET C 789 -25.07 -16.59 -4.76
CA MET C 789 -26.17 -16.15 -3.92
C MET C 789 -27.21 -15.40 -4.74
N ARG C 790 -28.45 -15.39 -4.24
CA ARG C 790 -29.56 -14.72 -4.91
C ARG C 790 -29.75 -13.33 -4.31
N ASN C 791 -29.88 -12.33 -5.19
CA ASN C 791 -30.20 -10.93 -4.90
C ASN C 791 -29.58 -10.43 -3.60
N LEU C 792 -28.30 -10.71 -3.40
CA LEU C 792 -27.58 -10.22 -2.22
C LEU C 792 -27.30 -8.73 -2.41
N ARG C 793 -28.01 -7.90 -1.65
CA ARG C 793 -27.91 -6.45 -1.77
C ARG C 793 -26.68 -5.96 -1.01
N VAL C 794 -25.52 -6.25 -1.59
CA VAL C 794 -24.24 -5.81 -1.02
C VAL C 794 -24.14 -4.30 -1.17
N GLN C 795 -24.02 -3.60 -0.05
CA GLN C 795 -23.93 -2.14 -0.03
C GLN C 795 -22.61 -1.73 0.59
N GLU C 796 -21.89 -0.85 -0.11
CA GLU C 796 -20.61 -0.32 0.36
C GLU C 796 -20.82 1.13 0.76
N GLU C 797 -20.59 1.42 2.04
CA GLU C 797 -20.80 2.76 2.60
C GLU C 797 -19.47 3.46 2.74
N GLU C 798 -19.52 4.70 3.23
CA GLU C 798 -18.34 5.52 3.43
C GLU C 798 -18.07 5.68 4.92
N ILE C 799 -16.79 5.81 5.25
CA ILE C 799 -16.34 6.06 6.61
C ILE C 799 -15.95 7.52 6.73
N GLU C 800 -16.53 8.21 7.71
CA GLU C 800 -16.23 9.62 7.96
C GLU C 800 -15.36 9.71 9.20
N HIS C 801 -14.08 9.98 9.00
CA HIS C 801 -13.14 10.09 10.12
C HIS C 801 -13.39 11.40 10.84
N ASN C 802 -14.15 11.34 11.92
CA ASN C 802 -14.50 12.51 12.72
C ASN C 802 -13.67 12.55 14.00
N LEU C 803 -13.64 13.72 14.62
CA LEU C 803 -12.91 13.95 15.86
C LEU C 803 -13.86 14.34 16.98
N ASN C 804 -15.01 13.67 17.05
CA ASN C 804 -16.01 13.93 18.08
C ASN C 804 -15.79 13.07 19.32
N LEU C 805 -14.88 12.11 19.29
CA LEU C 805 -14.56 11.32 20.46
C LEU C 805 -13.62 12.02 21.43
N LEU C 806 -13.20 13.24 21.13
CA LEU C 806 -12.34 14.01 22.01
C LEU C 806 -13.14 14.81 23.04
N GLN C 807 -14.46 14.66 23.05
CA GLN C 807 -15.30 15.23 24.10
C GLN C 807 -15.35 14.33 25.33
N MET C 808 -15.60 13.04 25.12
CA MET C 808 -15.41 12.03 26.16
C MET C 808 -13.93 11.61 26.17
N PHE C 809 -13.10 12.53 26.64
CA PHE C 809 -11.65 12.33 26.64
C PHE C 809 -11.19 11.63 27.92
#